data_2UV5
# 
_entry.id   2UV5 
# 
_audit_conform.dict_name       mmcif_pdbx.dic 
_audit_conform.dict_version    5.391 
_audit_conform.dict_location   http://mmcif.pdb.org/dictionaries/ascii/mmcif_pdbx.dic 
# 
loop_
_database_2.database_id 
_database_2.database_code 
_database_2.pdbx_database_accession 
_database_2.pdbx_DOI 
PDB   2UV5         pdb_00002uv5 10.2210/pdb2uv5/pdb 
PDBE  EBI-31839    ?            ?                   
WWPDB D_1290031839 ?            ?                   
# 
loop_
_pdbx_audit_revision_history.ordinal 
_pdbx_audit_revision_history.data_content_type 
_pdbx_audit_revision_history.major_revision 
_pdbx_audit_revision_history.minor_revision 
_pdbx_audit_revision_history.revision_date 
1 'Structure model' 1 0 2007-05-08 
2 'Structure model' 1 1 2011-05-08 
3 'Structure model' 1 2 2011-07-13 
4 'Structure model' 1 3 2024-05-08 
# 
_pdbx_audit_revision_details.ordinal             1 
_pdbx_audit_revision_details.revision_ordinal    1 
_pdbx_audit_revision_details.data_content_type   'Structure model' 
_pdbx_audit_revision_details.provider            repository 
_pdbx_audit_revision_details.type                'Initial release' 
_pdbx_audit_revision_details.description         ? 
_pdbx_audit_revision_details.details             ? 
# 
loop_
_pdbx_audit_revision_group.ordinal 
_pdbx_audit_revision_group.revision_ordinal 
_pdbx_audit_revision_group.data_content_type 
_pdbx_audit_revision_group.group 
1 2 'Structure model' 'Version format compliance' 
2 3 'Structure model' 'Version format compliance' 
3 4 'Structure model' 'Data collection'           
4 4 'Structure model' 'Database references'       
5 4 'Structure model' Other                       
# 
loop_
_pdbx_audit_revision_category.ordinal 
_pdbx_audit_revision_category.revision_ordinal 
_pdbx_audit_revision_category.data_content_type 
_pdbx_audit_revision_category.category 
1 4 'Structure model' chem_comp_atom       
2 4 'Structure model' chem_comp_bond       
3 4 'Structure model' database_2           
4 4 'Structure model' pdbx_database_status 
# 
loop_
_pdbx_audit_revision_item.ordinal 
_pdbx_audit_revision_item.revision_ordinal 
_pdbx_audit_revision_item.data_content_type 
_pdbx_audit_revision_item.item 
1 4 'Structure model' '_database_2.pdbx_DOI'                 
2 4 'Structure model' '_database_2.pdbx_database_accession'  
3 4 'Structure model' '_pdbx_database_status.status_code_sf' 
# 
_pdbx_database_status.status_code                     REL 
_pdbx_database_status.entry_id                        2UV5 
_pdbx_database_status.deposit_site                    PDBE 
_pdbx_database_status.process_site                    PDBE 
_pdbx_database_status.SG_entry                        . 
_pdbx_database_status.recvd_initial_deposition_date   2007-03-09 
_pdbx_database_status.pdb_format_compatible           Y 
_pdbx_database_status.status_code_sf                  REL 
_pdbx_database_status.status_code_mr                  ? 
_pdbx_database_status.status_code_cs                  ? 
_pdbx_database_status.methods_development_category    ? 
_pdbx_database_status.status_code_nmr_data            ? 
# 
loop_
_pdbx_database_related.db_name 
_pdbx_database_related.db_id 
_pdbx_database_related.content_type 
_pdbx_database_related.details 
PDB 2UV4 unspecified 'CRYSTAL STRUCTURE OF A CBS DOMAIN PAIR FROM THE REGULATORY GAMMA1 SUBUNIT OF HUMAN AMPK IN COMPLEX WITH AMP' 
PDB 2UV6 unspecified 'CRYSTAL STRUCTURE OF A CBS DOMAIN PAIR FROM THE REGULATORY GAMMA1 SUBUNIT OF HUMAN AMPK IN COMPLEX WITH AMP' 
PDB 2UV7 unspecified 'CRYSTAL STRUCTURE OF A CBS DOMAIN PAIR FROM THE REGULATORY GAMMA1 SUBUNIT OF HUMAN AMPK IN COMPLEX WITH AMP' 
# 
loop_
_audit_author.name 
_audit_author.pdbx_ordinal 
'Day, P.'      1  
'Sharff, A.'   2  
'Parra, L.'    3  
'Cleasby, A.'  4  
'Williams, M.' 5  
'Horer, S.'    6  
'Nar, H.'      7  
'Redemann, N.' 8  
'Tickle, I.'   9  
'Yon, J.'      10 
# 
_citation.id                        primary 
_citation.title                     
'Structure of a Cbs-Domain Pair from the Regulatory Gamma1 Subunit of Human Ampk in Complex with AMP and Zmp.' 
_citation.journal_abbrev            'Acta Crystallogr.,Sect.D' 
_citation.journal_volume            63 
_citation.page_first                587 
_citation.page_last                 ? 
_citation.year                      2007 
_citation.journal_id_ASTM           ABCRE6 
_citation.country                   DK 
_citation.journal_id_ISSN           0907-4449 
_citation.journal_id_CSD            0766 
_citation.book_publisher            ? 
_citation.pdbx_database_id_PubMed   17452784 
_citation.pdbx_database_id_DOI      10.1107/S0907444907009110 
# 
loop_
_citation_author.citation_id 
_citation_author.name 
_citation_author.ordinal 
_citation_author.identifier_ORCID 
primary 'Day, P.'      1  ? 
primary 'Sharff, A.'   2  ? 
primary 'Parra, L.'    3  ? 
primary 'Cleasby, A.'  4  ? 
primary 'Williams, M.' 5  ? 
primary 'Horer, S.'    6  ? 
primary 'Nar, H.'      7  ? 
primary 'Redemann, N.' 8  ? 
primary 'Tickle, I.'   9  ? 
primary 'Yon, J.'      10 ? 
# 
loop_
_entity.id 
_entity.type 
_entity.src_method 
_entity.pdbx_description 
_entity.formula_weight 
_entity.pdbx_number_of_molecules 
_entity.pdbx_ec 
_entity.pdbx_mutation 
_entity.pdbx_fragment 
_entity.details 
1 polymer     man 
;5'-AMP-ACTIVATED PROTEIN KINASE SUBUNIT GAMMA-1
;
17278.875 1   ? ? 'CBS 3 AND 4 FRAGMENT, RESIDUES 182-325' ? 
2 non-polymer syn 'AMINOIMIDAZOLE 4-CARBOXAMIDE RIBONUCLEOTIDE'     338.211   1   ? ? ?                                        ? 
3 water       nat water                                             18.015    258 ? ? ?                                        ? 
# 
_entity_name_com.entity_id   1 
_entity_name_com.name        'AMPK GAMMA-1 CHAIN, AMPKG, AMPK GAMMA1 CHAIN CBS DOMAINS 3 AND 4' 
# 
_entity_poly.entity_id                      1 
_entity_poly.type                           'polypeptide(L)' 
_entity_poly.nstd_linkage                   no 
_entity_poly.nstd_monomer                   no 
_entity_poly.pdbx_seq_one_letter_code       
;MAHHHHHHEFPKPEFMSKSLEELQIGTYANIAMVRTTTPVYVALGIFVQHRVSALPVVDEKGRVVDIYSKFDVINLAAEK
TYNNLDVSVTKALQHRSHYFEGVLKCYLHETLETIINRLVEAEVHRLVVVDENDVVKGIVSLSDILQALVLT
;
_entity_poly.pdbx_seq_one_letter_code_can   
;MAHHHHHHEFPKPEFMSKSLEELQIGTYANIAMVRTTTPVYVALGIFVQHRVSALPVVDEKGRVVDIYSKFDVINLAAEK
TYNNLDVSVTKALQHRSHYFEGVLKCYLHETLETIINRLVEAEVHRLVVVDENDVVKGIVSLSDILQALVLT
;
_entity_poly.pdbx_strand_id                 A 
_entity_poly.pdbx_target_identifier         ? 
# 
loop_
_pdbx_entity_nonpoly.entity_id 
_pdbx_entity_nonpoly.name 
_pdbx_entity_nonpoly.comp_id 
2 'AMINOIMIDAZOLE 4-CARBOXAMIDE RIBONUCLEOTIDE' AMZ 
3 water                                         HOH 
# 
loop_
_entity_poly_seq.entity_id 
_entity_poly_seq.num 
_entity_poly_seq.mon_id 
_entity_poly_seq.hetero 
1 1   MET n 
1 2   ALA n 
1 3   HIS n 
1 4   HIS n 
1 5   HIS n 
1 6   HIS n 
1 7   HIS n 
1 8   HIS n 
1 9   GLU n 
1 10  PHE n 
1 11  PRO n 
1 12  LYS n 
1 13  PRO n 
1 14  GLU n 
1 15  PHE n 
1 16  MET n 
1 17  SER n 
1 18  LYS n 
1 19  SER n 
1 20  LEU n 
1 21  GLU n 
1 22  GLU n 
1 23  LEU n 
1 24  GLN n 
1 25  ILE n 
1 26  GLY n 
1 27  THR n 
1 28  TYR n 
1 29  ALA n 
1 30  ASN n 
1 31  ILE n 
1 32  ALA n 
1 33  MET n 
1 34  VAL n 
1 35  ARG n 
1 36  THR n 
1 37  THR n 
1 38  THR n 
1 39  PRO n 
1 40  VAL n 
1 41  TYR n 
1 42  VAL n 
1 43  ALA n 
1 44  LEU n 
1 45  GLY n 
1 46  ILE n 
1 47  PHE n 
1 48  VAL n 
1 49  GLN n 
1 50  HIS n 
1 51  ARG n 
1 52  VAL n 
1 53  SER n 
1 54  ALA n 
1 55  LEU n 
1 56  PRO n 
1 57  VAL n 
1 58  VAL n 
1 59  ASP n 
1 60  GLU n 
1 61  LYS n 
1 62  GLY n 
1 63  ARG n 
1 64  VAL n 
1 65  VAL n 
1 66  ASP n 
1 67  ILE n 
1 68  TYR n 
1 69  SER n 
1 70  LYS n 
1 71  PHE n 
1 72  ASP n 
1 73  VAL n 
1 74  ILE n 
1 75  ASN n 
1 76  LEU n 
1 77  ALA n 
1 78  ALA n 
1 79  GLU n 
1 80  LYS n 
1 81  THR n 
1 82  TYR n 
1 83  ASN n 
1 84  ASN n 
1 85  LEU n 
1 86  ASP n 
1 87  VAL n 
1 88  SER n 
1 89  VAL n 
1 90  THR n 
1 91  LYS n 
1 92  ALA n 
1 93  LEU n 
1 94  GLN n 
1 95  HIS n 
1 96  ARG n 
1 97  SER n 
1 98  HIS n 
1 99  TYR n 
1 100 PHE n 
1 101 GLU n 
1 102 GLY n 
1 103 VAL n 
1 104 LEU n 
1 105 LYS n 
1 106 CYS n 
1 107 TYR n 
1 108 LEU n 
1 109 HIS n 
1 110 GLU n 
1 111 THR n 
1 112 LEU n 
1 113 GLU n 
1 114 THR n 
1 115 ILE n 
1 116 ILE n 
1 117 ASN n 
1 118 ARG n 
1 119 LEU n 
1 120 VAL n 
1 121 GLU n 
1 122 ALA n 
1 123 GLU n 
1 124 VAL n 
1 125 HIS n 
1 126 ARG n 
1 127 LEU n 
1 128 VAL n 
1 129 VAL n 
1 130 VAL n 
1 131 ASP n 
1 132 GLU n 
1 133 ASN n 
1 134 ASP n 
1 135 VAL n 
1 136 VAL n 
1 137 LYS n 
1 138 GLY n 
1 139 ILE n 
1 140 VAL n 
1 141 SER n 
1 142 LEU n 
1 143 SER n 
1 144 ASP n 
1 145 ILE n 
1 146 LEU n 
1 147 GLN n 
1 148 ALA n 
1 149 LEU n 
1 150 VAL n 
1 151 LEU n 
1 152 THR n 
# 
_entity_src_gen.entity_id                          1 
_entity_src_gen.pdbx_src_id                        1 
_entity_src_gen.pdbx_alt_source_flag               sample 
_entity_src_gen.pdbx_seq_type                      ? 
_entity_src_gen.pdbx_beg_seq_num                   ? 
_entity_src_gen.pdbx_end_seq_num                   ? 
_entity_src_gen.gene_src_common_name               HUMAN 
_entity_src_gen.gene_src_genus                     ? 
_entity_src_gen.pdbx_gene_src_gene                 ? 
_entity_src_gen.gene_src_species                   ? 
_entity_src_gen.gene_src_strain                    ? 
_entity_src_gen.gene_src_tissue                    ? 
_entity_src_gen.gene_src_tissue_fraction           ? 
_entity_src_gen.gene_src_details                   ? 
_entity_src_gen.pdbx_gene_src_fragment             ? 
_entity_src_gen.pdbx_gene_src_scientific_name      'HOMO SAPIENS' 
_entity_src_gen.pdbx_gene_src_ncbi_taxonomy_id     9606 
_entity_src_gen.pdbx_gene_src_variant              ? 
_entity_src_gen.pdbx_gene_src_cell_line            ? 
_entity_src_gen.pdbx_gene_src_atcc                 ? 
_entity_src_gen.pdbx_gene_src_organ                ? 
_entity_src_gen.pdbx_gene_src_organelle            ? 
_entity_src_gen.pdbx_gene_src_cell                 ? 
_entity_src_gen.pdbx_gene_src_cellular_location    ? 
_entity_src_gen.host_org_common_name               ? 
_entity_src_gen.pdbx_host_org_scientific_name      'ESCHERICHIA COLI' 
_entity_src_gen.pdbx_host_org_ncbi_taxonomy_id     469008 
_entity_src_gen.host_org_genus                     ? 
_entity_src_gen.pdbx_host_org_gene                 ? 
_entity_src_gen.pdbx_host_org_organ                ? 
_entity_src_gen.host_org_species                   ? 
_entity_src_gen.pdbx_host_org_tissue               ? 
_entity_src_gen.pdbx_host_org_tissue_fraction      ? 
_entity_src_gen.pdbx_host_org_strain               'BL21(DE3)' 
_entity_src_gen.pdbx_host_org_variant              ? 
_entity_src_gen.pdbx_host_org_cell_line            ? 
_entity_src_gen.pdbx_host_org_atcc                 ? 
_entity_src_gen.pdbx_host_org_culture_collection   ? 
_entity_src_gen.pdbx_host_org_cell                 ? 
_entity_src_gen.pdbx_host_org_organelle            ? 
_entity_src_gen.pdbx_host_org_cellular_location    ? 
_entity_src_gen.pdbx_host_org_vector_type          ? 
_entity_src_gen.pdbx_host_org_vector               ? 
_entity_src_gen.host_org_details                   ? 
_entity_src_gen.expression_system_id               ? 
_entity_src_gen.plasmid_name                       ? 
_entity_src_gen.plasmid_details                    ? 
_entity_src_gen.pdbx_description                   ? 
# 
loop_
_chem_comp.id 
_chem_comp.type 
_chem_comp.mon_nstd_flag 
_chem_comp.name 
_chem_comp.pdbx_synonyms 
_chem_comp.formula 
_chem_comp.formula_weight 
ALA 'L-peptide linking' y ALANINE                                       ?     'C3 H7 N O2'     89.093  
AMZ non-polymer         . 'AMINOIMIDAZOLE 4-CARBOXAMIDE RIBONUCLEOTIDE' AICAR 'C9 H15 N4 O8 P' 338.211 
ARG 'L-peptide linking' y ARGININE                                      ?     'C6 H15 N4 O2 1' 175.209 
ASN 'L-peptide linking' y ASPARAGINE                                    ?     'C4 H8 N2 O3'    132.118 
ASP 'L-peptide linking' y 'ASPARTIC ACID'                               ?     'C4 H7 N O4'     133.103 
CYS 'L-peptide linking' y CYSTEINE                                      ?     'C3 H7 N O2 S'   121.158 
GLN 'L-peptide linking' y GLUTAMINE                                     ?     'C5 H10 N2 O3'   146.144 
GLU 'L-peptide linking' y 'GLUTAMIC ACID'                               ?     'C5 H9 N O4'     147.129 
GLY 'peptide linking'   y GLYCINE                                       ?     'C2 H5 N O2'     75.067  
HIS 'L-peptide linking' y HISTIDINE                                     ?     'C6 H10 N3 O2 1' 156.162 
HOH non-polymer         . WATER                                         ?     'H2 O'           18.015  
ILE 'L-peptide linking' y ISOLEUCINE                                    ?     'C6 H13 N O2'    131.173 
LEU 'L-peptide linking' y LEUCINE                                       ?     'C6 H13 N O2'    131.173 
LYS 'L-peptide linking' y LYSINE                                        ?     'C6 H15 N2 O2 1' 147.195 
MET 'L-peptide linking' y METHIONINE                                    ?     'C5 H11 N O2 S'  149.211 
PHE 'L-peptide linking' y PHENYLALANINE                                 ?     'C9 H11 N O2'    165.189 
PRO 'L-peptide linking' y PROLINE                                       ?     'C5 H9 N O2'     115.130 
SER 'L-peptide linking' y SERINE                                        ?     'C3 H7 N O3'     105.093 
THR 'L-peptide linking' y THREONINE                                     ?     'C4 H9 N O3'     119.119 
TYR 'L-peptide linking' y TYROSINE                                      ?     'C9 H11 N O3'    181.189 
VAL 'L-peptide linking' y VALINE                                        ?     'C5 H11 N O2'    117.146 
# 
loop_
_pdbx_poly_seq_scheme.asym_id 
_pdbx_poly_seq_scheme.entity_id 
_pdbx_poly_seq_scheme.seq_id 
_pdbx_poly_seq_scheme.mon_id 
_pdbx_poly_seq_scheme.ndb_seq_num 
_pdbx_poly_seq_scheme.pdb_seq_num 
_pdbx_poly_seq_scheme.auth_seq_num 
_pdbx_poly_seq_scheme.pdb_mon_id 
_pdbx_poly_seq_scheme.auth_mon_id 
_pdbx_poly_seq_scheme.pdb_strand_id 
_pdbx_poly_seq_scheme.pdb_ins_code 
_pdbx_poly_seq_scheme.hetero 
A 1 1   MET 1   -8  ?   ?   ?   A . n 
A 1 2   ALA 2   -7  ?   ?   ?   A . n 
A 1 3   HIS 3   -6  ?   ?   ?   A . n 
A 1 4   HIS 4   -5  ?   ?   ?   A . n 
A 1 5   HIS 5   -4  ?   ?   ?   A . n 
A 1 6   HIS 6   -3  ?   ?   ?   A . n 
A 1 7   HIS 7   -2  ?   ?   ?   A . n 
A 1 8   HIS 8   -1  -1  HIS HIS A . n 
A 1 9   GLU 9   182 182 GLU GLU A . n 
A 1 10  PHE 10  183 183 PHE PHE A . n 
A 1 11  PRO 11  184 184 PRO PRO A . n 
A 1 12  LYS 12  185 185 LYS LYS A . n 
A 1 13  PRO 13  186 186 PRO PRO A . n 
A 1 14  GLU 14  187 187 GLU GLU A . n 
A 1 15  PHE 15  188 188 PHE PHE A . n 
A 1 16  MET 16  189 189 MET MET A . n 
A 1 17  SER 17  190 190 SER SER A . n 
A 1 18  LYS 18  191 191 LYS LYS A . n 
A 1 19  SER 19  192 192 SER SER A . n 
A 1 20  LEU 20  193 193 LEU LEU A . n 
A 1 21  GLU 21  194 194 GLU GLU A . n 
A 1 22  GLU 22  195 195 GLU GLU A . n 
A 1 23  LEU 23  196 196 LEU LEU A . n 
A 1 24  GLN 24  197 197 GLN GLN A . n 
A 1 25  ILE 25  198 198 ILE ILE A . n 
A 1 26  GLY 26  199 199 GLY GLY A . n 
A 1 27  THR 27  200 200 THR THR A . n 
A 1 28  TYR 28  201 201 TYR TYR A . n 
A 1 29  ALA 29  202 202 ALA ALA A . n 
A 1 30  ASN 30  203 203 ASN ASN A . n 
A 1 31  ILE 31  204 204 ILE ILE A . n 
A 1 32  ALA 32  205 205 ALA ALA A . n 
A 1 33  MET 33  206 206 MET MET A . n 
A 1 34  VAL 34  207 207 VAL VAL A . n 
A 1 35  ARG 35  208 208 ARG ARG A . n 
A 1 36  THR 36  209 209 THR THR A . n 
A 1 37  THR 37  210 210 THR THR A . n 
A 1 38  THR 38  211 211 THR THR A . n 
A 1 39  PRO 39  212 212 PRO PRO A . n 
A 1 40  VAL 40  213 213 VAL VAL A . n 
A 1 41  TYR 41  214 214 TYR TYR A . n 
A 1 42  VAL 42  215 215 VAL VAL A . n 
A 1 43  ALA 43  216 216 ALA ALA A . n 
A 1 44  LEU 44  217 217 LEU LEU A . n 
A 1 45  GLY 45  218 218 GLY GLY A . n 
A 1 46  ILE 46  219 219 ILE ILE A . n 
A 1 47  PHE 47  220 220 PHE PHE A . n 
A 1 48  VAL 48  221 221 VAL VAL A . n 
A 1 49  GLN 49  222 222 GLN GLN A . n 
A 1 50  HIS 50  223 223 HIS HIS A . n 
A 1 51  ARG 51  224 224 ARG ARG A . n 
A 1 52  VAL 52  225 225 VAL VAL A . n 
A 1 53  SER 53  226 226 SER SER A . n 
A 1 54  ALA 54  227 227 ALA ALA A . n 
A 1 55  LEU 55  228 228 LEU LEU A . n 
A 1 56  PRO 56  229 229 PRO PRO A . n 
A 1 57  VAL 57  230 230 VAL VAL A . n 
A 1 58  VAL 58  231 231 VAL VAL A . n 
A 1 59  ASP 59  232 232 ASP ASP A . n 
A 1 60  GLU 60  233 233 GLU GLU A . n 
A 1 61  LYS 61  234 234 LYS LYS A . n 
A 1 62  GLY 62  235 235 GLY GLY A . n 
A 1 63  ARG 63  236 236 ARG ARG A . n 
A 1 64  VAL 64  237 237 VAL VAL A . n 
A 1 65  VAL 65  238 238 VAL VAL A . n 
A 1 66  ASP 66  239 239 ASP ASP A . n 
A 1 67  ILE 67  240 240 ILE ILE A . n 
A 1 68  TYR 68  241 241 TYR TYR A . n 
A 1 69  SER 69  242 242 SER SER A . n 
A 1 70  LYS 70  243 243 LYS LYS A . n 
A 1 71  PHE 71  244 244 PHE PHE A . n 
A 1 72  ASP 72  245 245 ASP ASP A . n 
A 1 73  VAL 73  246 246 VAL VAL A . n 
A 1 74  ILE 74  247 247 ILE ILE A . n 
A 1 75  ASN 75  248 248 ASN ASN A . n 
A 1 76  LEU 76  249 249 LEU LEU A . n 
A 1 77  ALA 77  250 250 ALA ALA A . n 
A 1 78  ALA 78  251 251 ALA ALA A . n 
A 1 79  GLU 79  252 252 GLU GLU A . n 
A 1 80  LYS 80  253 253 LYS LYS A . n 
A 1 81  THR 81  254 254 THR THR A . n 
A 1 82  TYR 82  255 255 TYR TYR A . n 
A 1 83  ASN 83  256 256 ASN ASN A . n 
A 1 84  ASN 84  257 257 ASN ASN A . n 
A 1 85  LEU 85  258 258 LEU LEU A . n 
A 1 86  ASP 86  259 259 ASP ASP A . n 
A 1 87  VAL 87  260 260 VAL VAL A . n 
A 1 88  SER 88  261 261 SER SER A . n 
A 1 89  VAL 89  262 262 VAL VAL A . n 
A 1 90  THR 90  263 263 THR THR A . n 
A 1 91  LYS 91  264 264 LYS LYS A . n 
A 1 92  ALA 92  265 265 ALA ALA A . n 
A 1 93  LEU 93  266 266 LEU LEU A . n 
A 1 94  GLN 94  267 267 GLN GLN A . n 
A 1 95  HIS 95  268 268 HIS HIS A . n 
A 1 96  ARG 96  269 269 ARG ARG A . n 
A 1 97  SER 97  270 270 SER SER A . n 
A 1 98  HIS 98  271 271 HIS HIS A . n 
A 1 99  TYR 99  272 272 TYR TYR A . n 
A 1 100 PHE 100 273 273 PHE PHE A . n 
A 1 101 GLU 101 274 274 GLU GLU A . n 
A 1 102 GLY 102 275 275 GLY GLY A . n 
A 1 103 VAL 103 276 276 VAL VAL A . n 
A 1 104 LEU 104 277 277 LEU LEU A . n 
A 1 105 LYS 105 278 278 LYS LYS A . n 
A 1 106 CYS 106 279 279 CYS CYS A . n 
A 1 107 TYR 107 280 280 TYR TYR A . n 
A 1 108 LEU 108 281 281 LEU LEU A . n 
A 1 109 HIS 109 282 282 HIS HIS A . n 
A 1 110 GLU 110 283 283 GLU GLU A . n 
A 1 111 THR 111 284 284 THR THR A . n 
A 1 112 LEU 112 285 285 LEU LEU A . n 
A 1 113 GLU 113 286 286 GLU GLU A . n 
A 1 114 THR 114 287 287 THR THR A . n 
A 1 115 ILE 115 288 288 ILE ILE A . n 
A 1 116 ILE 116 289 289 ILE ILE A . n 
A 1 117 ASN 117 290 290 ASN ASN A . n 
A 1 118 ARG 118 291 291 ARG ARG A . n 
A 1 119 LEU 119 292 292 LEU LEU A . n 
A 1 120 VAL 120 293 293 VAL VAL A . n 
A 1 121 GLU 121 294 294 GLU GLU A . n 
A 1 122 ALA 122 295 295 ALA ALA A . n 
A 1 123 GLU 123 296 296 GLU GLU A . n 
A 1 124 VAL 124 297 297 VAL VAL A . n 
A 1 125 HIS 125 298 298 HIS HIS A . n 
A 1 126 ARG 126 299 299 ARG ARG A . n 
A 1 127 LEU 127 300 300 LEU LEU A . n 
A 1 128 VAL 128 301 301 VAL VAL A . n 
A 1 129 VAL 129 302 302 VAL VAL A . n 
A 1 130 VAL 130 303 303 VAL VAL A . n 
A 1 131 ASP 131 304 304 ASP ASP A . n 
A 1 132 GLU 132 305 305 GLU GLU A . n 
A 1 133 ASN 133 306 306 ASN ASN A . n 
A 1 134 ASP 134 307 307 ASP ASP A . n 
A 1 135 VAL 135 308 308 VAL VAL A . n 
A 1 136 VAL 136 309 309 VAL VAL A . n 
A 1 137 LYS 137 310 310 LYS LYS A . n 
A 1 138 GLY 138 311 311 GLY GLY A . n 
A 1 139 ILE 139 312 312 ILE ILE A . n 
A 1 140 VAL 140 313 313 VAL VAL A . n 
A 1 141 SER 141 314 314 SER SER A . n 
A 1 142 LEU 142 315 315 LEU LEU A . n 
A 1 143 SER 143 316 316 SER SER A . n 
A 1 144 ASP 144 317 317 ASP ASP A . n 
A 1 145 ILE 145 318 318 ILE ILE A . n 
A 1 146 LEU 146 319 319 LEU LEU A . n 
A 1 147 GLN 147 320 320 GLN GLN A . n 
A 1 148 ALA 148 321 321 ALA ALA A . n 
A 1 149 LEU 149 322 322 LEU LEU A . n 
A 1 150 VAL 150 323 323 VAL VAL A . n 
A 1 151 LEU 151 324 324 LEU LEU A . n 
A 1 152 THR 152 325 ?   ?   ?   A . n 
# 
loop_
_pdbx_nonpoly_scheme.asym_id 
_pdbx_nonpoly_scheme.entity_id 
_pdbx_nonpoly_scheme.mon_id 
_pdbx_nonpoly_scheme.ndb_seq_num 
_pdbx_nonpoly_scheme.pdb_seq_num 
_pdbx_nonpoly_scheme.auth_seq_num 
_pdbx_nonpoly_scheme.pdb_mon_id 
_pdbx_nonpoly_scheme.auth_mon_id 
_pdbx_nonpoly_scheme.pdb_strand_id 
_pdbx_nonpoly_scheme.pdb_ins_code 
B 2 AMZ 1   1324 1324 AMZ AMZ A . 
C 3 HOH 1   2001 2001 HOH HOH A . 
C 3 HOH 2   2002 2002 HOH HOH A . 
C 3 HOH 3   2003 2003 HOH HOH A . 
C 3 HOH 4   2004 2004 HOH HOH A . 
C 3 HOH 5   2005 2005 HOH HOH A . 
C 3 HOH 6   2006 2006 HOH HOH A . 
C 3 HOH 7   2007 2007 HOH HOH A . 
C 3 HOH 8   2008 2008 HOH HOH A . 
C 3 HOH 9   2009 2009 HOH HOH A . 
C 3 HOH 10  2010 2010 HOH HOH A . 
C 3 HOH 11  2011 2011 HOH HOH A . 
C 3 HOH 12  2012 2012 HOH HOH A . 
C 3 HOH 13  2013 2013 HOH HOH A . 
C 3 HOH 14  2014 2014 HOH HOH A . 
C 3 HOH 15  2015 2015 HOH HOH A . 
C 3 HOH 16  2016 2016 HOH HOH A . 
C 3 HOH 17  2017 2017 HOH HOH A . 
C 3 HOH 18  2018 2018 HOH HOH A . 
C 3 HOH 19  2019 2019 HOH HOH A . 
C 3 HOH 20  2020 2020 HOH HOH A . 
C 3 HOH 21  2021 2021 HOH HOH A . 
C 3 HOH 22  2022 2022 HOH HOH A . 
C 3 HOH 23  2023 2023 HOH HOH A . 
C 3 HOH 24  2024 2024 HOH HOH A . 
C 3 HOH 25  2025 2025 HOH HOH A . 
C 3 HOH 26  2026 2026 HOH HOH A . 
C 3 HOH 27  2027 2027 HOH HOH A . 
C 3 HOH 28  2028 2028 HOH HOH A . 
C 3 HOH 29  2029 2029 HOH HOH A . 
C 3 HOH 30  2030 2030 HOH HOH A . 
C 3 HOH 31  2031 2031 HOH HOH A . 
C 3 HOH 32  2032 2032 HOH HOH A . 
C 3 HOH 33  2033 2033 HOH HOH A . 
C 3 HOH 34  2034 2034 HOH HOH A . 
C 3 HOH 35  2035 2035 HOH HOH A . 
C 3 HOH 36  2036 2036 HOH HOH A . 
C 3 HOH 37  2037 2037 HOH HOH A . 
C 3 HOH 38  2038 2038 HOH HOH A . 
C 3 HOH 39  2039 2039 HOH HOH A . 
C 3 HOH 40  2040 2040 HOH HOH A . 
C 3 HOH 41  2041 2041 HOH HOH A . 
C 3 HOH 42  2042 2042 HOH HOH A . 
C 3 HOH 43  2043 2043 HOH HOH A . 
C 3 HOH 44  2044 2044 HOH HOH A . 
C 3 HOH 45  2045 2045 HOH HOH A . 
C 3 HOH 46  2046 2046 HOH HOH A . 
C 3 HOH 47  2047 2047 HOH HOH A . 
C 3 HOH 48  2048 2048 HOH HOH A . 
C 3 HOH 49  2049 2049 HOH HOH A . 
C 3 HOH 50  2050 2050 HOH HOH A . 
C 3 HOH 51  2051 2051 HOH HOH A . 
C 3 HOH 52  2052 2052 HOH HOH A . 
C 3 HOH 53  2053 2053 HOH HOH A . 
C 3 HOH 54  2054 2054 HOH HOH A . 
C 3 HOH 55  2055 2055 HOH HOH A . 
C 3 HOH 56  2056 2056 HOH HOH A . 
C 3 HOH 57  2057 2057 HOH HOH A . 
C 3 HOH 58  2058 2058 HOH HOH A . 
C 3 HOH 59  2059 2059 HOH HOH A . 
C 3 HOH 60  2060 2060 HOH HOH A . 
C 3 HOH 61  2061 2061 HOH HOH A . 
C 3 HOH 62  2062 2062 HOH HOH A . 
C 3 HOH 63  2063 2063 HOH HOH A . 
C 3 HOH 64  2064 2064 HOH HOH A . 
C 3 HOH 65  2065 2065 HOH HOH A . 
C 3 HOH 66  2066 2066 HOH HOH A . 
C 3 HOH 67  2067 2067 HOH HOH A . 
C 3 HOH 68  2068 2068 HOH HOH A . 
C 3 HOH 69  2069 2069 HOH HOH A . 
C 3 HOH 70  2070 2070 HOH HOH A . 
C 3 HOH 71  2071 2071 HOH HOH A . 
C 3 HOH 72  2072 2072 HOH HOH A . 
C 3 HOH 73  2073 2073 HOH HOH A . 
C 3 HOH 74  2074 2074 HOH HOH A . 
C 3 HOH 75  2075 2075 HOH HOH A . 
C 3 HOH 76  2076 2076 HOH HOH A . 
C 3 HOH 77  2077 2077 HOH HOH A . 
C 3 HOH 78  2078 2078 HOH HOH A . 
C 3 HOH 79  2079 2079 HOH HOH A . 
C 3 HOH 80  2080 2080 HOH HOH A . 
C 3 HOH 81  2081 2081 HOH HOH A . 
C 3 HOH 82  2082 2082 HOH HOH A . 
C 3 HOH 83  2083 2083 HOH HOH A . 
C 3 HOH 84  2084 2084 HOH HOH A . 
C 3 HOH 85  2085 2085 HOH HOH A . 
C 3 HOH 86  2086 2086 HOH HOH A . 
C 3 HOH 87  2087 2087 HOH HOH A . 
C 3 HOH 88  2088 2088 HOH HOH A . 
C 3 HOH 89  2089 2089 HOH HOH A . 
C 3 HOH 90  2090 2090 HOH HOH A . 
C 3 HOH 91  2091 2091 HOH HOH A . 
C 3 HOH 92  2092 2092 HOH HOH A . 
C 3 HOH 93  2093 2093 HOH HOH A . 
C 3 HOH 94  2094 2094 HOH HOH A . 
C 3 HOH 95  2095 2095 HOH HOH A . 
C 3 HOH 96  2096 2096 HOH HOH A . 
C 3 HOH 97  2097 2097 HOH HOH A . 
C 3 HOH 98  2098 2098 HOH HOH A . 
C 3 HOH 99  2099 2099 HOH HOH A . 
C 3 HOH 100 2100 2100 HOH HOH A . 
C 3 HOH 101 2101 2101 HOH HOH A . 
C 3 HOH 102 2102 2102 HOH HOH A . 
C 3 HOH 103 2103 2103 HOH HOH A . 
C 3 HOH 104 2104 2104 HOH HOH A . 
C 3 HOH 105 2105 2105 HOH HOH A . 
C 3 HOH 106 2106 2106 HOH HOH A . 
C 3 HOH 107 2107 2107 HOH HOH A . 
C 3 HOH 108 2108 2108 HOH HOH A . 
C 3 HOH 109 2109 2109 HOH HOH A . 
C 3 HOH 110 2110 2110 HOH HOH A . 
C 3 HOH 111 2111 2111 HOH HOH A . 
C 3 HOH 112 2112 2112 HOH HOH A . 
C 3 HOH 113 2113 2113 HOH HOH A . 
C 3 HOH 114 2114 2114 HOH HOH A . 
C 3 HOH 115 2115 2115 HOH HOH A . 
C 3 HOH 116 2116 2116 HOH HOH A . 
C 3 HOH 117 2117 2117 HOH HOH A . 
C 3 HOH 118 2118 2118 HOH HOH A . 
C 3 HOH 119 2119 2119 HOH HOH A . 
C 3 HOH 120 2120 2120 HOH HOH A . 
C 3 HOH 121 2121 2121 HOH HOH A . 
C 3 HOH 122 2122 2122 HOH HOH A . 
C 3 HOH 123 2123 2123 HOH HOH A . 
C 3 HOH 124 2124 2124 HOH HOH A . 
C 3 HOH 125 2125 2125 HOH HOH A . 
C 3 HOH 126 2126 2126 HOH HOH A . 
C 3 HOH 127 2127 2127 HOH HOH A . 
C 3 HOH 128 2128 2128 HOH HOH A . 
C 3 HOH 129 2129 2129 HOH HOH A . 
C 3 HOH 130 2130 2130 HOH HOH A . 
C 3 HOH 131 2131 2131 HOH HOH A . 
C 3 HOH 132 2132 2132 HOH HOH A . 
C 3 HOH 133 2133 2133 HOH HOH A . 
C 3 HOH 134 2134 2134 HOH HOH A . 
C 3 HOH 135 2135 2135 HOH HOH A . 
C 3 HOH 136 2136 2136 HOH HOH A . 
C 3 HOH 137 2137 2137 HOH HOH A . 
C 3 HOH 138 2138 2138 HOH HOH A . 
C 3 HOH 139 2139 2139 HOH HOH A . 
C 3 HOH 140 2140 2140 HOH HOH A . 
C 3 HOH 141 2141 2141 HOH HOH A . 
C 3 HOH 142 2142 2142 HOH HOH A . 
C 3 HOH 143 2143 2143 HOH HOH A . 
C 3 HOH 144 2144 2144 HOH HOH A . 
C 3 HOH 145 2145 2145 HOH HOH A . 
C 3 HOH 146 2146 2146 HOH HOH A . 
C 3 HOH 147 2147 2147 HOH HOH A . 
C 3 HOH 148 2148 2148 HOH HOH A . 
C 3 HOH 149 2149 2149 HOH HOH A . 
C 3 HOH 150 2150 2150 HOH HOH A . 
C 3 HOH 151 2151 2151 HOH HOH A . 
C 3 HOH 152 2152 2152 HOH HOH A . 
C 3 HOH 153 2153 2153 HOH HOH A . 
C 3 HOH 154 2154 2154 HOH HOH A . 
C 3 HOH 155 2155 2155 HOH HOH A . 
C 3 HOH 156 2156 2156 HOH HOH A . 
C 3 HOH 157 2157 2157 HOH HOH A . 
C 3 HOH 158 2158 2158 HOH HOH A . 
C 3 HOH 159 2159 2159 HOH HOH A . 
C 3 HOH 160 2160 2160 HOH HOH A . 
C 3 HOH 161 2161 2161 HOH HOH A . 
C 3 HOH 162 2162 2162 HOH HOH A . 
C 3 HOH 163 2163 2163 HOH HOH A . 
C 3 HOH 164 2164 2164 HOH HOH A . 
C 3 HOH 165 2165 2165 HOH HOH A . 
C 3 HOH 166 2166 2166 HOH HOH A . 
C 3 HOH 167 2167 2167 HOH HOH A . 
C 3 HOH 168 2168 2168 HOH HOH A . 
C 3 HOH 169 2169 2169 HOH HOH A . 
C 3 HOH 170 2170 2170 HOH HOH A . 
C 3 HOH 171 2171 2171 HOH HOH A . 
C 3 HOH 172 2172 2172 HOH HOH A . 
C 3 HOH 173 2173 2173 HOH HOH A . 
C 3 HOH 174 2174 2174 HOH HOH A . 
C 3 HOH 175 2175 2175 HOH HOH A . 
C 3 HOH 176 2176 2176 HOH HOH A . 
C 3 HOH 177 2177 2177 HOH HOH A . 
C 3 HOH 178 2178 2178 HOH HOH A . 
C 3 HOH 179 2179 2179 HOH HOH A . 
C 3 HOH 180 2180 2180 HOH HOH A . 
C 3 HOH 181 2181 2181 HOH HOH A . 
C 3 HOH 182 2182 2182 HOH HOH A . 
C 3 HOH 183 2183 2183 HOH HOH A . 
C 3 HOH 184 2184 2184 HOH HOH A . 
C 3 HOH 185 2185 2185 HOH HOH A . 
C 3 HOH 186 2186 2186 HOH HOH A . 
C 3 HOH 187 2187 2187 HOH HOH A . 
C 3 HOH 188 2188 2188 HOH HOH A . 
C 3 HOH 189 2189 2189 HOH HOH A . 
C 3 HOH 190 2190 2190 HOH HOH A . 
C 3 HOH 191 2191 2191 HOH HOH A . 
C 3 HOH 192 2192 2192 HOH HOH A . 
C 3 HOH 193 2193 2193 HOH HOH A . 
C 3 HOH 194 2194 2194 HOH HOH A . 
C 3 HOH 195 2195 2195 HOH HOH A . 
C 3 HOH 196 2196 2196 HOH HOH A . 
C 3 HOH 197 2197 2197 HOH HOH A . 
C 3 HOH 198 2198 2198 HOH HOH A . 
C 3 HOH 199 2199 2199 HOH HOH A . 
C 3 HOH 200 2200 2200 HOH HOH A . 
C 3 HOH 201 2201 2201 HOH HOH A . 
C 3 HOH 202 2202 2202 HOH HOH A . 
C 3 HOH 203 2203 2203 HOH HOH A . 
C 3 HOH 204 2204 2204 HOH HOH A . 
C 3 HOH 205 2205 2205 HOH HOH A . 
C 3 HOH 206 2206 2206 HOH HOH A . 
C 3 HOH 207 2207 2207 HOH HOH A . 
C 3 HOH 208 2208 2208 HOH HOH A . 
C 3 HOH 209 2209 2209 HOH HOH A . 
C 3 HOH 210 2210 2210 HOH HOH A . 
C 3 HOH 211 2211 2211 HOH HOH A . 
C 3 HOH 212 2212 2212 HOH HOH A . 
C 3 HOH 213 2213 2213 HOH HOH A . 
C 3 HOH 214 2214 2214 HOH HOH A . 
C 3 HOH 215 2215 2215 HOH HOH A . 
C 3 HOH 216 2216 2216 HOH HOH A . 
C 3 HOH 217 2217 2217 HOH HOH A . 
C 3 HOH 218 2218 2218 HOH HOH A . 
C 3 HOH 219 2219 2219 HOH HOH A . 
C 3 HOH 220 2220 2220 HOH HOH A . 
C 3 HOH 221 2221 2221 HOH HOH A . 
C 3 HOH 222 2222 2222 HOH HOH A . 
C 3 HOH 223 2223 2223 HOH HOH A . 
C 3 HOH 224 2224 2224 HOH HOH A . 
C 3 HOH 225 2225 2225 HOH HOH A . 
C 3 HOH 226 2226 2226 HOH HOH A . 
C 3 HOH 227 2227 2227 HOH HOH A . 
C 3 HOH 228 2228 2228 HOH HOH A . 
C 3 HOH 229 2229 2229 HOH HOH A . 
C 3 HOH 230 2230 2230 HOH HOH A . 
C 3 HOH 231 2231 2231 HOH HOH A . 
C 3 HOH 232 2232 2232 HOH HOH A . 
C 3 HOH 233 2233 2233 HOH HOH A . 
C 3 HOH 234 2234 2234 HOH HOH A . 
C 3 HOH 235 2235 2235 HOH HOH A . 
C 3 HOH 236 2236 2236 HOH HOH A . 
C 3 HOH 237 2237 2237 HOH HOH A . 
C 3 HOH 238 2238 2238 HOH HOH A . 
C 3 HOH 239 2239 2239 HOH HOH A . 
C 3 HOH 240 2240 2240 HOH HOH A . 
C 3 HOH 241 2241 2241 HOH HOH A . 
C 3 HOH 242 2242 2242 HOH HOH A . 
C 3 HOH 243 2243 2243 HOH HOH A . 
C 3 HOH 244 2244 2244 HOH HOH A . 
C 3 HOH 245 2245 2245 HOH HOH A . 
C 3 HOH 246 2246 2246 HOH HOH A . 
C 3 HOH 247 2247 2247 HOH HOH A . 
C 3 HOH 248 2248 2248 HOH HOH A . 
C 3 HOH 249 2249 2249 HOH HOH A . 
C 3 HOH 250 2250 2250 HOH HOH A . 
C 3 HOH 251 2251 2251 HOH HOH A . 
C 3 HOH 252 2252 2252 HOH HOH A . 
C 3 HOH 253 2253 2253 HOH HOH A . 
C 3 HOH 254 2254 2254 HOH HOH A . 
C 3 HOH 255 2255 2255 HOH HOH A . 
C 3 HOH 256 2256 2256 HOH HOH A . 
C 3 HOH 257 2257 2257 HOH HOH A . 
C 3 HOH 258 2258 2258 HOH HOH A . 
# 
loop_
_pdbx_unobs_or_zero_occ_atoms.id 
_pdbx_unobs_or_zero_occ_atoms.PDB_model_num 
_pdbx_unobs_or_zero_occ_atoms.polymer_flag 
_pdbx_unobs_or_zero_occ_atoms.occupancy_flag 
_pdbx_unobs_or_zero_occ_atoms.auth_asym_id 
_pdbx_unobs_or_zero_occ_atoms.auth_comp_id 
_pdbx_unobs_or_zero_occ_atoms.auth_seq_id 
_pdbx_unobs_or_zero_occ_atoms.PDB_ins_code 
_pdbx_unobs_or_zero_occ_atoms.auth_atom_id 
_pdbx_unobs_or_zero_occ_atoms.label_alt_id 
_pdbx_unobs_or_zero_occ_atoms.label_asym_id 
_pdbx_unobs_or_zero_occ_atoms.label_comp_id 
_pdbx_unobs_or_zero_occ_atoms.label_seq_id 
_pdbx_unobs_or_zero_occ_atoms.label_atom_id 
1 1 Y 1 A LEU 324 ? CA  ? A LEU 151 CA  
2 1 Y 1 A LEU 324 ? C   ? A LEU 151 C   
3 1 Y 1 A LEU 324 ? O   ? A LEU 151 O   
4 1 Y 1 A LEU 324 ? CB  ? A LEU 151 CB  
5 1 Y 1 A LEU 324 ? CG  ? A LEU 151 CG  
6 1 Y 1 A LEU 324 ? CD1 ? A LEU 151 CD1 
7 1 Y 1 A LEU 324 ? CD2 ? A LEU 151 CD2 
# 
loop_
_software.name 
_software.classification 
_software.version 
_software.citation_id 
_software.pdbx_ordinal 
REFMAC refinement       5.2.0019G ? 1 
d*TREK 'data reduction' .         ? 2 
d*TREK 'data scaling'   .         ? 3 
# 
_cell.entry_id           2UV5 
_cell.length_a           66.056 
_cell.length_b           43.885 
_cell.length_c           55.798 
_cell.angle_alpha        90.00 
_cell.angle_beta         118.18 
_cell.angle_gamma        90.00 
_cell.Z_PDB              4 
_cell.pdbx_unique_axis   ? 
# 
_symmetry.entry_id                         2UV5 
_symmetry.space_group_name_H-M             'C 1 2 1' 
_symmetry.pdbx_full_space_group_name_H-M   ? 
_symmetry.cell_setting                     ? 
_symmetry.Int_Tables_number                5 
# 
_exptl.entry_id          2UV5 
_exptl.method            'X-RAY DIFFRACTION' 
_exptl.crystals_number   1 
# 
_exptl_crystal.id                    1 
_exptl_crystal.density_meas          ? 
_exptl_crystal.density_Matthews      1.79 
_exptl_crystal.density_percent_sol   30.91 
_exptl_crystal.description           ? 
# 
_exptl_crystal_grow.crystal_id      1 
_exptl_crystal_grow.method          ? 
_exptl_crystal_grow.temp            ? 
_exptl_crystal_grow.temp_details    ? 
_exptl_crystal_grow.pH              8.00 
_exptl_crystal_grow.pdbx_pH_range   ? 
_exptl_crystal_grow.pdbx_details    'pH 8.00' 
# 
_diffrn.id                     1 
_diffrn.ambient_temp           100.0 
_diffrn.ambient_temp_details   ? 
_diffrn.crystal_id             1 
# 
_diffrn_detector.diffrn_id              1 
_diffrn_detector.detector               'IMAGE PLATE' 
_diffrn_detector.type                   'RIGAKU IMAGE PLATE' 
_diffrn_detector.pdbx_collection_date   2004-08-03 
_diffrn_detector.details                ? 
# 
_diffrn_radiation.diffrn_id                        1 
_diffrn_radiation.wavelength_id                    1 
_diffrn_radiation.pdbx_monochromatic_or_laue_m_l   M 
_diffrn_radiation.monochromator                    ? 
_diffrn_radiation.pdbx_diffrn_protocol             'SINGLE WAVELENGTH' 
_diffrn_radiation.pdbx_scattering_type             x-ray 
# 
_diffrn_radiation_wavelength.id           1 
_diffrn_radiation_wavelength.wavelength   1.5418 
_diffrn_radiation_wavelength.wt           1.0 
# 
_diffrn_source.diffrn_id                   1 
_diffrn_source.source                      'ROTATING ANODE' 
_diffrn_source.type                        ? 
_diffrn_source.pdbx_synchrotron_site       ? 
_diffrn_source.pdbx_synchrotron_beamline   ? 
_diffrn_source.pdbx_wavelength             1.5418 
_diffrn_source.pdbx_wavelength_list        ? 
# 
_reflns.pdbx_diffrn_id               1 
_reflns.pdbx_ordinal                 1 
_reflns.entry_id                     2UV5 
_reflns.observed_criterion_sigma_I   0.000 
_reflns.observed_criterion_sigma_F   ? 
_reflns.d_resolution_low             25.000 
_reflns.d_resolution_high            1.510 
_reflns.number_obs                   15986 
_reflns.number_all                   ? 
_reflns.percent_possible_obs         97.9 
_reflns.pdbx_Rmerge_I_obs            0.06000 
_reflns.pdbx_Rsym_value              ? 
_reflns.pdbx_netI_over_sigmaI        12.5000 
_reflns.B_iso_Wilson_estimate        ? 
_reflns.pdbx_redundancy              2.500 
# 
_refine.pdbx_refine_id                           'X-RAY DIFFRACTION' 
_refine.entry_id                                 2UV5 
_refine.pdbx_diffrn_id                           1 
_refine.pdbx_TLS_residual_ADP_flag               ? 
_refine.ls_number_reflns_obs                     14868 
_refine.ls_number_reflns_all                     ? 
_refine.pdbx_ls_sigma_I                          ? 
_refine.pdbx_ls_sigma_F                          ? 
_refine.pdbx_data_cutoff_high_absF               ? 
_refine.pdbx_data_cutoff_low_absF                ? 
_refine.pdbx_data_cutoff_high_rms_absF           ? 
_refine.ls_d_res_low                             25.34 
_refine.ls_d_res_high                            1.69 
_refine.ls_percent_reflns_obs                    98.0 
_refine.ls_R_factor_obs                          0.171 
_refine.ls_R_factor_all                          ? 
_refine.ls_R_factor_R_work                       0.168 
_refine.ls_R_factor_R_free                       0.227 
_refine.ls_R_factor_R_free_error                 ? 
_refine.ls_R_factor_R_free_error_details         ? 
_refine.ls_percent_reflns_R_free                 5.000 
_refine.ls_number_reflns_R_free                  789 
_refine.ls_number_parameters                     ? 
_refine.ls_number_restraints                     ? 
_refine.occupancy_min                            ? 
_refine.occupancy_max                            ? 
_refine.correlation_coeff_Fo_to_Fc               0.967 
_refine.correlation_coeff_Fo_to_Fc_free          0.944 
_refine.B_iso_mean                               15.55 
_refine.aniso_B[1][1]                            0.28000 
_refine.aniso_B[2][2]                            -0.55000 
_refine.aniso_B[3][3]                            0.56000 
_refine.aniso_B[1][2]                            0.00000 
_refine.aniso_B[1][3]                            0.31000 
_refine.aniso_B[2][3]                            0.00000 
_refine.solvent_model_details                    'BABINET MODEL WITH MASK' 
_refine.solvent_model_param_ksol                 ? 
_refine.solvent_model_param_bsol                 ? 
_refine.pdbx_solvent_vdw_probe_radii             1.20 
_refine.pdbx_solvent_ion_probe_radii             0.80 
_refine.pdbx_solvent_shrinkage_radii             0.80 
_refine.pdbx_ls_cross_valid_method               THROUGHOUT 
_refine.details                                  'HYDROGENS HAVE BEEN ADDED IN THE RIDING POSITIONS.' 
_refine.pdbx_starting_model                      ? 
_refine.pdbx_method_to_determine_struct          OTHER 
_refine.pdbx_isotropic_thermal_model             ? 
_refine.pdbx_stereochemistry_target_values       'MAXIMUM LIKELIHOOD' 
_refine.pdbx_stereochem_target_val_spec_case     ? 
_refine.pdbx_R_Free_selection_details            RANDOM 
_refine.pdbx_overall_ESU_R                       0.114 
_refine.pdbx_overall_ESU_R_Free                  0.121 
_refine.overall_SU_ML                            0.091 
_refine.pdbx_overall_phase_error                 ? 
_refine.overall_SU_B                             2.844 
_refine.overall_SU_R_Cruickshank_DPI             ? 
_refine.pdbx_overall_SU_R_free_Cruickshank_DPI   ? 
_refine.pdbx_overall_SU_R_Blow_DPI               ? 
_refine.pdbx_overall_SU_R_free_Blow_DPI          ? 
# 
_refine_hist.pdbx_refine_id                   'X-RAY DIFFRACTION' 
_refine_hist.cycle_id                         LAST 
_refine_hist.pdbx_number_atoms_protein        1139 
_refine_hist.pdbx_number_atoms_nucleic_acid   0 
_refine_hist.pdbx_number_atoms_ligand         22 
_refine_hist.number_atoms_solvent             258 
_refine_hist.number_atoms_total               1419 
_refine_hist.d_res_high                       1.69 
_refine_hist.d_res_low                        25.34 
# 
loop_
_refine_ls_restr.type 
_refine_ls_restr.dev_ideal 
_refine_ls_restr.dev_ideal_target 
_refine_ls_restr.weight 
_refine_ls_restr.number 
_refine_ls_restr.pdbx_refine_id 
_refine_ls_restr.pdbx_restraint_function 
r_bond_refined_d             0.013  0.022  ? 1181 'X-RAY DIFFRACTION' ? 
r_bond_other_d               0.009  0.020  ? 753  'X-RAY DIFFRACTION' ? 
r_angle_refined_deg          1.373  1.970  ? 1608 'X-RAY DIFFRACTION' ? 
r_angle_other_deg            0.969  3.000  ? 1851 'X-RAY DIFFRACTION' ? 
r_dihedral_angle_1_deg       5.403  5.000  ? 141  'X-RAY DIFFRACTION' ? 
r_dihedral_angle_2_deg       34.527 24.528 ? 53   'X-RAY DIFFRACTION' ? 
r_dihedral_angle_3_deg       14.634 15.211 ? 213  'X-RAY DIFFRACTION' ? 
r_dihedral_angle_4_deg       16.848 15.000 ? 6    'X-RAY DIFFRACTION' ? 
r_chiral_restr               0.087  0.200  ? 196  'X-RAY DIFFRACTION' ? 
r_gen_planes_refined         0.005  0.020  ? 1272 'X-RAY DIFFRACTION' ? 
r_gen_planes_other           0.001  0.020  ? 222  'X-RAY DIFFRACTION' ? 
r_nbd_refined                0.245  0.200  ? 270  'X-RAY DIFFRACTION' ? 
r_nbd_other                  0.196  0.200  ? 843  'X-RAY DIFFRACTION' ? 
r_nbtor_refined              0.172  0.200  ? 592  'X-RAY DIFFRACTION' ? 
r_nbtor_other                0.085  0.200  ? 576  'X-RAY DIFFRACTION' ? 
r_xyhbond_nbd_refined        0.181  0.200  ? 50   'X-RAY DIFFRACTION' ? 
r_xyhbond_nbd_other          ?      ?      ? ?    'X-RAY DIFFRACTION' ? 
r_metal_ion_refined          ?      ?      ? ?    'X-RAY DIFFRACTION' ? 
r_metal_ion_other            ?      ?      ? ?    'X-RAY DIFFRACTION' ? 
r_symmetry_vdw_refined       0.103  0.200  ? 14   'X-RAY DIFFRACTION' ? 
r_symmetry_vdw_other         0.182  0.200  ? 41   'X-RAY DIFFRACTION' ? 
r_symmetry_hbond_refined     0.122  0.200  ? 13   'X-RAY DIFFRACTION' ? 
r_symmetry_hbond_other       ?      ?      ? ?    'X-RAY DIFFRACTION' ? 
r_symmetry_metal_ion_refined ?      ?      ? ?    'X-RAY DIFFRACTION' ? 
r_symmetry_metal_ion_other   ?      ?      ? ?    'X-RAY DIFFRACTION' ? 
r_mcbond_it                  0.099  5.000  ? 713  'X-RAY DIFFRACTION' ? 
r_mcbond_other               ?      ?      ? ?    'X-RAY DIFFRACTION' ? 
r_mcangle_it                 0.127  6.000  ? 1167 'X-RAY DIFFRACTION' ? 
r_mcangle_other              ?      ?      ? ?    'X-RAY DIFFRACTION' ? 
r_scbond_it                  0.116  6.000  ? 468  'X-RAY DIFFRACTION' ? 
r_scbond_other               ?      ?      ? ?    'X-RAY DIFFRACTION' ? 
r_scangle_it                 0.152  7.500  ? 441  'X-RAY DIFFRACTION' ? 
r_scangle_other              ?      ?      ? ?    'X-RAY DIFFRACTION' ? 
r_long_range_B_refined       ?      ?      ? ?    'X-RAY DIFFRACTION' ? 
r_long_range_B_other         ?      ?      ? ?    'X-RAY DIFFRACTION' ? 
r_rigid_bond_restr           ?      ?      ? ?    'X-RAY DIFFRACTION' ? 
r_sphericity_free            ?      ?      ? ?    'X-RAY DIFFRACTION' ? 
r_sphericity_bonded          ?      ?      ? ?    'X-RAY DIFFRACTION' ? 
# 
_refine_ls_shell.pdbx_refine_id                   'X-RAY DIFFRACTION' 
_refine_ls_shell.pdbx_total_number_of_bins_used   20 
_refine_ls_shell.d_res_high                       1.69 
_refine_ls_shell.d_res_low                        1.73 
_refine_ls_shell.number_reflns_R_work             955 
_refine_ls_shell.R_factor_R_work                  0.2870 
_refine_ls_shell.percent_reflns_obs               ? 
_refine_ls_shell.R_factor_R_free                  0.3710 
_refine_ls_shell.R_factor_R_free_error            ? 
_refine_ls_shell.percent_reflns_R_free            ? 
_refine_ls_shell.number_reflns_R_free             59 
_refine_ls_shell.number_reflns_all                ? 
_refine_ls_shell.R_factor_all                     ? 
# 
_struct.entry_id                  2UV5 
_struct.title                     
'Crystal Structure of a CBS domain pair from the regulatory gamma1 subunit of human AMPK in complex with AMP' 
_struct.pdbx_model_details        ? 
_struct.pdbx_CASP_flag            ? 
_struct.pdbx_model_type_details   ? 
# 
_struct_keywords.entry_id        2UV5 
_struct_keywords.pdbx_keywords   TRANSFERASE 
_struct_keywords.text            
'TRANSFERASE, CBS DOMAIN, LIPID SYNTHESIS, FATTY ACID BIOSYNTHESIS, AMPK GAMMA1 SUBUNIT CBS 3 PLUS 4 AMP REGULATORY SUBUNIT.A' 
# 
loop_
_struct_asym.id 
_struct_asym.pdbx_blank_PDB_chainid_flag 
_struct_asym.pdbx_modified 
_struct_asym.entity_id 
_struct_asym.details 
A N N 1 ? 
B N N 2 ? 
C N N 3 ? 
# 
loop_
_struct_ref.id 
_struct_ref.db_name 
_struct_ref.db_code 
_struct_ref.entity_id 
_struct_ref.pdbx_seq_one_letter_code 
_struct_ref.pdbx_align_begin 
_struct_ref.pdbx_db_accession 
_struct_ref.pdbx_db_isoform 
1 PDB 2UV5        1 ? ? 2UV5   ? 
2 UNP AAKG1_HUMAN 1 ? ? P54619 ? 
# 
loop_
_struct_ref_seq.align_id 
_struct_ref_seq.ref_id 
_struct_ref_seq.pdbx_PDB_id_code 
_struct_ref_seq.pdbx_strand_id 
_struct_ref_seq.seq_align_beg 
_struct_ref_seq.pdbx_seq_align_beg_ins_code 
_struct_ref_seq.seq_align_end 
_struct_ref_seq.pdbx_seq_align_end_ins_code 
_struct_ref_seq.pdbx_db_accession 
_struct_ref_seq.db_align_beg 
_struct_ref_seq.pdbx_db_align_beg_ins_code 
_struct_ref_seq.db_align_end 
_struct_ref_seq.pdbx_db_align_end_ins_code 
_struct_ref_seq.pdbx_auth_seq_align_beg 
_struct_ref_seq.pdbx_auth_seq_align_end 
1 1 2UV5 A 1 ? 8   ? 2UV5   -8  ? -1  ? -8  -1  
2 2 2UV5 A 9 ? 152 ? P54619 182 ? 325 ? 182 325 
# 
_pdbx_struct_assembly.id                   1 
_pdbx_struct_assembly.details              author_and_software_defined_assembly 
_pdbx_struct_assembly.method_details       PQS 
_pdbx_struct_assembly.oligomeric_details   dimeric 
_pdbx_struct_assembly.oligomeric_count     2 
# 
_pdbx_struct_assembly_gen.assembly_id       1 
_pdbx_struct_assembly_gen.oper_expression   1,2 
_pdbx_struct_assembly_gen.asym_id_list      A,B,C 
# 
loop_
_pdbx_struct_oper_list.id 
_pdbx_struct_oper_list.type 
_pdbx_struct_oper_list.name 
_pdbx_struct_oper_list.symmetry_operation 
_pdbx_struct_oper_list.matrix[1][1] 
_pdbx_struct_oper_list.matrix[1][2] 
_pdbx_struct_oper_list.matrix[1][3] 
_pdbx_struct_oper_list.vector[1] 
_pdbx_struct_oper_list.matrix[2][1] 
_pdbx_struct_oper_list.matrix[2][2] 
_pdbx_struct_oper_list.matrix[2][3] 
_pdbx_struct_oper_list.vector[2] 
_pdbx_struct_oper_list.matrix[3][1] 
_pdbx_struct_oper_list.matrix[3][2] 
_pdbx_struct_oper_list.matrix[3][3] 
_pdbx_struct_oper_list.vector[3] 
1 'identity operation'         1_555 x,y,z       1.0000000000  0.0000000000  0.0000000000  0.0000000000  0.0000000000  1.0000000000 0.0000000000 0.0000000000 0.0000000000  0.0000000000 1.0000000000  0.0000000000  
2 'crystal symmetry operation' 2_656 -x+1,y,-z+1 -0.8746625875 -0.4119136687 -0.2555239471 18.6688840476 -0.4119136687 0.3537288435 0.8397636780 8.8155018828 -0.2555239471 0.8397636780 -0.4790662559 -5.0536011042 
# 
_struct_biol.id   1 
# 
loop_
_struct_conf.conf_type_id 
_struct_conf.id 
_struct_conf.pdbx_PDB_helix_id 
_struct_conf.beg_label_comp_id 
_struct_conf.beg_label_asym_id 
_struct_conf.beg_label_seq_id 
_struct_conf.pdbx_beg_PDB_ins_code 
_struct_conf.end_label_comp_id 
_struct_conf.end_label_asym_id 
_struct_conf.end_label_seq_id 
_struct_conf.pdbx_end_PDB_ins_code 
_struct_conf.beg_auth_comp_id 
_struct_conf.beg_auth_asym_id 
_struct_conf.beg_auth_seq_id 
_struct_conf.end_auth_comp_id 
_struct_conf.end_auth_asym_id 
_struct_conf.end_auth_seq_id 
_struct_conf.pdbx_PDB_helix_class 
_struct_conf.details 
_struct_conf.pdbx_PDB_helix_length 
HELX_P HELX_P1 1 LYS A 12  ? SER A 17  ? LYS A 185 SER A 190 1 ? 6  
HELX_P HELX_P2 2 SER A 19  ? GLN A 24  ? SER A 192 GLN A 197 1 ? 6  
HELX_P HELX_P3 3 PRO A 39  ? ARG A 51  ? PRO A 212 ARG A 224 1 ? 13 
HELX_P HELX_P4 4 LYS A 70  ? GLU A 79  ? LYS A 243 GLU A 252 1 ? 10 
HELX_P HELX_P5 5 VAL A 89  ? HIS A 95  ? VAL A 262 HIS A 268 5 ? 7  
HELX_P HELX_P6 6 THR A 111 ? GLU A 123 ? THR A 284 GLU A 296 1 ? 13 
HELX_P HELX_P7 7 LEU A 142 ? VAL A 150 ? LEU A 315 VAL A 323 1 ? 9  
# 
_struct_conf_type.id          HELX_P 
_struct_conf_type.criteria    ? 
_struct_conf_type.reference   ? 
# 
_struct_mon_prot_cis.pdbx_id                1 
_struct_mon_prot_cis.label_comp_id          PHE 
_struct_mon_prot_cis.label_seq_id           10 
_struct_mon_prot_cis.label_asym_id          A 
_struct_mon_prot_cis.label_alt_id           . 
_struct_mon_prot_cis.pdbx_PDB_ins_code      ? 
_struct_mon_prot_cis.auth_comp_id           PHE 
_struct_mon_prot_cis.auth_seq_id            183 
_struct_mon_prot_cis.auth_asym_id           A 
_struct_mon_prot_cis.pdbx_label_comp_id_2   PRO 
_struct_mon_prot_cis.pdbx_label_seq_id_2    11 
_struct_mon_prot_cis.pdbx_label_asym_id_2   A 
_struct_mon_prot_cis.pdbx_PDB_ins_code_2    ? 
_struct_mon_prot_cis.pdbx_auth_comp_id_2    PRO 
_struct_mon_prot_cis.pdbx_auth_seq_id_2     184 
_struct_mon_prot_cis.pdbx_auth_asym_id_2    A 
_struct_mon_prot_cis.pdbx_PDB_model_num     1 
_struct_mon_prot_cis.pdbx_omega_angle       -3.52 
# 
loop_
_struct_sheet.id 
_struct_sheet.type 
_struct_sheet.number_strands 
_struct_sheet.details 
AA ? 3 ? 
AB ? 3 ? 
# 
loop_
_struct_sheet_order.sheet_id 
_struct_sheet_order.range_id_1 
_struct_sheet_order.range_id_2 
_struct_sheet_order.offset 
_struct_sheet_order.sense 
AA 1 2 ? parallel      
AA 2 3 ? anti-parallel 
AB 1 2 ? parallel      
AB 2 3 ? anti-parallel 
# 
loop_
_struct_sheet_range.sheet_id 
_struct_sheet_range.id 
_struct_sheet_range.beg_label_comp_id 
_struct_sheet_range.beg_label_asym_id 
_struct_sheet_range.beg_label_seq_id 
_struct_sheet_range.pdbx_beg_PDB_ins_code 
_struct_sheet_range.end_label_comp_id 
_struct_sheet_range.end_label_asym_id 
_struct_sheet_range.end_label_seq_id 
_struct_sheet_range.pdbx_end_PDB_ins_code 
_struct_sheet_range.beg_auth_comp_id 
_struct_sheet_range.beg_auth_asym_id 
_struct_sheet_range.beg_auth_seq_id 
_struct_sheet_range.end_auth_comp_id 
_struct_sheet_range.end_auth_asym_id 
_struct_sheet_range.end_auth_seq_id 
AA 1 VAL A 34  ? ARG A 35  ? VAL A 207 ARG A 208 
AA 2 ALA A 54  ? VAL A 58  ? ALA A 227 VAL A 231 
AA 3 VAL A 64  ? SER A 69  ? VAL A 237 SER A 242 
AB 1 LYS A 105 ? CYS A 106 ? LYS A 278 CYS A 279 
AB 2 ARG A 126 ? VAL A 130 ? ARG A 299 VAL A 303 
AB 3 VAL A 136 ? SER A 141 ? VAL A 309 SER A 314 
# 
loop_
_pdbx_struct_sheet_hbond.sheet_id 
_pdbx_struct_sheet_hbond.range_id_1 
_pdbx_struct_sheet_hbond.range_id_2 
_pdbx_struct_sheet_hbond.range_1_label_atom_id 
_pdbx_struct_sheet_hbond.range_1_label_comp_id 
_pdbx_struct_sheet_hbond.range_1_label_asym_id 
_pdbx_struct_sheet_hbond.range_1_label_seq_id 
_pdbx_struct_sheet_hbond.range_1_PDB_ins_code 
_pdbx_struct_sheet_hbond.range_1_auth_atom_id 
_pdbx_struct_sheet_hbond.range_1_auth_comp_id 
_pdbx_struct_sheet_hbond.range_1_auth_asym_id 
_pdbx_struct_sheet_hbond.range_1_auth_seq_id 
_pdbx_struct_sheet_hbond.range_2_label_atom_id 
_pdbx_struct_sheet_hbond.range_2_label_comp_id 
_pdbx_struct_sheet_hbond.range_2_label_asym_id 
_pdbx_struct_sheet_hbond.range_2_label_seq_id 
_pdbx_struct_sheet_hbond.range_2_PDB_ins_code 
_pdbx_struct_sheet_hbond.range_2_auth_atom_id 
_pdbx_struct_sheet_hbond.range_2_auth_comp_id 
_pdbx_struct_sheet_hbond.range_2_auth_asym_id 
_pdbx_struct_sheet_hbond.range_2_auth_seq_id 
AA 1 2 N VAL A 34  ? N VAL A 207 O PRO A 56  ? O PRO A 229 
AA 2 3 O VAL A 57  ? O VAL A 230 N VAL A 65  ? N VAL A 238 
AB 1 2 N CYS A 106 ? N CYS A 279 O VAL A 128 ? O VAL A 301 
AB 2 3 O VAL A 129 ? O VAL A 302 N LYS A 137 ? N LYS A 310 
# 
_struct_site.id                   AC1 
_struct_site.pdbx_evidence_code   Software 
_struct_site.pdbx_auth_asym_id    ? 
_struct_site.pdbx_auth_comp_id    ? 
_struct_site.pdbx_auth_seq_id     ? 
_struct_site.pdbx_auth_ins_code   ? 
_struct_site.pdbx_num_residues    21 
_struct_site.details              'BINDING SITE FOR RESIDUE AMZ A1324' 
# 
loop_
_struct_site_gen.id 
_struct_site_gen.site_id 
_struct_site_gen.pdbx_num_res 
_struct_site_gen.label_comp_id 
_struct_site_gen.label_asym_id 
_struct_site_gen.label_seq_id 
_struct_site_gen.pdbx_auth_ins_code 
_struct_site_gen.auth_comp_id 
_struct_site_gen.auth_asym_id 
_struct_site_gen.auth_seq_id 
_struct_site_gen.label_atom_id 
_struct_site_gen.label_alt_id 
_struct_site_gen.symmetry 
_struct_site_gen.details 
1  AC1 21 THR A 27  ? THR A 200  . ? 1_555 ? 
2  AC1 21 ILE A 31  ? ILE A 204  . ? 1_555 ? 
3  AC1 21 ALA A 32  ? ALA A 205  . ? 1_555 ? 
4  AC1 21 VAL A 52  ? VAL A 225  . ? 1_555 ? 
5  AC1 21 SER A 53  ? SER A 226  . ? 1_555 ? 
6  AC1 21 ALA A 54  ? ALA A 227  . ? 1_555 ? 
7  AC1 21 ILE A 139 ? ILE A 312  . ? 1_555 ? 
8  AC1 21 SER A 141 ? SER A 314  . ? 1_555 ? 
9  AC1 21 SER A 143 ? SER A 316  . ? 1_555 ? 
10 AC1 21 ASP A 144 ? ASP A 317  . ? 1_555 ? 
11 AC1 21 HOH C .   ? HOH A 2059 . ? 1_555 ? 
12 AC1 21 HOH C .   ? HOH A 2060 . ? 1_555 ? 
13 AC1 21 HOH C .   ? HOH A 2249 . ? 1_555 ? 
14 AC1 21 HOH C .   ? HOH A 2250 . ? 1_555 ? 
15 AC1 21 HOH C .   ? HOH A 2251 . ? 1_555 ? 
16 AC1 21 HOH C .   ? HOH A 2252 . ? 1_555 ? 
17 AC1 21 HOH C .   ? HOH A 2253 . ? 1_555 ? 
18 AC1 21 HOH C .   ? HOH A 2254 . ? 1_555 ? 
19 AC1 21 HOH C .   ? HOH A 2256 . ? 1_555 ? 
20 AC1 21 HOH C .   ? HOH A 2257 . ? 1_555 ? 
21 AC1 21 HOH C .   ? HOH A 2258 . ? 1_555 ? 
# 
loop_
_pdbx_validate_close_contact.id 
_pdbx_validate_close_contact.PDB_model_num 
_pdbx_validate_close_contact.auth_atom_id_1 
_pdbx_validate_close_contact.auth_asym_id_1 
_pdbx_validate_close_contact.auth_comp_id_1 
_pdbx_validate_close_contact.auth_seq_id_1 
_pdbx_validate_close_contact.PDB_ins_code_1 
_pdbx_validate_close_contact.label_alt_id_1 
_pdbx_validate_close_contact.auth_atom_id_2 
_pdbx_validate_close_contact.auth_asym_id_2 
_pdbx_validate_close_contact.auth_comp_id_2 
_pdbx_validate_close_contact.auth_seq_id_2 
_pdbx_validate_close_contact.PDB_ins_code_2 
_pdbx_validate_close_contact.label_alt_id_2 
_pdbx_validate_close_contact.dist 
1 1 O   A HOH 2088 ? ? O A HOH 2245 ? ? 1.94 
2 1 OD1 A ASN 306  ? ? O A HOH 2228 ? ? 1.98 
3 1 O   A HOH 2021 ? ? O A HOH 2088 ? ? 2.15 
4 1 O   A HOH 2021 ? ? O A HOH 2087 ? ? 2.18 
# 
loop_
_pdbx_validate_torsion.id 
_pdbx_validate_torsion.PDB_model_num 
_pdbx_validate_torsion.auth_comp_id 
_pdbx_validate_torsion.auth_asym_id 
_pdbx_validate_torsion.auth_seq_id 
_pdbx_validate_torsion.PDB_ins_code 
_pdbx_validate_torsion.label_alt_id 
_pdbx_validate_torsion.phi 
_pdbx_validate_torsion.psi 
1 1 ARG A 224 ? ? 64.51  62.65  
2 1 ASP A 259 ? ? -92.50 50.44  
3 1 LEU A 322 ? ? -48.47 -18.19 
# 
_pdbx_validate_polymer_linkage.id               1 
_pdbx_validate_polymer_linkage.PDB_model_num    1 
_pdbx_validate_polymer_linkage.auth_atom_id_1   C 
_pdbx_validate_polymer_linkage.auth_asym_id_1   A 
_pdbx_validate_polymer_linkage.auth_comp_id_1   HIS 
_pdbx_validate_polymer_linkage.auth_seq_id_1    -1 
_pdbx_validate_polymer_linkage.PDB_ins_code_1   ? 
_pdbx_validate_polymer_linkage.label_alt_id_1   ? 
_pdbx_validate_polymer_linkage.auth_atom_id_2   N 
_pdbx_validate_polymer_linkage.auth_asym_id_2   A 
_pdbx_validate_polymer_linkage.auth_comp_id_2   GLU 
_pdbx_validate_polymer_linkage.auth_seq_id_2    182 
_pdbx_validate_polymer_linkage.PDB_ins_code_2   ? 
_pdbx_validate_polymer_linkage.label_alt_id_2   ? 
_pdbx_validate_polymer_linkage.dist             1.73 
# 
_pdbx_struct_special_symmetry.id              1 
_pdbx_struct_special_symmetry.PDB_model_num   1 
_pdbx_struct_special_symmetry.auth_asym_id    A 
_pdbx_struct_special_symmetry.auth_comp_id    HOH 
_pdbx_struct_special_symmetry.auth_seq_id     2227 
_pdbx_struct_special_symmetry.PDB_ins_code    ? 
_pdbx_struct_special_symmetry.label_asym_id   C 
_pdbx_struct_special_symmetry.label_comp_id   HOH 
_pdbx_struct_special_symmetry.label_seq_id    . 
# 
loop_
_pdbx_distant_solvent_atoms.id 
_pdbx_distant_solvent_atoms.PDB_model_num 
_pdbx_distant_solvent_atoms.auth_atom_id 
_pdbx_distant_solvent_atoms.label_alt_id 
_pdbx_distant_solvent_atoms.auth_asym_id 
_pdbx_distant_solvent_atoms.auth_comp_id 
_pdbx_distant_solvent_atoms.auth_seq_id 
_pdbx_distant_solvent_atoms.PDB_ins_code 
_pdbx_distant_solvent_atoms.neighbor_macromolecule_distance 
_pdbx_distant_solvent_atoms.neighbor_ligand_distance 
1  1 O ? A HOH 2006 ? 5.90 . 
2  1 O ? A HOH 2008 ? 6.78 . 
3  1 O ? A HOH 2137 ? 6.04 . 
4  1 O ? A HOH 2141 ? 5.81 . 
5  1 O ? A HOH 2146 ? 6.21 . 
6  1 O ? A HOH 2151 ? 6.35 . 
7  1 O ? A HOH 2169 ? 6.73 . 
8  1 O ? A HOH 2173 ? 7.30 . 
9  1 O ? A HOH 2184 ? 7.05 . 
10 1 O ? A HOH 2185 ? 7.20 . 
11 1 O ? A HOH 2189 ? 6.27 . 
12 1 O ? A HOH 2206 ? 6.95 . 
# 
loop_
_pdbx_unobs_or_zero_occ_residues.id 
_pdbx_unobs_or_zero_occ_residues.PDB_model_num 
_pdbx_unobs_or_zero_occ_residues.polymer_flag 
_pdbx_unobs_or_zero_occ_residues.occupancy_flag 
_pdbx_unobs_or_zero_occ_residues.auth_asym_id 
_pdbx_unobs_or_zero_occ_residues.auth_comp_id 
_pdbx_unobs_or_zero_occ_residues.auth_seq_id 
_pdbx_unobs_or_zero_occ_residues.PDB_ins_code 
_pdbx_unobs_or_zero_occ_residues.label_asym_id 
_pdbx_unobs_or_zero_occ_residues.label_comp_id 
_pdbx_unobs_or_zero_occ_residues.label_seq_id 
1 1 Y 1 A MET -8  ? A MET 1   
2 1 Y 1 A ALA -7  ? A ALA 2   
3 1 Y 1 A HIS -6  ? A HIS 3   
4 1 Y 1 A HIS -5  ? A HIS 4   
5 1 Y 1 A HIS -4  ? A HIS 5   
6 1 Y 1 A HIS -3  ? A HIS 6   
7 1 Y 1 A HIS -2  ? A HIS 7   
8 1 Y 1 A THR 325 ? A THR 152 
# 
loop_
_chem_comp_atom.comp_id 
_chem_comp_atom.atom_id 
_chem_comp_atom.type_symbol 
_chem_comp_atom.pdbx_aromatic_flag 
_chem_comp_atom.pdbx_stereo_config 
_chem_comp_atom.pdbx_ordinal 
ALA N    N N N 1   
ALA CA   C N S 2   
ALA C    C N N 3   
ALA O    O N N 4   
ALA CB   C N N 5   
ALA OXT  O N N 6   
ALA H    H N N 7   
ALA H2   H N N 8   
ALA HA   H N N 9   
ALA HB1  H N N 10  
ALA HB2  H N N 11  
ALA HB3  H N N 12  
ALA HXT  H N N 13  
AMZ O5   O N N 14  
AMZ C6   C N N 15  
AMZ N2   N N N 16  
AMZ C3A  C Y N 17  
AMZ C7A  C Y N 18  
AMZ N3   N N N 19  
AMZ N1   N Y N 20  
AMZ C5   C Y N 21  
AMZ N    N Y N 22  
AMZ C1   C N R 23  
AMZ C2   C N R 24  
AMZ C3   C N S 25  
AMZ O2   O N N 26  
AMZ O1   O N N 27  
AMZ O    O N N 28  
AMZ C    C N R 29  
AMZ C4   C N N 30  
AMZ O3   O N N 31  
AMZ P    P N N 32  
AMZ OP1  O N N 33  
AMZ O4   O N N 34  
AMZ OP2  O N N 35  
AMZ H11  H N N 36  
AMZ H12  H N N 37  
AMZ H9   H N N 38  
AMZ H10  H N N 39  
AMZ H13  H N N 40  
AMZ H2   H N N 41  
AMZ H3   H N N 42  
AMZ H4   H N N 43  
AMZ H5   H N N 44  
AMZ H1   H N N 45  
AMZ H6   H N N 46  
AMZ H7   H N N 47  
AMZ H8   H N N 48  
AMZ H15  H N N 49  
AMZ H14  H N N 50  
ARG N    N N N 51  
ARG CA   C N S 52  
ARG C    C N N 53  
ARG O    O N N 54  
ARG CB   C N N 55  
ARG CG   C N N 56  
ARG CD   C N N 57  
ARG NE   N N N 58  
ARG CZ   C N N 59  
ARG NH1  N N N 60  
ARG NH2  N N N 61  
ARG OXT  O N N 62  
ARG H    H N N 63  
ARG H2   H N N 64  
ARG HA   H N N 65  
ARG HB2  H N N 66  
ARG HB3  H N N 67  
ARG HG2  H N N 68  
ARG HG3  H N N 69  
ARG HD2  H N N 70  
ARG HD3  H N N 71  
ARG HE   H N N 72  
ARG HH11 H N N 73  
ARG HH12 H N N 74  
ARG HH21 H N N 75  
ARG HH22 H N N 76  
ARG HXT  H N N 77  
ASN N    N N N 78  
ASN CA   C N S 79  
ASN C    C N N 80  
ASN O    O N N 81  
ASN CB   C N N 82  
ASN CG   C N N 83  
ASN OD1  O N N 84  
ASN ND2  N N N 85  
ASN OXT  O N N 86  
ASN H    H N N 87  
ASN H2   H N N 88  
ASN HA   H N N 89  
ASN HB2  H N N 90  
ASN HB3  H N N 91  
ASN HD21 H N N 92  
ASN HD22 H N N 93  
ASN HXT  H N N 94  
ASP N    N N N 95  
ASP CA   C N S 96  
ASP C    C N N 97  
ASP O    O N N 98  
ASP CB   C N N 99  
ASP CG   C N N 100 
ASP OD1  O N N 101 
ASP OD2  O N N 102 
ASP OXT  O N N 103 
ASP H    H N N 104 
ASP H2   H N N 105 
ASP HA   H N N 106 
ASP HB2  H N N 107 
ASP HB3  H N N 108 
ASP HD2  H N N 109 
ASP HXT  H N N 110 
CYS N    N N N 111 
CYS CA   C N R 112 
CYS C    C N N 113 
CYS O    O N N 114 
CYS CB   C N N 115 
CYS SG   S N N 116 
CYS OXT  O N N 117 
CYS H    H N N 118 
CYS H2   H N N 119 
CYS HA   H N N 120 
CYS HB2  H N N 121 
CYS HB3  H N N 122 
CYS HG   H N N 123 
CYS HXT  H N N 124 
GLN N    N N N 125 
GLN CA   C N S 126 
GLN C    C N N 127 
GLN O    O N N 128 
GLN CB   C N N 129 
GLN CG   C N N 130 
GLN CD   C N N 131 
GLN OE1  O N N 132 
GLN NE2  N N N 133 
GLN OXT  O N N 134 
GLN H    H N N 135 
GLN H2   H N N 136 
GLN HA   H N N 137 
GLN HB2  H N N 138 
GLN HB3  H N N 139 
GLN HG2  H N N 140 
GLN HG3  H N N 141 
GLN HE21 H N N 142 
GLN HE22 H N N 143 
GLN HXT  H N N 144 
GLU N    N N N 145 
GLU CA   C N S 146 
GLU C    C N N 147 
GLU O    O N N 148 
GLU CB   C N N 149 
GLU CG   C N N 150 
GLU CD   C N N 151 
GLU OE1  O N N 152 
GLU OE2  O N N 153 
GLU OXT  O N N 154 
GLU H    H N N 155 
GLU H2   H N N 156 
GLU HA   H N N 157 
GLU HB2  H N N 158 
GLU HB3  H N N 159 
GLU HG2  H N N 160 
GLU HG3  H N N 161 
GLU HE2  H N N 162 
GLU HXT  H N N 163 
GLY N    N N N 164 
GLY CA   C N N 165 
GLY C    C N N 166 
GLY O    O N N 167 
GLY OXT  O N N 168 
GLY H    H N N 169 
GLY H2   H N N 170 
GLY HA2  H N N 171 
GLY HA3  H N N 172 
GLY HXT  H N N 173 
HIS N    N N N 174 
HIS CA   C N S 175 
HIS C    C N N 176 
HIS O    O N N 177 
HIS CB   C N N 178 
HIS CG   C Y N 179 
HIS ND1  N Y N 180 
HIS CD2  C Y N 181 
HIS CE1  C Y N 182 
HIS NE2  N Y N 183 
HIS OXT  O N N 184 
HIS H    H N N 185 
HIS H2   H N N 186 
HIS HA   H N N 187 
HIS HB2  H N N 188 
HIS HB3  H N N 189 
HIS HD1  H N N 190 
HIS HD2  H N N 191 
HIS HE1  H N N 192 
HIS HE2  H N N 193 
HIS HXT  H N N 194 
HOH O    O N N 195 
HOH H1   H N N 196 
HOH H2   H N N 197 
ILE N    N N N 198 
ILE CA   C N S 199 
ILE C    C N N 200 
ILE O    O N N 201 
ILE CB   C N S 202 
ILE CG1  C N N 203 
ILE CG2  C N N 204 
ILE CD1  C N N 205 
ILE OXT  O N N 206 
ILE H    H N N 207 
ILE H2   H N N 208 
ILE HA   H N N 209 
ILE HB   H N N 210 
ILE HG12 H N N 211 
ILE HG13 H N N 212 
ILE HG21 H N N 213 
ILE HG22 H N N 214 
ILE HG23 H N N 215 
ILE HD11 H N N 216 
ILE HD12 H N N 217 
ILE HD13 H N N 218 
ILE HXT  H N N 219 
LEU N    N N N 220 
LEU CA   C N S 221 
LEU C    C N N 222 
LEU O    O N N 223 
LEU CB   C N N 224 
LEU CG   C N N 225 
LEU CD1  C N N 226 
LEU CD2  C N N 227 
LEU OXT  O N N 228 
LEU H    H N N 229 
LEU H2   H N N 230 
LEU HA   H N N 231 
LEU HB2  H N N 232 
LEU HB3  H N N 233 
LEU HG   H N N 234 
LEU HD11 H N N 235 
LEU HD12 H N N 236 
LEU HD13 H N N 237 
LEU HD21 H N N 238 
LEU HD22 H N N 239 
LEU HD23 H N N 240 
LEU HXT  H N N 241 
LYS N    N N N 242 
LYS CA   C N S 243 
LYS C    C N N 244 
LYS O    O N N 245 
LYS CB   C N N 246 
LYS CG   C N N 247 
LYS CD   C N N 248 
LYS CE   C N N 249 
LYS NZ   N N N 250 
LYS OXT  O N N 251 
LYS H    H N N 252 
LYS H2   H N N 253 
LYS HA   H N N 254 
LYS HB2  H N N 255 
LYS HB3  H N N 256 
LYS HG2  H N N 257 
LYS HG3  H N N 258 
LYS HD2  H N N 259 
LYS HD3  H N N 260 
LYS HE2  H N N 261 
LYS HE3  H N N 262 
LYS HZ1  H N N 263 
LYS HZ2  H N N 264 
LYS HZ3  H N N 265 
LYS HXT  H N N 266 
MET N    N N N 267 
MET CA   C N S 268 
MET C    C N N 269 
MET O    O N N 270 
MET CB   C N N 271 
MET CG   C N N 272 
MET SD   S N N 273 
MET CE   C N N 274 
MET OXT  O N N 275 
MET H    H N N 276 
MET H2   H N N 277 
MET HA   H N N 278 
MET HB2  H N N 279 
MET HB3  H N N 280 
MET HG2  H N N 281 
MET HG3  H N N 282 
MET HE1  H N N 283 
MET HE2  H N N 284 
MET HE3  H N N 285 
MET HXT  H N N 286 
PHE N    N N N 287 
PHE CA   C N S 288 
PHE C    C N N 289 
PHE O    O N N 290 
PHE CB   C N N 291 
PHE CG   C Y N 292 
PHE CD1  C Y N 293 
PHE CD2  C Y N 294 
PHE CE1  C Y N 295 
PHE CE2  C Y N 296 
PHE CZ   C Y N 297 
PHE OXT  O N N 298 
PHE H    H N N 299 
PHE H2   H N N 300 
PHE HA   H N N 301 
PHE HB2  H N N 302 
PHE HB3  H N N 303 
PHE HD1  H N N 304 
PHE HD2  H N N 305 
PHE HE1  H N N 306 
PHE HE2  H N N 307 
PHE HZ   H N N 308 
PHE HXT  H N N 309 
PRO N    N N N 310 
PRO CA   C N S 311 
PRO C    C N N 312 
PRO O    O N N 313 
PRO CB   C N N 314 
PRO CG   C N N 315 
PRO CD   C N N 316 
PRO OXT  O N N 317 
PRO H    H N N 318 
PRO HA   H N N 319 
PRO HB2  H N N 320 
PRO HB3  H N N 321 
PRO HG2  H N N 322 
PRO HG3  H N N 323 
PRO HD2  H N N 324 
PRO HD3  H N N 325 
PRO HXT  H N N 326 
SER N    N N N 327 
SER CA   C N S 328 
SER C    C N N 329 
SER O    O N N 330 
SER CB   C N N 331 
SER OG   O N N 332 
SER OXT  O N N 333 
SER H    H N N 334 
SER H2   H N N 335 
SER HA   H N N 336 
SER HB2  H N N 337 
SER HB3  H N N 338 
SER HG   H N N 339 
SER HXT  H N N 340 
THR N    N N N 341 
THR CA   C N S 342 
THR C    C N N 343 
THR O    O N N 344 
THR CB   C N R 345 
THR OG1  O N N 346 
THR CG2  C N N 347 
THR OXT  O N N 348 
THR H    H N N 349 
THR H2   H N N 350 
THR HA   H N N 351 
THR HB   H N N 352 
THR HG1  H N N 353 
THR HG21 H N N 354 
THR HG22 H N N 355 
THR HG23 H N N 356 
THR HXT  H N N 357 
TYR N    N N N 358 
TYR CA   C N S 359 
TYR C    C N N 360 
TYR O    O N N 361 
TYR CB   C N N 362 
TYR CG   C Y N 363 
TYR CD1  C Y N 364 
TYR CD2  C Y N 365 
TYR CE1  C Y N 366 
TYR CE2  C Y N 367 
TYR CZ   C Y N 368 
TYR OH   O N N 369 
TYR OXT  O N N 370 
TYR H    H N N 371 
TYR H2   H N N 372 
TYR HA   H N N 373 
TYR HB2  H N N 374 
TYR HB3  H N N 375 
TYR HD1  H N N 376 
TYR HD2  H N N 377 
TYR HE1  H N N 378 
TYR HE2  H N N 379 
TYR HH   H N N 380 
TYR HXT  H N N 381 
VAL N    N N N 382 
VAL CA   C N S 383 
VAL C    C N N 384 
VAL O    O N N 385 
VAL CB   C N N 386 
VAL CG1  C N N 387 
VAL CG2  C N N 388 
VAL OXT  O N N 389 
VAL H    H N N 390 
VAL H2   H N N 391 
VAL HA   H N N 392 
VAL HB   H N N 393 
VAL HG11 H N N 394 
VAL HG12 H N N 395 
VAL HG13 H N N 396 
VAL HG21 H N N 397 
VAL HG22 H N N 398 
VAL HG23 H N N 399 
VAL HXT  H N N 400 
# 
loop_
_chem_comp_bond.comp_id 
_chem_comp_bond.atom_id_1 
_chem_comp_bond.atom_id_2 
_chem_comp_bond.value_order 
_chem_comp_bond.pdbx_aromatic_flag 
_chem_comp_bond.pdbx_stereo_config 
_chem_comp_bond.pdbx_ordinal 
ALA N   CA   sing N N 1   
ALA N   H    sing N N 2   
ALA N   H2   sing N N 3   
ALA CA  C    sing N N 4   
ALA CA  CB   sing N N 5   
ALA CA  HA   sing N N 6   
ALA C   O    doub N N 7   
ALA C   OXT  sing N N 8   
ALA CB  HB1  sing N N 9   
ALA CB  HB2  sing N N 10  
ALA CB  HB3  sing N N 11  
ALA OXT HXT  sing N N 12  
AMZ O5  C6   doub N N 13  
AMZ C6  N2   sing N N 14  
AMZ C6  C3A  sing N N 15  
AMZ N2  H11  sing N N 16  
AMZ N2  H12  sing N N 17  
AMZ C3A C7A  doub Y N 18  
AMZ C3A N1   sing Y N 19  
AMZ C7A N3   sing N N 20  
AMZ C7A N    sing Y N 21  
AMZ N3  H9   sing N N 22  
AMZ N3  H10  sing N N 23  
AMZ N1  C5   doub Y N 24  
AMZ C5  N    sing Y N 25  
AMZ C5  H13  sing N N 26  
AMZ N   C1   sing N N 27  
AMZ C1  C2   sing N N 28  
AMZ C1  O    sing N N 29  
AMZ C1  H2   sing N N 30  
AMZ C2  C3   sing N N 31  
AMZ C2  O1   sing N N 32  
AMZ C2  H3   sing N N 33  
AMZ C3  O2   sing N N 34  
AMZ C3  C    sing N N 35  
AMZ C3  H4   sing N N 36  
AMZ O2  H5   sing N N 37  
AMZ O1  H1   sing N N 38  
AMZ O   C    sing N N 39  
AMZ C   C4   sing N N 40  
AMZ C   H6   sing N N 41  
AMZ C4  O3   sing N N 42  
AMZ C4  H7   sing N N 43  
AMZ C4  H8   sing N N 44  
AMZ O3  P    sing N N 45  
AMZ P   OP1  sing N N 46  
AMZ P   O4   sing N N 47  
AMZ P   OP2  doub N N 48  
AMZ OP1 H15  sing N N 49  
AMZ O4  H14  sing N N 50  
ARG N   CA   sing N N 51  
ARG N   H    sing N N 52  
ARG N   H2   sing N N 53  
ARG CA  C    sing N N 54  
ARG CA  CB   sing N N 55  
ARG CA  HA   sing N N 56  
ARG C   O    doub N N 57  
ARG C   OXT  sing N N 58  
ARG CB  CG   sing N N 59  
ARG CB  HB2  sing N N 60  
ARG CB  HB3  sing N N 61  
ARG CG  CD   sing N N 62  
ARG CG  HG2  sing N N 63  
ARG CG  HG3  sing N N 64  
ARG CD  NE   sing N N 65  
ARG CD  HD2  sing N N 66  
ARG CD  HD3  sing N N 67  
ARG NE  CZ   sing N N 68  
ARG NE  HE   sing N N 69  
ARG CZ  NH1  sing N N 70  
ARG CZ  NH2  doub N N 71  
ARG NH1 HH11 sing N N 72  
ARG NH1 HH12 sing N N 73  
ARG NH2 HH21 sing N N 74  
ARG NH2 HH22 sing N N 75  
ARG OXT HXT  sing N N 76  
ASN N   CA   sing N N 77  
ASN N   H    sing N N 78  
ASN N   H2   sing N N 79  
ASN CA  C    sing N N 80  
ASN CA  CB   sing N N 81  
ASN CA  HA   sing N N 82  
ASN C   O    doub N N 83  
ASN C   OXT  sing N N 84  
ASN CB  CG   sing N N 85  
ASN CB  HB2  sing N N 86  
ASN CB  HB3  sing N N 87  
ASN CG  OD1  doub N N 88  
ASN CG  ND2  sing N N 89  
ASN ND2 HD21 sing N N 90  
ASN ND2 HD22 sing N N 91  
ASN OXT HXT  sing N N 92  
ASP N   CA   sing N N 93  
ASP N   H    sing N N 94  
ASP N   H2   sing N N 95  
ASP CA  C    sing N N 96  
ASP CA  CB   sing N N 97  
ASP CA  HA   sing N N 98  
ASP C   O    doub N N 99  
ASP C   OXT  sing N N 100 
ASP CB  CG   sing N N 101 
ASP CB  HB2  sing N N 102 
ASP CB  HB3  sing N N 103 
ASP CG  OD1  doub N N 104 
ASP CG  OD2  sing N N 105 
ASP OD2 HD2  sing N N 106 
ASP OXT HXT  sing N N 107 
CYS N   CA   sing N N 108 
CYS N   H    sing N N 109 
CYS N   H2   sing N N 110 
CYS CA  C    sing N N 111 
CYS CA  CB   sing N N 112 
CYS CA  HA   sing N N 113 
CYS C   O    doub N N 114 
CYS C   OXT  sing N N 115 
CYS CB  SG   sing N N 116 
CYS CB  HB2  sing N N 117 
CYS CB  HB3  sing N N 118 
CYS SG  HG   sing N N 119 
CYS OXT HXT  sing N N 120 
GLN N   CA   sing N N 121 
GLN N   H    sing N N 122 
GLN N   H2   sing N N 123 
GLN CA  C    sing N N 124 
GLN CA  CB   sing N N 125 
GLN CA  HA   sing N N 126 
GLN C   O    doub N N 127 
GLN C   OXT  sing N N 128 
GLN CB  CG   sing N N 129 
GLN CB  HB2  sing N N 130 
GLN CB  HB3  sing N N 131 
GLN CG  CD   sing N N 132 
GLN CG  HG2  sing N N 133 
GLN CG  HG3  sing N N 134 
GLN CD  OE1  doub N N 135 
GLN CD  NE2  sing N N 136 
GLN NE2 HE21 sing N N 137 
GLN NE2 HE22 sing N N 138 
GLN OXT HXT  sing N N 139 
GLU N   CA   sing N N 140 
GLU N   H    sing N N 141 
GLU N   H2   sing N N 142 
GLU CA  C    sing N N 143 
GLU CA  CB   sing N N 144 
GLU CA  HA   sing N N 145 
GLU C   O    doub N N 146 
GLU C   OXT  sing N N 147 
GLU CB  CG   sing N N 148 
GLU CB  HB2  sing N N 149 
GLU CB  HB3  sing N N 150 
GLU CG  CD   sing N N 151 
GLU CG  HG2  sing N N 152 
GLU CG  HG3  sing N N 153 
GLU CD  OE1  doub N N 154 
GLU CD  OE2  sing N N 155 
GLU OE2 HE2  sing N N 156 
GLU OXT HXT  sing N N 157 
GLY N   CA   sing N N 158 
GLY N   H    sing N N 159 
GLY N   H2   sing N N 160 
GLY CA  C    sing N N 161 
GLY CA  HA2  sing N N 162 
GLY CA  HA3  sing N N 163 
GLY C   O    doub N N 164 
GLY C   OXT  sing N N 165 
GLY OXT HXT  sing N N 166 
HIS N   CA   sing N N 167 
HIS N   H    sing N N 168 
HIS N   H2   sing N N 169 
HIS CA  C    sing N N 170 
HIS CA  CB   sing N N 171 
HIS CA  HA   sing N N 172 
HIS C   O    doub N N 173 
HIS C   OXT  sing N N 174 
HIS CB  CG   sing N N 175 
HIS CB  HB2  sing N N 176 
HIS CB  HB3  sing N N 177 
HIS CG  ND1  sing Y N 178 
HIS CG  CD2  doub Y N 179 
HIS ND1 CE1  doub Y N 180 
HIS ND1 HD1  sing N N 181 
HIS CD2 NE2  sing Y N 182 
HIS CD2 HD2  sing N N 183 
HIS CE1 NE2  sing Y N 184 
HIS CE1 HE1  sing N N 185 
HIS NE2 HE2  sing N N 186 
HIS OXT HXT  sing N N 187 
HOH O   H1   sing N N 188 
HOH O   H2   sing N N 189 
ILE N   CA   sing N N 190 
ILE N   H    sing N N 191 
ILE N   H2   sing N N 192 
ILE CA  C    sing N N 193 
ILE CA  CB   sing N N 194 
ILE CA  HA   sing N N 195 
ILE C   O    doub N N 196 
ILE C   OXT  sing N N 197 
ILE CB  CG1  sing N N 198 
ILE CB  CG2  sing N N 199 
ILE CB  HB   sing N N 200 
ILE CG1 CD1  sing N N 201 
ILE CG1 HG12 sing N N 202 
ILE CG1 HG13 sing N N 203 
ILE CG2 HG21 sing N N 204 
ILE CG2 HG22 sing N N 205 
ILE CG2 HG23 sing N N 206 
ILE CD1 HD11 sing N N 207 
ILE CD1 HD12 sing N N 208 
ILE CD1 HD13 sing N N 209 
ILE OXT HXT  sing N N 210 
LEU N   CA   sing N N 211 
LEU N   H    sing N N 212 
LEU N   H2   sing N N 213 
LEU CA  C    sing N N 214 
LEU CA  CB   sing N N 215 
LEU CA  HA   sing N N 216 
LEU C   O    doub N N 217 
LEU C   OXT  sing N N 218 
LEU CB  CG   sing N N 219 
LEU CB  HB2  sing N N 220 
LEU CB  HB3  sing N N 221 
LEU CG  CD1  sing N N 222 
LEU CG  CD2  sing N N 223 
LEU CG  HG   sing N N 224 
LEU CD1 HD11 sing N N 225 
LEU CD1 HD12 sing N N 226 
LEU CD1 HD13 sing N N 227 
LEU CD2 HD21 sing N N 228 
LEU CD2 HD22 sing N N 229 
LEU CD2 HD23 sing N N 230 
LEU OXT HXT  sing N N 231 
LYS N   CA   sing N N 232 
LYS N   H    sing N N 233 
LYS N   H2   sing N N 234 
LYS CA  C    sing N N 235 
LYS CA  CB   sing N N 236 
LYS CA  HA   sing N N 237 
LYS C   O    doub N N 238 
LYS C   OXT  sing N N 239 
LYS CB  CG   sing N N 240 
LYS CB  HB2  sing N N 241 
LYS CB  HB3  sing N N 242 
LYS CG  CD   sing N N 243 
LYS CG  HG2  sing N N 244 
LYS CG  HG3  sing N N 245 
LYS CD  CE   sing N N 246 
LYS CD  HD2  sing N N 247 
LYS CD  HD3  sing N N 248 
LYS CE  NZ   sing N N 249 
LYS CE  HE2  sing N N 250 
LYS CE  HE3  sing N N 251 
LYS NZ  HZ1  sing N N 252 
LYS NZ  HZ2  sing N N 253 
LYS NZ  HZ3  sing N N 254 
LYS OXT HXT  sing N N 255 
MET N   CA   sing N N 256 
MET N   H    sing N N 257 
MET N   H2   sing N N 258 
MET CA  C    sing N N 259 
MET CA  CB   sing N N 260 
MET CA  HA   sing N N 261 
MET C   O    doub N N 262 
MET C   OXT  sing N N 263 
MET CB  CG   sing N N 264 
MET CB  HB2  sing N N 265 
MET CB  HB3  sing N N 266 
MET CG  SD   sing N N 267 
MET CG  HG2  sing N N 268 
MET CG  HG3  sing N N 269 
MET SD  CE   sing N N 270 
MET CE  HE1  sing N N 271 
MET CE  HE2  sing N N 272 
MET CE  HE3  sing N N 273 
MET OXT HXT  sing N N 274 
PHE N   CA   sing N N 275 
PHE N   H    sing N N 276 
PHE N   H2   sing N N 277 
PHE CA  C    sing N N 278 
PHE CA  CB   sing N N 279 
PHE CA  HA   sing N N 280 
PHE C   O    doub N N 281 
PHE C   OXT  sing N N 282 
PHE CB  CG   sing N N 283 
PHE CB  HB2  sing N N 284 
PHE CB  HB3  sing N N 285 
PHE CG  CD1  doub Y N 286 
PHE CG  CD2  sing Y N 287 
PHE CD1 CE1  sing Y N 288 
PHE CD1 HD1  sing N N 289 
PHE CD2 CE2  doub Y N 290 
PHE CD2 HD2  sing N N 291 
PHE CE1 CZ   doub Y N 292 
PHE CE1 HE1  sing N N 293 
PHE CE2 CZ   sing Y N 294 
PHE CE2 HE2  sing N N 295 
PHE CZ  HZ   sing N N 296 
PHE OXT HXT  sing N N 297 
PRO N   CA   sing N N 298 
PRO N   CD   sing N N 299 
PRO N   H    sing N N 300 
PRO CA  C    sing N N 301 
PRO CA  CB   sing N N 302 
PRO CA  HA   sing N N 303 
PRO C   O    doub N N 304 
PRO C   OXT  sing N N 305 
PRO CB  CG   sing N N 306 
PRO CB  HB2  sing N N 307 
PRO CB  HB3  sing N N 308 
PRO CG  CD   sing N N 309 
PRO CG  HG2  sing N N 310 
PRO CG  HG3  sing N N 311 
PRO CD  HD2  sing N N 312 
PRO CD  HD3  sing N N 313 
PRO OXT HXT  sing N N 314 
SER N   CA   sing N N 315 
SER N   H    sing N N 316 
SER N   H2   sing N N 317 
SER CA  C    sing N N 318 
SER CA  CB   sing N N 319 
SER CA  HA   sing N N 320 
SER C   O    doub N N 321 
SER C   OXT  sing N N 322 
SER CB  OG   sing N N 323 
SER CB  HB2  sing N N 324 
SER CB  HB3  sing N N 325 
SER OG  HG   sing N N 326 
SER OXT HXT  sing N N 327 
THR N   CA   sing N N 328 
THR N   H    sing N N 329 
THR N   H2   sing N N 330 
THR CA  C    sing N N 331 
THR CA  CB   sing N N 332 
THR CA  HA   sing N N 333 
THR C   O    doub N N 334 
THR C   OXT  sing N N 335 
THR CB  OG1  sing N N 336 
THR CB  CG2  sing N N 337 
THR CB  HB   sing N N 338 
THR OG1 HG1  sing N N 339 
THR CG2 HG21 sing N N 340 
THR CG2 HG22 sing N N 341 
THR CG2 HG23 sing N N 342 
THR OXT HXT  sing N N 343 
TYR N   CA   sing N N 344 
TYR N   H    sing N N 345 
TYR N   H2   sing N N 346 
TYR CA  C    sing N N 347 
TYR CA  CB   sing N N 348 
TYR CA  HA   sing N N 349 
TYR C   O    doub N N 350 
TYR C   OXT  sing N N 351 
TYR CB  CG   sing N N 352 
TYR CB  HB2  sing N N 353 
TYR CB  HB3  sing N N 354 
TYR CG  CD1  doub Y N 355 
TYR CG  CD2  sing Y N 356 
TYR CD1 CE1  sing Y N 357 
TYR CD1 HD1  sing N N 358 
TYR CD2 CE2  doub Y N 359 
TYR CD2 HD2  sing N N 360 
TYR CE1 CZ   doub Y N 361 
TYR CE1 HE1  sing N N 362 
TYR CE2 CZ   sing Y N 363 
TYR CE2 HE2  sing N N 364 
TYR CZ  OH   sing N N 365 
TYR OH  HH   sing N N 366 
TYR OXT HXT  sing N N 367 
VAL N   CA   sing N N 368 
VAL N   H    sing N N 369 
VAL N   H2   sing N N 370 
VAL CA  C    sing N N 371 
VAL CA  CB   sing N N 372 
VAL CA  HA   sing N N 373 
VAL C   O    doub N N 374 
VAL C   OXT  sing N N 375 
VAL CB  CG1  sing N N 376 
VAL CB  CG2  sing N N 377 
VAL CB  HB   sing N N 378 
VAL CG1 HG11 sing N N 379 
VAL CG1 HG12 sing N N 380 
VAL CG1 HG13 sing N N 381 
VAL CG2 HG21 sing N N 382 
VAL CG2 HG22 sing N N 383 
VAL CG2 HG23 sing N N 384 
VAL OXT HXT  sing N N 385 
# 
_atom_sites.entry_id                    2UV5 
_atom_sites.fract_transf_matrix[1][1]   0.01084914 
_atom_sites.fract_transf_matrix[1][2]   -0.00447689 
_atom_sites.fract_transf_matrix[1][3]   0.01253854 
_atom_sites.fract_transf_matrix[2][1]   -0.00570443 
_atom_sites.fract_transf_matrix[2][2]   0.01874727 
_atom_sites.fract_transf_matrix[2][3]   0.01162956 
_atom_sites.fract_transf_matrix[3][1]   -0.00708421 
_atom_sites.fract_transf_matrix[3][2]   -0.01155635 
_atom_sites.fract_transf_matrix[3][3]   0.01515437 
_atom_sites.fract_transf_vector[1]      0.450139 
_atom_sites.fract_transf_vector[2]      0.357586 
_atom_sites.fract_transf_vector[3]      0.655363 
# 
loop_
_atom_type.symbol 
C 
N 
O 
P 
S 
# 
loop_
_atom_site.group_PDB 
_atom_site.id 
_atom_site.type_symbol 
_atom_site.label_atom_id 
_atom_site.label_alt_id 
_atom_site.label_comp_id 
_atom_site.label_asym_id 
_atom_site.label_entity_id 
_atom_site.label_seq_id 
_atom_site.pdbx_PDB_ins_code 
_atom_site.Cartn_x 
_atom_site.Cartn_y 
_atom_site.Cartn_z 
_atom_site.occupancy 
_atom_site.B_iso_or_equiv 
_atom_site.pdbx_formal_charge 
_atom_site.auth_seq_id 
_atom_site.auth_comp_id 
_atom_site.auth_asym_id 
_atom_site.auth_atom_id 
_atom_site.pdbx_PDB_model_num 
ATOM   1    N N   . HIS A 1 8   ? 22.834  -5.383  21.194  1.00 41.07 ? -1   HIS A N   1 
ATOM   2    C CA  . HIS A 1 8   ? 22.171  -4.360  20.323  1.00 33.72 ? -1   HIS A CA  1 
ATOM   3    C C   . HIS A 1 8   ? 22.269  -4.824  18.871  1.00 30.45 ? -1   HIS A C   1 
ATOM   4    O O   . HIS A 1 8   ? 22.202  -4.049  17.924  1.00 22.67 ? -1   HIS A O   1 
ATOM   5    C CB  . HIS A 1 8   ? 22.838  -3.005  20.498  1.00 32.60 ? -1   HIS A CB  1 
ATOM   6    C CG  . HIS A 1 8   ? 24.245  -2.959  20.000  1.00 32.39 ? -1   HIS A CG  1 
ATOM   7    N ND1 . HIS A 1 8   ? 24.983  -4.099  19.752  1.00 32.48 ? -1   HIS A ND1 1 
ATOM   8    C CD2 . HIS A 1 8   ? 25.058  -1.910  19.719  1.00 36.53 ? -1   HIS A CD2 1 
ATOM   9    C CE1 . HIS A 1 8   ? 26.187  -3.749  19.332  1.00 41.56 ? -1   HIS A CE1 1 
ATOM   10   N NE2 . HIS A 1 8   ? 26.260  -2.428  19.312  1.00 39.36 ? -1   HIS A NE2 1 
ATOM   11   N N   . GLU A 1 9   ? 21.396  -6.310  19.056  1.00 20.09 ? 182  GLU A N   1 
ATOM   12   C CA  . GLU A 1 9   ? 21.052  -6.796  17.732  1.00 20.45 ? 182  GLU A CA  1 
ATOM   13   C C   . GLU A 1 9   ? 20.068  -5.880  17.037  1.00 21.00 ? 182  GLU A C   1 
ATOM   14   O O   . GLU A 1 9   ? 19.155  -5.325  17.671  1.00 22.15 ? 182  GLU A O   1 
ATOM   15   C CB  . GLU A 1 9   ? 20.456  -8.195  17.847  1.00 21.97 ? 182  GLU A CB  1 
ATOM   16   C CG  . GLU A 1 9   ? 20.230  -8.860  16.517  1.00 21.57 ? 182  GLU A CG  1 
ATOM   17   C CD  . GLU A 1 9   ? 19.625  -10.238 16.649  1.00 21.02 ? 182  GLU A CD  1 
ATOM   18   O OE1 . GLU A 1 9   ? 19.269  -10.802 15.610  1.00 25.49 ? 182  GLU A OE1 1 
ATOM   19   O OE2 . GLU A 1 9   ? 19.507  -10.761 17.783  1.00 24.09 ? 182  GLU A OE2 1 
ATOM   20   N N   . PHE A 1 10  ? 20.269  -5.711  15.734  1.00 22.47 ? 183  PHE A N   1 
ATOM   21   C CA  . PHE A 1 10  ? 19.320  -5.020  14.889  1.00 20.53 ? 183  PHE A CA  1 
ATOM   22   C C   . PHE A 1 10  ? 18.704  -5.965  13.876  1.00 19.88 ? 183  PHE A C   1 
ATOM   23   O O   . PHE A 1 10  ? 19.401  -6.627  13.137  1.00 18.38 ? 183  PHE A O   1 
ATOM   24   C CB  . PHE A 1 10  ? 19.928  -3.852  14.147  1.00 18.58 ? 183  PHE A CB  1 
ATOM   25   C CG  . PHE A 1 10  ? 18.926  -3.126  13.289  1.00 17.48 ? 183  PHE A CG  1 
ATOM   26   C CD1 . PHE A 1 10  ? 18.036  -2.198  13.856  1.00 18.00 ? 183  PHE A CD1 1 
ATOM   27   C CD2 . PHE A 1 10  ? 18.837  -3.396  11.935  1.00 17.07 ? 183  PHE A CD2 1 
ATOM   28   C CE1 . PHE A 1 10  ? 17.093  -1.547  13.071  1.00 17.63 ? 183  PHE A CE1 1 
ATOM   29   C CE2 . PHE A 1 10  ? 17.879  -2.742  11.126  1.00 18.42 ? 183  PHE A CE2 1 
ATOM   30   C CZ  . PHE A 1 10  ? 17.027  -1.813  11.697  1.00 18.49 ? 183  PHE A CZ  1 
ATOM   31   N N   . PRO A 1 11  ? 17.379  -6.051  13.859  1.00 21.02 ? 184  PRO A N   1 
ATOM   32   C CA  . PRO A 1 11  ? 16.418  -5.409  14.733  1.00 20.65 ? 184  PRO A CA  1 
ATOM   33   C C   . PRO A 1 11  ? 16.314  -6.209  16.045  1.00 22.22 ? 184  PRO A C   1 
ATOM   34   O O   . PRO A 1 11  ? 16.735  -7.370  16.081  1.00 18.05 ? 184  PRO A O   1 
ATOM   35   C CB  . PRO A 1 11  ? 15.137  -5.477  13.909  1.00 24.13 ? 184  PRO A CB  1 
ATOM   36   C CG  . PRO A 1 11  ? 15.283  -6.746  13.144  1.00 22.19 ? 184  PRO A CG  1 
ATOM   37   C CD  . PRO A 1 11  ? 16.726  -6.925  12.871  1.00 23.30 ? 184  PRO A CD  1 
ATOM   38   N N   . LYS A 1 12  ? 15.797  -5.609  17.119  1.00 20.81 ? 185  LYS A N   1 
ATOM   39   C CA  . LYS A 1 12  ? 15.714  -6.337  18.391  1.00 23.10 ? 185  LYS A CA  1 
ATOM   40   C C   . LYS A 1 12  ? 14.692  -7.458  18.277  1.00 19.41 ? 185  LYS A C   1 
ATOM   41   O O   . LYS A 1 12  ? 13.574  -7.209  17.847  1.00 19.68 ? 185  LYS A O   1 
ATOM   42   C CB  . LYS A 1 12  ? 15.332  -5.407  19.537  1.00 27.05 ? 185  LYS A CB  1 
ATOM   43   C CG  . LYS A 1 12  ? 16.368  -4.344  19.838  1.00 34.62 ? 185  LYS A CG  1 
ATOM   44   C CD  . LYS A 1 12  ? 16.184  -3.746  21.250  1.00 41.90 ? 185  LYS A CD  1 
ATOM   45   C CE  . LYS A 1 12  ? 15.281  -2.518  21.245  1.00 43.88 ? 185  LYS A CE  1 
ATOM   46   N NZ  . LYS A 1 12  ? 15.072  -2.020  22.640  1.00 48.98 ? 185  LYS A NZ  1 
ATOM   47   N N   . PRO A 1 13  ? 15.065  -8.691  18.663  1.00 21.39 ? 186  PRO A N   1 
ATOM   48   C CA  . PRO A 1 13  ? 14.115  -9.808  18.544  1.00 22.17 ? 186  PRO A CA  1 
ATOM   49   C C   . PRO A 1 13  ? 12.786  -9.597  19.266  1.00 23.74 ? 186  PRO A C   1 
ATOM   50   O O   . PRO A 1 13  ? 11.754  -10.031 18.770  1.00 21.44 ? 186  PRO A O   1 
ATOM   51   C CB  . PRO A 1 13  ? 14.852  -10.983 19.203  1.00 22.98 ? 186  PRO A CB  1 
ATOM   52   C CG  . PRO A 1 13  ? 16.289  -10.636 19.070  1.00 22.80 ? 186  PRO A CG  1 
ATOM   53   C CD  . PRO A 1 13  ? 16.379  -9.145  19.158  1.00 23.73 ? 186  PRO A CD  1 
ATOM   54   N N   . GLU A 1 14  ? 12.834  -8.987  20.444  1.00 27.18 ? 187  GLU A N   1 
ATOM   55   C CA  . GLU A 1 14  ? 11.632  -8.776  21.256  1.00 29.18 ? 187  GLU A CA  1 
ATOM   56   C C   . GLU A 1 14  ? 10.627  -7.836  20.598  1.00 29.32 ? 187  GLU A C   1 
ATOM   57   O O   . GLU A 1 14  ? 9.449   -7.848  20.947  1.00 31.34 ? 187  GLU A O   1 
ATOM   58   C CB  . GLU A 1 14  ? 11.982  -8.262  22.659  1.00 34.41 ? 187  GLU A CB  1 
ATOM   59   C CG  . GLU A 1 14  ? 12.802  -6.978  22.690  1.00 39.21 ? 187  GLU A CG  1 
ATOM   60   C CD  . GLU A 1 14  ? 14.310  -7.207  22.789  1.00 42.22 ? 187  GLU A CD  1 
ATOM   61   O OE1 . GLU A 1 14  ? 14.977  -6.370  23.444  1.00 47.29 ? 187  GLU A OE1 1 
ATOM   62   O OE2 . GLU A 1 14  ? 14.827  -8.194  22.211  1.00 38.65 ? 187  GLU A OE2 1 
ATOM   63   N N   . PHE A 1 15  ? 11.080  -7.023  19.652  1.00 26.49 ? 188  PHE A N   1 
ATOM   64   C CA  . PHE A 1 15  ? 10.153  -6.189  18.887  1.00 25.95 ? 188  PHE A CA  1 
ATOM   65   C C   . PHE A 1 15  ? 9.736   -6.847  17.556  1.00 20.68 ? 188  PHE A C   1 
ATOM   66   O O   . PHE A 1 15  ? 8.616   -6.648  17.100  1.00 21.46 ? 188  PHE A O   1 
ATOM   67   C CB  . PHE A 1 15  ? 10.717  -4.777  18.776  1.00 30.84 ? 188  PHE A CB  1 
ATOM   68   C CG  . PHE A 1 15  ? 10.809  -4.063  20.123  1.00 35.76 ? 188  PHE A CG  1 
ATOM   69   C CD1 . PHE A 1 15  ? 9.696   -3.418  20.669  1.00 32.60 ? 188  PHE A CD1 1 
ATOM   70   C CD2 . PHE A 1 15  ? 11.996  -4.060  20.849  1.00 37.72 ? 188  PHE A CD2 1 
ATOM   71   C CE1 . PHE A 1 15  ? 9.769   -2.776  21.894  1.00 38.49 ? 188  PHE A CE1 1 
ATOM   72   C CE2 . PHE A 1 15  ? 12.077  -3.416  22.083  1.00 38.93 ? 188  PHE A CE2 1 
ATOM   73   C CZ  . PHE A 1 15  ? 10.960  -2.772  22.603  1.00 39.02 ? 188  PHE A CZ  1 
ATOM   74   N N   . MET A 1 16  ? 10.598  -7.684  16.967  1.00 17.02 ? 189  MET A N   1 
ATOM   75   C CA  . MET A 1 16  ? 10.217  -8.506  15.802  1.00 16.84 ? 189  MET A CA  1 
ATOM   76   C C   . MET A 1 16  ? 9.062   -9.468  16.073  1.00 20.57 ? 189  MET A C   1 
ATOM   77   O O   . MET A 1 16  ? 8.244   -9.716  15.179  1.00 15.37 ? 189  MET A O   1 
ATOM   78   C CB  . MET A 1 16  ? 11.410  -9.281  15.259  1.00 20.08 ? 189  MET A CB  1 
ATOM   79   C CG  . MET A 1 16  ? 12.446  -8.378  14.621  1.00 16.80 ? 189  MET A CG  1 
ATOM   80   S SD  . MET A 1 16  ? 11.848  -7.533  13.118  1.00 20.92 ? 189  MET A SD  1 
ATOM   81   C CE  . MET A 1 16  ? 12.404  -8.735  11.899  1.00 19.84 ? 189  MET A CE  1 
ATOM   82   N N   . SER A 1 17  ? 8.994   -9.997  17.303  1.00 19.32 ? 190  SER A N   1 
ATOM   83   C CA  . SER A 1 17  ? 7.932   -10.939 17.716  1.00 19.53 ? 190  SER A CA  1 
ATOM   84   C C   . SER A 1 17  ? 6.593   -10.266 18.066  1.00 20.05 ? 190  SER A C   1 
ATOM   85   O O   . SER A 1 17  ? 5.561   -10.940 18.197  1.00 21.11 ? 190  SER A O   1 
ATOM   86   C CB  . SER A 1 17  ? 8.401   -11.740 18.938  1.00 22.11 ? 190  SER A CB  1 
ATOM   87   O OG  . SER A 1 17  ? 8.589   -10.878 20.048  1.00 26.09 ? 190  SER A OG  1 
ATOM   88   N N   . LYS A 1 18  ? 6.609   -8.952  18.223  1.00 17.88 ? 191  LYS A N   1 
ATOM   89   C CA  . LYS A 1 18  ? 5.402   -8.214  18.550  1.00 18.81 ? 191  LYS A CA  1 
ATOM   90   C C   . LYS A 1 18  ? 4.531   -7.925  17.318  1.00 17.93 ? 191  LYS A C   1 
ATOM   91   O O   . LYS A 1 18  ? 5.024   -7.860  16.186  1.00 17.83 ? 191  LYS A O   1 
ATOM   92   C CB  . LYS A 1 18  ? 5.766   -6.910  19.235  1.00 19.69 ? 191  LYS A CB  1 
ATOM   93   C CG  . LYS A 1 18  ? 6.313   -7.080  20.657  1.00 21.30 ? 191  LYS A CG  1 
ATOM   94   C CD  . LYS A 1 18  ? 6.688   -5.707  21.220  1.00 27.05 ? 191  LYS A CD  1 
ATOM   95   C CE  . LYS A 1 18  ? 7.514   -5.800  22.523  1.00 31.87 ? 191  LYS A CE  1 
ATOM   96   N NZ  . LYS A 1 18  ? 6.843   -6.651  23.557  1.00 34.99 ? 191  LYS A NZ  1 
ATOM   97   N N   . SER A 1 19  ? 3.233   -7.757  17.558  1.00 14.51 ? 192  SER A N   1 
ATOM   98   C CA  . SER A 1 19  ? 2.288   -7.452  16.491  1.00 15.71 ? 192  SER A CA  1 
ATOM   99   C C   . SER A 1 19  ? 2.232   -5.943  16.167  1.00 14.40 ? 192  SER A C   1 
ATOM   100  O O   . SER A 1 19  ? 2.695   -5.084  16.939  1.00 16.03 ? 192  SER A O   1 
ATOM   101  C CB  . SER A 1 19  ? 0.895   -7.976  16.864  1.00 15.03 ? 192  SER A CB  1 
ATOM   102  O OG  . SER A 1 19  ? 0.342   -7.176  17.887  1.00 13.87 ? 192  SER A OG  1 
ATOM   103  N N   . LEU A 1 20  ? 1.685   -5.631  14.996  1.00 16.11 ? 193  LEU A N   1 
ATOM   104  C CA  . LEU A 1 20  ? 1.408   -4.247  14.613  1.00 16.85 ? 193  LEU A CA  1 
ATOM   105  C C   . LEU A 1 20  ? 0.570   -3.535  15.671  1.00 19.20 ? 193  LEU A C   1 
ATOM   106  O O   . LEU A 1 20  ? 0.849   -2.384  16.001  1.00 16.73 ? 193  LEU A O   1 
ATOM   107  C CB  . LEU A 1 20  ? 0.702   -4.182  13.247  1.00 16.86 ? 193  LEU A CB  1 
ATOM   108  C CG  . LEU A 1 20  ? 1.583   -4.553  12.050  1.00 20.34 ? 193  LEU A CG  1 
ATOM   109  C CD1 . LEU A 1 20  ? 0.743   -4.569  10.752  1.00 20.19 ? 193  LEU A CD1 1 
ATOM   110  C CD2 . LEU A 1 20  ? 2.813   -3.615  11.912  1.00 19.19 ? 193  LEU A CD2 1 
ATOM   111  N N   . GLU A 1 21  ? -0.436  -4.225  16.207  1.00 15.54 ? 194  GLU A N   1 
ATOM   112  C CA  . GLU A 1 21  ? -1.314  -3.623  17.226  1.00 20.67 ? 194  GLU A CA  1 
ATOM   113  C C   . GLU A 1 21  ? -0.515  -3.324  18.505  1.00 17.93 ? 194  GLU A C   1 
ATOM   114  O O   . GLU A 1 21  ? -0.587  -2.225  19.061  1.00 17.63 ? 194  GLU A O   1 
ATOM   115  C CB  . GLU A 1 21  ? -2.490  -4.554  17.561  1.00 20.15 ? 194  GLU A CB  1 
ATOM   116  C CG  . GLU A 1 21  ? -3.621  -3.861  18.368  1.00 28.46 ? 194  GLU A CG  1 
ATOM   117  C CD  . GLU A 1 21  ? -5.037  -4.321  17.938  1.00 37.36 ? 194  GLU A CD  1 
ATOM   118  O OE1 . GLU A 1 21  ? -5.227  -5.519  17.591  1.00 34.97 ? 194  GLU A OE1 1 
ATOM   119  O OE2 . GLU A 1 21  ? -5.963  -3.475  17.936  1.00 46.41 ? 194  GLU A OE2 1 
ATOM   120  N N   . GLU A 1 22  ? 0.268   -4.305  18.928  1.00 17.17 ? 195  GLU A N   1 
ATOM   121  C CA  . GLU A 1 22  ? 1.124   -4.137  20.117  1.00 20.45 ? 195  GLU A CA  1 
ATOM   122  C C   . GLU A 1 22  ? 2.088   -2.943  19.977  1.00 19.98 ? 195  GLU A C   1 
ATOM   123  O O   . GLU A 1 22  ? 2.275   -2.154  20.908  1.00 19.05 ? 195  GLU A O   1 
ATOM   124  C CB  . GLU A 1 22  ? 1.876   -5.446  20.404  1.00 20.22 ? 195  GLU A CB  1 
ATOM   125  C CG  . GLU A 1 22  ? 0.937   -6.560  20.858  1.00 26.21 ? 195  GLU A CG  1 
ATOM   126  C CD  . GLU A 1 22  ? 1.596   -7.928  21.001  1.00 32.80 ? 195  GLU A CD  1 
ATOM   127  O OE1 . GLU A 1 22  ? 2.541   -8.237  20.251  1.00 27.08 ? 195  GLU A OE1 1 
ATOM   128  O OE2 . GLU A 1 22  ? 1.133   -8.711  21.868  1.00 40.83 ? 195  GLU A OE2 1 
ATOM   129  N N   . LEU A 1 23  ? 2.680   -2.791  18.799  1.00 18.62 ? 196  LEU A N   1 
ATOM   130  C CA  . LEU A 1 23  ? 3.684   -1.746  18.583  1.00 18.55 ? 196  LEU A CA  1 
ATOM   131  C C   . LEU A 1 23  ? 3.054   -0.396  18.213  1.00 19.93 ? 196  LEU A C   1 
ATOM   132  O O   . LEU A 1 23  ? 3.763   0.628   18.143  1.00 20.47 ? 196  LEU A O   1 
ATOM   133  C CB  . LEU A 1 23  ? 4.690   -2.207  17.514  1.00 22.83 ? 196  LEU A CB  1 
ATOM   134  C CG  . LEU A 1 23  ? 5.637   -3.322  18.006  1.00 23.03 ? 196  LEU A CG  1 
ATOM   135  C CD1 . LEU A 1 23  ? 6.485   -3.938  16.885  1.00 29.91 ? 196  LEU A CD1 1 
ATOM   136  C CD2 . LEU A 1 23  ? 6.535   -2.791  19.091  1.00 31.74 ? 196  LEU A CD2 1 
ATOM   137  N N   . GLN A 1 24  ? 1.739   -0.394  18.001  1.00 18.87 ? 197  GLN A N   1 
ATOM   138  C CA  . GLN A 1 24  ? 0.997   0.796   17.598  1.00 20.73 ? 197  GLN A CA  1 
ATOM   139  C C   . GLN A 1 24  ? 1.594   1.447   16.336  1.00 17.19 ? 197  GLN A C   1 
ATOM   140  O O   . GLN A 1 24  ? 1.720   2.651   16.279  1.00 20.06 ? 197  GLN A O   1 
ATOM   141  C CB  . GLN A 1 24  ? 0.930   1.822   18.738  1.00 24.46 ? 197  GLN A CB  1 
ATOM   142  C CG  . GLN A 1 24  ? 0.307   1.304   20.038  1.00 32.05 ? 197  GLN A CG  1 
ATOM   143  C CD  . GLN A 1 24  ? 0.005   2.422   21.011  1.00 39.19 ? 197  GLN A CD  1 
ATOM   144  O OE1 . GLN A 1 24  ? 0.846   2.775   21.838  1.00 47.11 ? 197  GLN A OE1 1 
ATOM   145  N NE2 . GLN A 1 24  ? -1.189  3.008   20.902  1.00 43.74 ? 197  GLN A NE2 1 
ATOM   146  N N   . ILE A 1 25  ? 1.951   0.616   15.354  1.00 17.56 ? 198  ILE A N   1 
ATOM   147  C CA  . ILE A 1 25  ? 2.551   1.028   14.072  1.00 19.99 ? 198  ILE A CA  1 
ATOM   148  C C   . ILE A 1 25  ? 1.488   1.126   12.968  1.00 15.63 ? 198  ILE A C   1 
ATOM   149  O O   . ILE A 1 25  ? 0.713   0.192   12.789  1.00 20.83 ? 198  ILE A O   1 
ATOM   150  C CB  . ILE A 1 25  ? 3.552   -0.089  13.595  1.00 20.93 ? 198  ILE A CB  1 
ATOM   151  C CG1 . ILE A 1 25  ? 4.707   -0.233  14.590  1.00 25.78 ? 198  ILE A CG1 1 
ATOM   152  C CG2 . ILE A 1 25  ? 4.068   0.155   12.195  1.00 22.43 ? 198  ILE A CG2 1 
ATOM   153  C CD1 . ILE A 1 25  ? 5.576   -1.431  14.359  1.00 26.68 ? 198  ILE A CD1 1 
ATOM   154  N N   . GLY A 1 26  ? 1.498   2.237   12.223  1.00 16.76 ? 199  GLY A N   1 
ATOM   155  C CA  . GLY A 1 26  ? 0.579   2.475   11.102  1.00 13.85 ? 199  GLY A CA  1 
ATOM   156  C C   . GLY A 1 26  ? -0.255  3.749   11.240  1.00 13.83 ? 199  GLY A C   1 
ATOM   157  O O   . GLY A 1 26  ? -0.234  4.406   12.299  1.00 17.30 ? 199  GLY A O   1 
ATOM   158  N N   . THR A 1 27  ? -0.979  4.098   10.170  1.00 10.48 ? 200  THR A N   1 
ATOM   159  C CA  . THR A 1 27  ? -1.910  5.218   10.170  1.00 12.56 ? 200  THR A CA  1 
ATOM   160  C C   . THR A 1 27  ? -3.291  4.656   10.007  1.00 14.07 ? 200  THR A C   1 
ATOM   161  O O   . THR A 1 27  ? -3.516  3.889   9.083   1.00 12.65 ? 200  THR A O   1 
ATOM   162  C CB  . THR A 1 27  ? -1.631  6.189   9.016   1.00 15.32 ? 200  THR A CB  1 
ATOM   163  O OG1 . THR A 1 27  ? -0.289  6.659   9.149   1.00 12.77 ? 200  THR A OG1 1 
ATOM   164  C CG2 . THR A 1 27  ? -2.628  7.409   9.035   1.00 13.00 ? 200  THR A CG2 1 
ATOM   165  N N   . TYR A 1 28  ? -4.221  5.088   10.855  1.00 11.94 ? 201  TYR A N   1 
ATOM   166  C CA  . TYR A 1 28  ? -5.540  4.476   10.961  1.00 12.37 ? 201  TYR A CA  1 
ATOM   167  C C   . TYR A 1 28  ? -6.649  5.509   10.896  1.00 18.84 ? 201  TYR A C   1 
ATOM   168  O O   . TYR A 1 28  ? -7.801  5.204   11.233  1.00 16.13 ? 201  TYR A O   1 
ATOM   169  C CB  . TYR A 1 28  ? -5.632  3.662   12.258  1.00 15.50 ? 201  TYR A CB  1 
ATOM   170  C CG  . TYR A 1 28  ? -4.597  2.570   12.240  1.00 16.07 ? 201  TYR A CG  1 
ATOM   171  C CD1 . TYR A 1 28  ? -4.820  1.391   11.529  1.00 10.55 ? 201  TYR A CD1 1 
ATOM   172  C CD2 . TYR A 1 28  ? -3.352  2.757   12.822  1.00 16.94 ? 201  TYR A CD2 1 
ATOM   173  C CE1 . TYR A 1 28  ? -3.847  0.391   11.450  1.00 13.83 ? 201  TYR A CE1 1 
ATOM   174  C CE2 . TYR A 1 28  ? -2.363  1.762   12.726  1.00 17.70 ? 201  TYR A CE2 1 
ATOM   175  C CZ  . TYR A 1 28  ? -2.639  0.579   12.042  1.00 16.76 ? 201  TYR A CZ  1 
ATOM   176  O OH  . TYR A 1 28  ? -1.677  -0.417  11.920  1.00 14.77 ? 201  TYR A OH  1 
ATOM   177  N N   . ALA A 1 29  ? -6.293  6.726   10.491  1.00 14.81 ? 202  ALA A N   1 
ATOM   178  C CA  . ALA A 1 29  ? -7.252  7.822   10.302  1.00 15.09 ? 202  ALA A CA  1 
ATOM   179  C C   . ALA A 1 29  ? -6.914  8.589   9.028   1.00 14.53 ? 202  ALA A C   1 
ATOM   180  O O   . ALA A 1 29  ? -5.729  8.722   8.649   1.00 14.49 ? 202  ALA A O   1 
ATOM   181  C CB  . ALA A 1 29  ? -7.212  8.761   11.496  1.00 13.09 ? 202  ALA A CB  1 
ATOM   182  N N   . ASN A 1 30  ? -7.948  9.095   8.359   1.00 13.48 ? 203  ASN A N   1 
ATOM   183  C CA  . ASN A 1 30  ? -7.778  10.047  7.265   1.00 14.09 ? 203  ASN A CA  1 
ATOM   184  C C   . ASN A 1 30  ? -7.061  9.491   6.039   1.00 11.14 ? 203  ASN A C   1 
ATOM   185  O O   . ASN A 1 30  ? -6.510  10.259  5.239   1.00 14.08 ? 203  ASN A O   1 
ATOM   186  C CB  . ASN A 1 30  ? -7.107  11.312  7.773   1.00 11.41 ? 203  ASN A CB  1 
ATOM   187  C CG  . ASN A 1 30  ? -7.926  12.014  8.828   1.00 12.48 ? 203  ASN A CG  1 
ATOM   188  O OD1 . ASN A 1 30  ? -9.156  11.819  8.895   1.00 12.58 ? 203  ASN A OD1 1 
ATOM   189  N ND2 . ASN A 1 30  ? -7.279  12.894  9.596   1.00 16.94 ? 203  ASN A ND2 1 
ATOM   190  N N   . ILE A 1 31  ? -7.127  8.165   5.876   1.00 13.27 ? 204  ILE A N   1 
ATOM   191  C CA  . ILE A 1 31  ? -6.543  7.489   4.717   1.00 13.05 ? 204  ILE A CA  1 
ATOM   192  C C   . ILE A 1 31  ? -7.201  7.940   3.400   1.00 17.24 ? 204  ILE A C   1 
ATOM   193  O O   . ILE A 1 31  ? -8.439  7.921   3.237   1.00 14.44 ? 204  ILE A O   1 
ATOM   194  C CB  . ILE A 1 31  ? -6.665  5.939   4.821   1.00 15.70 ? 204  ILE A CB  1 
ATOM   195  C CG1 . ILE A 1 31  ? -5.910  5.388   6.055   1.00 14.01 ? 204  ILE A CG1 1 
ATOM   196  C CG2 . ILE A 1 31  ? -6.171  5.297   3.559   1.00 10.95 ? 204  ILE A CG2 1 
ATOM   197  C CD1 . ILE A 1 31  ? -4.487  5.871   6.227   1.00 18.24 ? 204  ILE A CD1 1 
ATOM   198  N N   . ALA A 1 32  ? -6.348  8.302   2.451   1.00 14.54 ? 205  ALA A N   1 
ATOM   199  C CA  . ALA A 1 32  ? -6.805  8.637   1.096   1.00 13.59 ? 205  ALA A CA  1 
ATOM   200  C C   . ALA A 1 32  ? -6.766  7.376   0.240   1.00 15.50 ? 205  ALA A C   1 
ATOM   201  O O   . ALA A 1 32  ? -5.800  6.598   0.287   1.00 11.84 ? 205  ALA A O   1 
ATOM   202  C CB  . ALA A 1 32  ? -5.942  9.732   0.481   1.00 14.61 ? 205  ALA A CB  1 
ATOM   203  N N   . MET A 1 33  ? -7.812  7.174   -0.553  1.00 15.32 ? 206  MET A N   1 
ATOM   204  C CA  . MET A 1 33  ? -7.958  5.949   -1.325  1.00 14.01 ? 206  MET A CA  1 
ATOM   205  C C   . MET A 1 33  ? -8.829  6.238   -2.534  1.00 14.71 ? 206  MET A C   1 
ATOM   206  O O   . MET A 1 33  ? -9.520  7.259   -2.588  1.00 14.01 ? 206  MET A O   1 
ATOM   207  C CB  . MET A 1 33  ? -8.581  4.826   -0.471  1.00 15.62 ? 206  MET A CB  1 
ATOM   208  C CG  . MET A 1 33  ? -9.863  5.206   0.185   1.00 17.96 ? 206  MET A CG  1 
ATOM   209  S SD  . MET A 1 33  ? -10.309 4.044   1.482   1.00 25.47 ? 206  MET A SD  1 
ATOM   210  C CE  . MET A 1 33  ? -11.113 2.812   0.511   1.00 22.19 ? 206  MET A CE  1 
ATOM   211  N N   . VAL A 1 34  ? -8.732  5.367   -3.509  1.00 11.50 ? 207  VAL A N   1 
ATOM   212  C CA  . VAL A 1 34  ? -9.497  5.522   -4.734  1.00 15.01 ? 207  VAL A CA  1 
ATOM   213  C C   . VAL A 1 34  ? -10.186 4.201   -5.051  1.00 14.67 ? 207  VAL A C   1 
ATOM   214  O O   . VAL A 1 34  ? -10.021 3.209   -4.328  1.00 14.02 ? 207  VAL A O   1 
ATOM   215  C CB  . VAL A 1 34  ? -8.608  6.032   -5.922  1.00 13.02 ? 207  VAL A CB  1 
ATOM   216  C CG1 . VAL A 1 34  ? -8.014  7.429   -5.569  1.00 11.51 ? 207  VAL A CG1 1 
ATOM   217  C CG2 . VAL A 1 34  ? -7.502  5.054   -6.270  1.00 15.03 ? 207  VAL A CG2 1 
ATOM   218  N N   . ARG A 1 35  ? -10.951 4.220   -6.132  1.00 18.70 ? 208  ARG A N   1 
ATOM   219  C CA  . ARG A 1 35  ? -11.750 3.087   -6.568  1.00 18.98 ? 208  ARG A CA  1 
ATOM   220  C C   . ARG A 1 35  ? -11.130 2.453   -7.792  1.00 17.46 ? 208  ARG A C   1 
ATOM   221  O O   . ARG A 1 35  ? -10.349 3.082   -8.489  1.00 15.79 ? 208  ARG A O   1 
ATOM   222  C CB  . ARG A 1 35  ? -13.147 3.598   -6.920  1.00 20.60 ? 208  ARG A CB  1 
ATOM   223  C CG  . ARG A 1 35  ? -14.036 3.985   -5.720  1.00 26.07 ? 208  ARG A CG  1 
ATOM   224  C CD  . ARG A 1 35  ? -14.703 2.742   -5.088  1.00 33.80 ? 208  ARG A CD  1 
ATOM   225  N NE  . ARG A 1 35  ? -14.578 1.588   -5.991  1.00 40.68 ? 208  ARG A NE  1 
ATOM   226  C CZ  . ARG A 1 35  ? -15.509 1.104   -6.824  1.00 42.10 ? 208  ARG A CZ  1 
ATOM   227  N NH1 . ARG A 1 35  ? -16.751 1.600   -6.884  1.00 38.52 ? 208  ARG A NH1 1 
ATOM   228  N NH2 . ARG A 1 35  ? -15.177 0.075   -7.602  1.00 41.03 ? 208  ARG A NH2 1 
ATOM   229  N N   . THR A 1 36  ? -11.511 1.219   -8.106  1.00 15.66 ? 209  THR A N   1 
ATOM   230  C CA  . THR A 1 36  ? -11.080 0.603   -9.380  1.00 17.07 ? 209  THR A CA  1 
ATOM   231  C C   . THR A 1 36  ? -11.522 1.400   -10.599 1.00 17.68 ? 209  THR A C   1 
ATOM   232  O O   . THR A 1 36  ? -10.910 1.282   -11.652 1.00 19.44 ? 209  THR A O   1 
ATOM   233  C CB  . THR A 1 36  ? -11.617 -0.847  -9.580  1.00 16.34 ? 209  THR A CB  1 
ATOM   234  O OG1 . THR A 1 36  ? -13.036 -0.855  -9.405  1.00 16.98 ? 209  THR A OG1 1 
ATOM   235  C CG2 . THR A 1 36  ? -10.964 -1.829  -8.588  1.00 14.31 ? 209  THR A CG2 1 
ATOM   236  N N   . THR A 1 37  ? -12.585 2.184   -10.470 1.00 18.04 ? 210  THR A N   1 
ATOM   237  C CA  . THR A 1 37  ? -13.125 2.983   -11.574 1.00 23.17 ? 210  THR A CA  1 
ATOM   238  C C   . THR A 1 37  ? -12.520 4.393   -11.660 1.00 19.17 ? 210  THR A C   1 
ATOM   239  O O   . THR A 1 37  ? -12.937 5.215   -12.469 1.00 17.95 ? 210  THR A O   1 
ATOM   240  C CB  . THR A 1 37  ? -14.663 3.144   -11.428 1.00 24.34 ? 210  THR A CB  1 
ATOM   241  O OG1 . THR A 1 37  ? -14.970 3.618   -10.111 1.00 22.10 ? 210  THR A OG1 1 
ATOM   242  C CG2 . THR A 1 37  ? -15.375 1.814   -11.659 1.00 28.72 ? 210  THR A CG2 1 
ATOM   243  N N   . THR A 1 38  ? -11.543 4.678   -10.814 1.00 14.56 ? 211  THR A N   1 
ATOM   244  C CA  . THR A 1 38  ? -10.941 6.000   -10.765 1.00 12.08 ? 211  THR A CA  1 
ATOM   245  C C   . THR A 1 38  ? -9.946  6.187   -11.893 1.00 13.28 ? 211  THR A C   1 
ATOM   246  O O   . THR A 1 38  ? -9.017  5.382   -12.048 1.00 15.17 ? 211  THR A O   1 
ATOM   247  C CB  . THR A 1 38  ? -10.225 6.222   -9.441  1.00 14.48 ? 211  THR A CB  1 
ATOM   248  O OG1 . THR A 1 38  ? -11.169 6.097   -8.383  1.00 15.87 ? 211  THR A OG1 1 
ATOM   249  C CG2 . THR A 1 38  ? -9.544  7.611   -9.384  1.00 12.03 ? 211  THR A CG2 1 
ATOM   250  N N   . PRO A 1 39  ? -10.124 7.264   -12.674 1.00 16.00 ? 212  PRO A N   1 
ATOM   251  C CA  . PRO A 1 39  ? -9.138  7.619   -13.680 1.00 15.69 ? 212  PRO A CA  1 
ATOM   252  C C   . PRO A 1 39  ? -7.793  8.073   -13.115 1.00 12.24 ? 212  PRO A C   1 
ATOM   253  O O   . PRO A 1 39  ? -7.704  8.622   -12.003 1.00 13.33 ? 212  PRO A O   1 
ATOM   254  C CB  . PRO A 1 39  ? -9.778  8.784   -14.463 1.00 18.15 ? 212  PRO A CB  1 
ATOM   255  C CG  . PRO A 1 39  ? -11.109 9.034   -13.867 1.00 19.88 ? 212  PRO A CG  1 
ATOM   256  C CD  . PRO A 1 39  ? -11.269 8.197   -12.638 1.00 18.15 ? 212  PRO A CD  1 
ATOM   257  N N   . VAL A 1 40  ? -6.750  7.848   -13.886 1.00 13.17 ? 213  VAL A N   1 
ATOM   258  C CA  . VAL A 1 40  ? -5.424  8.217   -13.441 1.00 14.21 ? 213  VAL A CA  1 
ATOM   259  C C   . VAL A 1 40  ? -5.317  9.734   -13.122 1.00 17.18 ? 213  VAL A C   1 
ATOM   260  O O   . VAL A 1 40  ? -4.632  10.100  -12.172 1.00 14.79 ? 213  VAL A O   1 
ATOM   261  C CB  . VAL A 1 40  ? -4.357  7.769   -14.429 1.00 13.46 ? 213  VAL A CB  1 
ATOM   262  C CG1 . VAL A 1 40  ? -2.943  8.346   -14.027 1.00 10.82 ? 213  VAL A CG1 1 
ATOM   263  C CG2 . VAL A 1 40  ? -4.351  6.212   -14.508 1.00 16.85 ? 213  VAL A CG2 1 
ATOM   264  N N   . TYR A 1 41  ? -6.017  10.588  -13.886 1.00 14.14 ? 214  TYR A N   1 
ATOM   265  C CA  . TYR A 1 41  ? -5.945  12.037  -13.641 1.00 14.88 ? 214  TYR A CA  1 
ATOM   266  C C   . TYR A 1 41  ? -6.349  12.413  -12.206 1.00 12.89 ? 214  TYR A C   1 
ATOM   267  O O   . TYR A 1 41  ? -5.746  13.292  -11.615 1.00 15.83 ? 214  TYR A O   1 
ATOM   268  C CB  . TYR A 1 41  ? -6.709  12.870  -14.687 1.00 17.23 ? 214  TYR A CB  1 
ATOM   269  C CG  . TYR A 1 41  ? -8.193  12.666  -14.845 1.00 13.98 ? 214  TYR A CG  1 
ATOM   270  C CD1 . TYR A 1 41  ? -9.106  13.198  -13.914 1.00 16.54 ? 214  TYR A CD1 1 
ATOM   271  C CD2 . TYR A 1 41  ? -8.697  11.996  -15.950 1.00 20.30 ? 214  TYR A CD2 1 
ATOM   272  C CE1 . TYR A 1 41  ? -10.504 13.014  -14.064 1.00 18.89 ? 214  TYR A CE1 1 
ATOM   273  C CE2 . TYR A 1 41  ? -10.075 11.808  -16.117 1.00 23.65 ? 214  TYR A CE2 1 
ATOM   274  C CZ  . TYR A 1 41  ? -10.971 12.325  -15.189 1.00 21.79 ? 214  TYR A CZ  1 
ATOM   275  O OH  . TYR A 1 41  ? -12.320 12.144  -15.392 1.00 19.69 ? 214  TYR A OH  1 
ATOM   276  N N   . VAL A 1 42  ? -7.337  11.700  -11.657 1.00 16.07 ? 215  VAL A N   1 
ATOM   277  C CA  . VAL A 1 42  ? -7.746  11.879  -10.263 1.00 14.28 ? 215  VAL A CA  1 
ATOM   278  C C   . VAL A 1 42  ? -6.626  11.511  -9.284  1.00 15.54 ? 215  VAL A C   1 
ATOM   279  O O   . VAL A 1 42  ? -6.334  12.274  -8.344  1.00 15.02 ? 215  VAL A O   1 
ATOM   280  C CB  . VAL A 1 42  ? -9.029  11.064  -9.948  1.00 16.79 ? 215  VAL A CB  1 
ATOM   281  C CG1 . VAL A 1 42  ? -9.346  11.030  -8.426  1.00 17.37 ? 215  VAL A CG1 1 
ATOM   282  C CG2 . VAL A 1 42  ? -10.181 11.632  -10.717 1.00 17.92 ? 215  VAL A CG2 1 
ATOM   283  N N   . ALA A 1 43  ? -5.982  10.356  -9.519  1.00 18.23 ? 216  ALA A N   1 
ATOM   284  C CA  . ALA A 1 43  ? -4.862  9.935   -8.695  1.00 14.74 ? 216  ALA A CA  1 
ATOM   285  C C   . ALA A 1 43  ? -3.732  10.954  -8.776  1.00 13.77 ? 216  ALA A C   1 
ATOM   286  O O   . ALA A 1 43  ? -3.159  11.327  -7.732  1.00 12.20 ? 216  ALA A O   1 
ATOM   287  C CB  . ALA A 1 43  ? -4.362  8.548   -9.089  1.00 15.57 ? 216  ALA A CB  1 
ATOM   288  N N   . LEU A 1 44  ? -3.389  11.382  -9.994  1.00 14.32 ? 217  LEU A N   1 
ATOM   289  C CA  . LEU A 1 44  ? -2.346  12.403  -10.177 1.00 17.01 ? 217  LEU A CA  1 
ATOM   290  C C   . LEU A 1 44  ? -2.614  13.670  -9.371  1.00 13.97 ? 217  LEU A C   1 
ATOM   291  O O   . LEU A 1 44  ? -1.711  14.220  -8.746  1.00 13.44 ? 217  LEU A O   1 
ATOM   292  C CB  . LEU A 1 44  ? -2.171  12.749  -11.648 1.00 17.22 ? 217  LEU A CB  1 
ATOM   293  C CG  . LEU A 1 44  ? -1.007  13.658  -12.092 1.00 22.40 ? 217  LEU A CG  1 
ATOM   294  C CD1 . LEU A 1 44  ? 0.389   13.254  -11.521 1.00 15.11 ? 217  LEU A CD1 1 
ATOM   295  C CD2 . LEU A 1 44  ? -0.992  13.709  -13.627 1.00 21.67 ? 217  LEU A CD2 1 
ATOM   296  N N   . GLY A 1 45  ? -3.850  14.166  -9.414  1.00 17.28 ? 218  GLY A N   1 
ATOM   297  C CA  . GLY A 1 45  ? -4.219  15.383  -8.673  1.00 15.98 ? 218  GLY A CA  1 
ATOM   298  C C   . GLY A 1 45  ? -4.044  15.189  -7.179  1.00 15.91 ? 218  GLY A C   1 
ATOM   299  O O   . GLY A 1 45  ? -3.486  16.033  -6.484  1.00 18.49 ? 218  GLY A O   1 
ATOM   300  N N   . ILE A 1 46  ? -4.493  14.059  -6.672  1.00 12.20 ? 219  ILE A N   1 
ATOM   301  C CA  . ILE A 1 46  ? -4.357  13.843  -5.241  1.00 14.45 ? 219  ILE A CA  1 
ATOM   302  C C   . ILE A 1 46  ? -2.870  13.673  -4.839  1.00 16.42 ? 219  ILE A C   1 
ATOM   303  O O   . ILE A 1 46  ? -2.429  14.266  -3.833  1.00 17.10 ? 219  ILE A O   1 
ATOM   304  C CB  . ILE A 1 46  ? -5.292  12.726  -4.685  1.00 17.42 ? 219  ILE A CB  1 
ATOM   305  C CG1 . ILE A 1 46  ? -5.423  12.906  -3.162  1.00 22.81 ? 219  ILE A CG1 1 
ATOM   306  C CG2 . ILE A 1 46  ? -4.813  11.387  -5.106  1.00 19.85 ? 219  ILE A CG2 1 
ATOM   307  C CD1 . ILE A 1 46  ? -6.485  12.096  -2.512  1.00 24.05 ? 219  ILE A CD1 1 
ATOM   308  N N   . PHE A 1 47  ? -2.077  12.932  -5.617  1.00 13.24 ? 220  PHE A N   1 
ATOM   309  C CA  . PHE A 1 47  ? -0.634  12.819  -5.302  1.00 13.55 ? 220  PHE A CA  1 
ATOM   310  C C   . PHE A 1 47  ? 0.037   14.198  -5.178  1.00 16.65 ? 220  PHE A C   1 
ATOM   311  O O   . PHE A 1 47  ? 0.797   14.459  -4.229  1.00 16.96 ? 220  PHE A O   1 
ATOM   312  C CB  . PHE A 1 47  ? 0.135   12.012  -6.358  1.00 15.82 ? 220  PHE A CB  1 
ATOM   313  C CG  . PHE A 1 47  ? -0.107  10.523  -6.323  1.00 17.31 ? 220  PHE A CG  1 
ATOM   314  C CD1 . PHE A 1 47  ? -0.208  9.812   -5.115  1.00 14.10 ? 220  PHE A CD1 1 
ATOM   315  C CD2 . PHE A 1 47  ? -0.186  9.817   -7.523  1.00 15.41 ? 220  PHE A CD2 1 
ATOM   316  C CE1 . PHE A 1 47  ? -0.428  8.448   -5.110  1.00 14.70 ? 220  PHE A CE1 1 
ATOM   317  C CE2 . PHE A 1 47  ? -0.392  8.439   -7.543  1.00 16.33 ? 220  PHE A CE2 1 
ATOM   318  C CZ  . PHE A 1 47  ? -0.522  7.739   -6.327  1.00 18.06 ? 220  PHE A CZ  1 
ATOM   319  N N   . VAL A 1 48  ? -0.233  15.069  -6.147  1.00 14.32 ? 221  VAL A N   1 
ATOM   320  C CA  . VAL A 1 48  ? 0.449   16.382  -6.218  1.00 16.82 ? 221  VAL A CA  1 
ATOM   321  C C   . VAL A 1 48  ? -0.061  17.332  -5.103  1.00 21.37 ? 221  VAL A C   1 
ATOM   322  O O   . VAL A 1 48  ? 0.733   17.969  -4.406  1.00 26.32 ? 221  VAL A O   1 
ATOM   323  C CB  . VAL A 1 48  ? 0.357   17.002  -7.620  1.00 19.82 ? 221  VAL A CB  1 
ATOM   324  C CG1 . VAL A 1 48  ? 0.948   18.381  -7.644  1.00 20.31 ? 221  VAL A CG1 1 
ATOM   325  C CG2 . VAL A 1 48  ? 1.114   16.103  -8.677  1.00 17.12 ? 221  VAL A CG2 1 
ATOM   326  N N   . GLN A 1 49  ? -1.371  17.387  -4.899  1.00 14.23 ? 222  GLN A N   1 
ATOM   327  C CA  . GLN A 1 49  ? -1.982  18.413  -4.051  1.00 15.67 ? 222  GLN A CA  1 
ATOM   328  C C   . GLN A 1 49  ? -2.129  17.946  -2.605  1.00 19.63 ? 222  GLN A C   1 
ATOM   329  O O   . GLN A 1 49  ? -2.002  18.744  -1.661  1.00 18.13 ? 222  GLN A O   1 
ATOM   330  C CB  . GLN A 1 49  ? -3.373  18.807  -4.588  1.00 16.05 ? 222  GLN A CB  1 
ATOM   331  C CG  . GLN A 1 49  ? -3.384  19.408  -5.974  1.00 13.86 ? 222  GLN A CG  1 
ATOM   332  C CD  . GLN A 1 49  ? -2.551  20.679  -6.092  1.00 18.35 ? 222  GLN A CD  1 
ATOM   333  O OE1 . GLN A 1 49  ? -2.284  21.367  -5.101  1.00 19.98 ? 222  GLN A OE1 1 
ATOM   334  N NE2 . GLN A 1 49  ? -2.121  20.978  -7.305  1.00 23.99 ? 222  GLN A NE2 1 
ATOM   335  N N   . HIS A 1 50  ? -2.418  16.661  -2.430  1.00 21.90 ? 223  HIS A N   1 
ATOM   336  C CA  . HIS A 1 50  ? -2.648  16.116  -1.097  1.00 21.90 ? 223  HIS A CA  1 
ATOM   337  C C   . HIS A 1 50  ? -1.393  15.565  -0.427  1.00 23.83 ? 223  HIS A C   1 
ATOM   338  O O   . HIS A 1 50  ? -1.395  15.373  0.787   1.00 21.45 ? 223  HIS A O   1 
ATOM   339  C CB  . HIS A 1 50  ? -3.749  15.041  -1.109  1.00 23.46 ? 223  HIS A CB  1 
ATOM   340  C CG  . HIS A 1 50  ? -4.276  14.704  0.258   1.00 22.41 ? 223  HIS A CG  1 
ATOM   341  N ND1 . HIS A 1 50  ? -4.998  15.598  1.018   1.00 23.78 ? 223  HIS A ND1 1 
ATOM   342  C CD2 . HIS A 1 50  ? -4.192  13.568  0.993   1.00 24.69 ? 223  HIS A CD2 1 
ATOM   343  C CE1 . HIS A 1 50  ? -5.327  15.030  2.166   1.00 25.67 ? 223  HIS A CE1 1 
ATOM   344  N NE2 . HIS A 1 50  ? -4.849  13.798  2.177   1.00 24.82 ? 223  HIS A NE2 1 
ATOM   345  N N   . ARG A 1 51  ? -0.343  15.276  -1.197  1.00 24.30 ? 224  ARG A N   1 
ATOM   346  C CA  . ARG A 1 51  ? 0.937   14.853  -0.615  1.00 31.31 ? 224  ARG A CA  1 
ATOM   347  C C   . ARG A 1 51  ? 0.781   13.495  0.114   1.00 28.01 ? 224  ARG A C   1 
ATOM   348  O O   . ARG A 1 51  ? 0.920   13.400  1.329   1.00 25.50 ? 224  ARG A O   1 
ATOM   349  C CB  . ARG A 1 51  ? 1.517   15.929  0.327   1.00 33.84 ? 224  ARG A CB  1 
ATOM   350  C CG  . ARG A 1 51  ? 1.510   17.382  -0.219  1.00 41.77 ? 224  ARG A CG  1 
ATOM   351  C CD  . ARG A 1 51  ? 2.839   17.823  -0.838  1.00 48.28 ? 224  ARG A CD  1 
ATOM   352  N NE  . ARG A 1 51  ? 2.792   19.220  -1.296  1.00 54.74 ? 224  ARG A NE  1 
ATOM   353  C CZ  . ARG A 1 51  ? 3.719   19.820  -2.053  1.00 57.78 ? 224  ARG A CZ  1 
ATOM   354  N NH1 . ARG A 1 51  ? 4.814   19.175  -2.451  1.00 59.12 ? 224  ARG A NH1 1 
ATOM   355  N NH2 . ARG A 1 51  ? 3.551   21.092  -2.416  1.00 58.99 ? 224  ARG A NH2 1 
ATOM   356  N N   . VAL A 1 52  ? 0.429   12.472  -0.661  1.00 22.19 ? 225  VAL A N   1 
ATOM   357  C CA  . VAL A 1 52  ? 0.403   11.067  -0.218  1.00 19.41 ? 225  VAL A CA  1 
ATOM   358  C C   . VAL A 1 52  ? 1.217   10.334  -1.263  1.00 17.59 ? 225  VAL A C   1 
ATOM   359  O O   . VAL A 1 52  ? 1.157   10.714  -2.413  1.00 18.01 ? 225  VAL A O   1 
ATOM   360  C CB  . VAL A 1 52  ? -0.957  10.369  -0.397  1.00 22.44 ? 225  VAL A CB  1 
ATOM   361  C CG1 . VAL A 1 52  ? -1.288  9.501   0.800   1.00 24.09 ? 225  VAL A CG1 1 
ATOM   362  C CG2 . VAL A 1 52  ? -2.038  11.295  -0.804  1.00 22.73 ? 225  VAL A CG2 1 
ATOM   363  N N   . SER A 1 53  ? 1.901   9.243   -0.926  1.00 22.45 ? 226  SER A N   1 
ATOM   364  C CA  . SER A 1 53  ? 2.650   8.551   -1.975  1.00 23.31 ? 226  SER A CA  1 
ATOM   365  C C   . SER A 1 53  ? 1.979   7.319   -2.578  1.00 16.02 ? 226  SER A C   1 
ATOM   366  O O   . SER A 1 53  ? 2.398   6.874   -3.640  1.00 16.80 ? 226  SER A O   1 
ATOM   367  C CB  . SER A 1 53  ? 4.075   8.237   -1.522  1.00 29.15 ? 226  SER A CB  1 
ATOM   368  O OG  . SER A 1 53  ? 4.080   7.771   -0.198  1.00 31.28 ? 226  SER A OG  1 
ATOM   369  N N   . ALA A 1 54  ? 0.919   6.801   -1.958  1.00 13.37 ? 227  ALA A N   1 
ATOM   370  C CA  . ALA A 1 54  ? 0.226   5.602   -2.480  1.00 11.95 ? 227  ALA A CA  1 
ATOM   371  C C   . ALA A 1 54  ? -1.199  5.520   -1.962  1.00 12.83 ? 227  ALA A C   1 
ATOM   372  O O   . ALA A 1 54  ? -1.495  5.959   -0.852  1.00 12.12 ? 227  ALA A O   1 
ATOM   373  C CB  . ALA A 1 54  ? 0.997   4.341   -2.156  1.00 13.01 ? 227  ALA A CB  1 
ATOM   374  N N   . LEU A 1 55  ? -2.067  4.979   -2.797  1.00 11.85 ? 228  LEU A N   1 
ATOM   375  C CA  . LEU A 1 55  ? -3.495  4.991   -2.551  1.00 12.45 ? 228  LEU A CA  1 
ATOM   376  C C   . LEU A 1 55  ? -4.076  3.599   -2.684  1.00 9.22  ? 228  LEU A C   1 
ATOM   377  O O   . LEU A 1 55  ? -3.966  2.999   -3.757  1.00 10.20 ? 228  LEU A O   1 
ATOM   378  C CB  . LEU A 1 55  ? -4.161  5.848   -3.602  1.00 10.76 ? 228  LEU A CB  1 
ATOM   379  C CG  . LEU A 1 55  ? -3.739  7.309   -3.690  1.00 15.31 ? 228  LEU A CG  1 
ATOM   380  C CD1 . LEU A 1 55  ? -4.018  7.828   -5.102  1.00 16.15 ? 228  LEU A CD1 1 
ATOM   381  C CD2 . LEU A 1 55  ? -4.454  8.114   -2.585  1.00 16.28 ? 228  LEU A CD2 1 
ATOM   382  N N   . PRO A 1 56  ? -4.662  3.067   -1.603  1.00 13.41 ? 229  PRO A N   1 
ATOM   383  C CA  . PRO A 1 56  ? -5.382  1.812   -1.721  1.00 14.63 ? 229  PRO A CA  1 
ATOM   384  C C   . PRO A 1 56  ? -6.441  1.962   -2.811  1.00 15.92 ? 229  PRO A C   1 
ATOM   385  O O   . PRO A 1 56  ? -7.024  3.056   -2.950  1.00 12.29 ? 229  PRO A O   1 
ATOM   386  C CB  . PRO A 1 56  ? -6.012  1.634   -0.343  1.00 15.78 ? 229  PRO A CB  1 
ATOM   387  C CG  . PRO A 1 56  ? -5.106  2.369   0.573   1.00 17.00 ? 229  PRO A CG  1 
ATOM   388  C CD  . PRO A 1 56  ? -4.660  3.577   -0.218  1.00 15.33 ? 229  PRO A CD  1 
ATOM   389  N N   . VAL A 1 57  ? -6.628  0.894   -3.588  1.00 12.47 ? 230  VAL A N   1 
ATOM   390  C CA  . VAL A 1 57  ? -7.589  0.844   -4.707  1.00 12.88 ? 230  VAL A CA  1 
ATOM   391  C C   . VAL A 1 57  ? -8.650  -0.190  -4.331  1.00 11.69 ? 230  VAL A C   1 
ATOM   392  O O   . VAL A 1 57  ? -8.342  -1.383  -4.147  1.00 15.20 ? 230  VAL A O   1 
ATOM   393  C CB  . VAL A 1 57  ? -6.947  0.407   -6.011  1.00 13.44 ? 230  VAL A CB  1 
ATOM   394  C CG1 . VAL A 1 57  ? -7.992  0.340   -7.132  1.00 16.46 ? 230  VAL A CG1 1 
ATOM   395  C CG2 . VAL A 1 57  ? -5.807  1.354   -6.425  1.00 9.32  ? 230  VAL A CG2 1 
ATOM   396  N N   . VAL A 1 58  ? -9.891  0.263   -4.206  1.00 15.77 ? 231  VAL A N   1 
ATOM   397  C CA  . VAL A 1 58  ? -10.964 -0.597  -3.724  1.00 14.64 ? 231  VAL A CA  1 
ATOM   398  C C   . VAL A 1 58  ? -12.023 -0.882  -4.785  1.00 18.94 ? 231  VAL A C   1 
ATOM   399  O O   . VAL A 1 58  ? -12.295 -0.041  -5.644  1.00 16.63 ? 231  VAL A O   1 
ATOM   400  C CB  . VAL A 1 58  ? -11.605 0.008   -2.426  1.00 17.87 ? 231  VAL A CB  1 
ATOM   401  C CG1 . VAL A 1 58  ? -10.577 0.060   -1.293  1.00 23.28 ? 231  VAL A CG1 1 
ATOM   402  C CG2 . VAL A 1 58  ? -12.144 1.382   -2.652  1.00 20.01 ? 231  VAL A CG2 1 
ATOM   403  N N   . ASP A 1 59  ? -12.631 -2.065  -4.716  1.00 19.30 ? 232  ASP A N   1 
ATOM   404  C CA  . ASP A 1 59  ? -13.598 -2.490  -5.722  1.00 23.70 ? 232  ASP A CA  1 
ATOM   405  C C   . ASP A 1 59  ? -14.977 -1.980  -5.325  1.00 25.89 ? 232  ASP A C   1 
ATOM   406  O O   . ASP A 1 59  ? -15.112 -1.235  -4.372  1.00 22.25 ? 232  ASP A O   1 
ATOM   407  C CB  . ASP A 1 59  ? -13.558 -4.022  -5.953  1.00 25.01 ? 232  ASP A CB  1 
ATOM   408  C CG  . ASP A 1 59  ? -13.983 -4.848  -4.735  1.00 25.14 ? 232  ASP A CG  1 
ATOM   409  O OD1 . ASP A 1 59  ? -14.704 -4.344  -3.838  1.00 20.64 ? 232  ASP A OD1 1 
ATOM   410  O OD2 . ASP A 1 59  ? -13.589 -6.038  -4.705  1.00 22.03 ? 232  ASP A OD2 1 
ATOM   411  N N   . GLU A 1 60  ? -15.985 -2.327  -6.110  1.00 31.33 ? 233  GLU A N   1 
ATOM   412  C CA  . GLU A 1 60  ? -17.361 -1.886  -5.851  1.00 35.79 ? 233  GLU A CA  1 
ATOM   413  C C   . GLU A 1 60  ? -17.874 -2.296  -4.470  1.00 38.26 ? 233  GLU A C   1 
ATOM   414  O O   . GLU A 1 60  ? -18.733 -1.617  -3.899  1.00 37.74 ? 233  GLU A O   1 
ATOM   415  C CB  . GLU A 1 60  ? -18.305 -2.380  -6.958  1.00 38.70 ? 233  GLU A CB  1 
ATOM   416  C CG  . GLU A 1 60  ? -18.434 -3.900  -7.096  1.00 43.88 ? 233  GLU A CG  1 
ATOM   417  C CD  . GLU A 1 60  ? -17.142 -4.599  -7.495  1.00 49.02 ? 233  GLU A CD  1 
ATOM   418  O OE1 . GLU A 1 60  ? -16.326 -4.003  -8.259  1.00 48.97 ? 233  GLU A OE1 1 
ATOM   419  O OE2 . GLU A 1 60  ? -16.947 -5.748  -7.031  1.00 52.86 ? 233  GLU A OE2 1 
ATOM   420  N N   . LYS A 1 61  ? -17.324 -3.377  -3.917  1.00 37.72 ? 234  LYS A N   1 
ATOM   421  C CA  . LYS A 1 61  ? -17.711 -3.847  -2.589  1.00 38.81 ? 234  LYS A CA  1 
ATOM   422  C C   . LYS A 1 61  ? -16.915 -3.241  -1.424  1.00 36.61 ? 234  LYS A C   1 
ATOM   423  O O   . LYS A 1 61  ? -17.118 -3.634  -0.276  1.00 37.66 ? 234  LYS A O   1 
ATOM   424  C CB  . LYS A 1 61  ? -17.626 -5.379  -2.536  1.00 42.42 ? 234  LYS A CB  1 
ATOM   425  C CG  . LYS A 1 61  ? -18.604 -6.096  -3.451  1.00 44.75 ? 234  LYS A CG  1 
ATOM   426  C CD  . LYS A 1 61  ? -20.070 -5.853  -3.042  1.00 51.13 ? 234  LYS A CD  1 
ATOM   427  C CE  . LYS A 1 61  ? -20.472 -6.578  -1.747  1.00 53.31 ? 234  LYS A CE  1 
ATOM   428  N NZ  . LYS A 1 61  ? -20.580 -8.059  -1.932  1.00 55.45 ? 234  LYS A NZ  1 
ATOM   429  N N   . GLY A 1 62  ? -16.027 -2.287  -1.708  1.00 32.10 ? 235  GLY A N   1 
ATOM   430  C CA  . GLY A 1 62  ? -15.233 -1.630  -0.664  1.00 27.67 ? 235  GLY A CA  1 
ATOM   431  C C   . GLY A 1 62  ? -13.969 -2.405  -0.298  1.00 23.67 ? 235  GLY A C   1 
ATOM   432  O O   . GLY A 1 62  ? -13.231 -1.997  0.583   1.00 24.56 ? 235  GLY A O   1 
ATOM   433  N N   . ARG A 1 63  ? -13.711 -3.501  -1.001  1.00 20.22 ? 236  ARG A N   1 
ATOM   434  C CA  . ARG A 1 63  ? -12.572 -4.379  -0.723  1.00 17.54 ? 236  ARG A CA  1 
ATOM   435  C C   . ARG A 1 63  ? -11.302 -3.976  -1.468  1.00 16.53 ? 236  ARG A C   1 
ATOM   436  O O   . ARG A 1 63  ? -11.350 -3.568  -2.634  1.00 19.21 ? 236  ARG A O   1 
ATOM   437  C CB  . ARG A 1 63  ? -12.920 -5.810  -1.111  1.00 19.05 ? 236  ARG A CB  1 
ATOM   438  C CG  . ARG A 1 63  ? -14.083 -6.352  -0.328  1.00 20.26 ? 236  ARG A CG  1 
ATOM   439  C CD  . ARG A 1 63  ? -14.095 -7.863  -0.379  1.00 23.89 ? 236  ARG A CD  1 
ATOM   440  N NE  . ARG A 1 63  ? -15.246 -8.371  0.356   1.00 27.85 ? 236  ARG A NE  1 
ATOM   441  C CZ  . ARG A 1 63  ? -16.324 -8.939  -0.197  1.00 39.26 ? 236  ARG A CZ  1 
ATOM   442  N NH1 . ARG A 1 63  ? -16.437 -9.082  -1.524  1.00 40.91 ? 236  ARG A NH1 1 
ATOM   443  N NH2 . ARG A 1 63  ? -17.310 -9.378  0.587   1.00 35.83 ? 236  ARG A NH2 1 
ATOM   444  N N   . VAL A 1 64  ? -10.162 -4.115  -0.799  1.00 17.32 ? 237  VAL A N   1 
ATOM   445  C CA  . VAL A 1 64  ? -8.885  -3.664  -1.384  1.00 20.85 ? 237  VAL A CA  1 
ATOM   446  C C   . VAL A 1 64  ? -8.416  -4.652  -2.438  1.00 18.79 ? 237  VAL A C   1 
ATOM   447  O O   . VAL A 1 64  ? -8.284  -5.831  -2.144  1.00 18.31 ? 237  VAL A O   1 
ATOM   448  C CB  . VAL A 1 64  ? -7.756  -3.484  -0.308  1.00 21.35 ? 237  VAL A CB  1 
ATOM   449  C CG1 . VAL A 1 64  ? -6.526  -2.844  -0.969  1.00 21.15 ? 237  VAL A CG1 1 
ATOM   450  C CG2 . VAL A 1 64  ? -8.248  -2.605  0.825   1.00 22.97 ? 237  VAL A CG2 1 
ATOM   451  N N   . VAL A 1 65  ? -8.175  -4.179  -3.658  1.00 15.56 ? 238  VAL A N   1 
ATOM   452  C CA  . VAL A 1 65  ? -7.692  -5.049  -4.738  1.00 15.29 ? 238  VAL A CA  1 
ATOM   453  C C   . VAL A 1 65  ? -6.318  -4.648  -5.326  1.00 14.80 ? 238  VAL A C   1 
ATOM   454  O O   . VAL A 1 65  ? -5.676  -5.435  -6.031  1.00 13.19 ? 238  VAL A O   1 
ATOM   455  C CB  . VAL A 1 65  ? -8.738  -5.149  -5.866  1.00 18.11 ? 238  VAL A CB  1 
ATOM   456  C CG1 . VAL A 1 65  ? -10.071 -5.694  -5.305  1.00 21.89 ? 238  VAL A CG1 1 
ATOM   457  C CG2 . VAL A 1 65  ? -8.928  -3.809  -6.530  1.00 16.24 ? 238  VAL A CG2 1 
ATOM   458  N N   . ASP A 1 66  ? -5.840  -3.463  -4.959  1.00 13.33 ? 239  ASP A N   1 
ATOM   459  C CA  . ASP A 1 66  ? -4.531  -3.005  -5.421  1.00 15.31 ? 239  ASP A CA  1 
ATOM   460  C C   . ASP A 1 66  ? -4.135  -1.826  -4.561  1.00 12.52 ? 239  ASP A C   1 
ATOM   461  O O   . ASP A 1 66  ? -4.910  -1.381  -3.700  1.00 12.05 ? 239  ASP A O   1 
ATOM   462  C CB  . ASP A 1 66  ? -4.619  -2.578  -6.891  1.00 9.70  ? 239  ASP A CB  1 
ATOM   463  C CG  . ASP A 1 66  ? -3.251  -2.484  -7.577  1.00 16.54 ? 239  ASP A CG  1 
ATOM   464  O OD1 . ASP A 1 66  ? -2.307  -3.190  -7.200  1.00 14.12 ? 239  ASP A OD1 1 
ATOM   465  O OD2 . ASP A 1 66  ? -3.109  -1.691  -8.516  1.00 16.31 ? 239  ASP A OD2 1 
ATOM   466  N N   . ILE A 1 67  ? -2.919  -1.357  -4.782  1.00 14.76 ? 240  ILE A N   1 
ATOM   467  C CA  . ILE A 1 67  ? -2.442  -0.104  -4.237  1.00 13.95 ? 240  ILE A CA  1 
ATOM   468  C C   . ILE A 1 67  ? -1.748  0.641   -5.385  1.00 11.14 ? 240  ILE A C   1 
ATOM   469  O O   . ILE A 1 67  ? -1.005  0.033   -6.173  1.00 15.96 ? 240  ILE A O   1 
ATOM   470  C CB  . ILE A 1 67  ? -1.552  -0.331  -2.994  1.00 16.28 ? 240  ILE A CB  1 
ATOM   471  C CG1 . ILE A 1 67  ? -1.191  1.024   -2.368  1.00 20.21 ? 240  ILE A CG1 1 
ATOM   472  C CG2 . ILE A 1 67  ? -0.329  -1.165  -3.336  1.00 24.15 ? 240  ILE A CG2 1 
ATOM   473  C CD1 . ILE A 1 67  ? -0.795  0.946   -0.882  1.00 24.99 ? 240  ILE A CD1 1 
ATOM   474  N N   . TYR A 1 68  ? -2.090  1.912   -5.556  1.00 14.20 ? 241  TYR A N   1 
ATOM   475  C CA  . TYR A 1 68  ? -1.654  2.714   -6.715  1.00 11.16 ? 241  TYR A CA  1 
ATOM   476  C C   . TYR A 1 68  ? -0.744  3.837   -6.219  1.00 14.37 ? 241  TYR A C   1 
ATOM   477  O O   . TYR A 1 68  ? -1.101  4.620   -5.321  1.00 14.09 ? 241  TYR A O   1 
ATOM   478  C CB  . TYR A 1 68  ? -2.854  3.300   -7.456  1.00 14.20 ? 241  TYR A CB  1 
ATOM   479  C CG  . TYR A 1 68  ? -2.521  3.907   -8.793  1.00 14.94 ? 241  TYR A CG  1 
ATOM   480  C CD1 . TYR A 1 68  ? -2.463  3.112   -9.931  1.00 14.90 ? 241  TYR A CD1 1 
ATOM   481  C CD2 . TYR A 1 68  ? -2.275  5.274   -8.934  1.00 15.37 ? 241  TYR A CD2 1 
ATOM   482  C CE1 . TYR A 1 68  ? -2.147  3.634   -11.153 1.00 13.70 ? 241  TYR A CE1 1 
ATOM   483  C CE2 . TYR A 1 68  ? -1.958  5.830   -10.181 1.00 15.04 ? 241  TYR A CE2 1 
ATOM   484  C CZ  . TYR A 1 68  ? -1.897  5.002   -11.294 1.00 11.85 ? 241  TYR A CZ  1 
ATOM   485  O OH  . TYR A 1 68  ? -1.575  5.522   -12.533 1.00 16.17 ? 241  TYR A OH  1 
ATOM   486  N N   . SER A 1 69  ? 0.467   3.857   -6.756  1.00 14.38 ? 242  SER A N   1 
ATOM   487  C CA  . SER A 1 69  ? 1.535   4.699   -6.245  1.00 11.87 ? 242  SER A CA  1 
ATOM   488  C C   . SER A 1 69  ? 2.059   5.686   -7.276  1.00 13.45 ? 242  SER A C   1 
ATOM   489  O O   . SER A 1 69  ? 1.771   5.611   -8.489  1.00 10.51 ? 242  SER A O   1 
ATOM   490  C CB  . SER A 1 69  ? 2.703   3.831   -5.798  1.00 12.54 ? 242  SER A CB  1 
ATOM   491  O OG  . SER A 1 69  ? 3.417   3.301   -6.906  1.00 15.32 ? 242  SER A OG  1 
ATOM   492  N N   . LYS A 1 70  ? 2.886   6.591   -6.784  1.00 13.54 ? 243  LYS A N   1 
ATOM   493  C CA  . LYS A 1 70  ? 3.561   7.553   -7.670  1.00 13.36 ? 243  LYS A CA  1 
ATOM   494  C C   . LYS A 1 70  ? 4.381   6.823   -8.759  1.00 13.54 ? 243  LYS A C   1 
ATOM   495  O O   . LYS A 1 70  ? 4.424   7.252   -9.929  1.00 15.28 ? 243  LYS A O   1 
ATOM   496  C CB  . LYS A 1 70  ? 4.410   8.506   -6.843  1.00 15.13 ? 243  LYS A CB  1 
ATOM   497  C CG  . LYS A 1 70  ? 3.604   9.477   -6.000  1.00 15.33 ? 243  LYS A CG  1 
ATOM   498  C CD  . LYS A 1 70  ? 4.510   10.435  -5.189  1.00 20.99 ? 243  LYS A CD  1 
ATOM   499  C CE  . LYS A 1 70  ? 3.757   11.600  -4.577  1.00 20.82 ? 243  LYS A CE  1 
ATOM   500  N NZ  . LYS A 1 70  ? 4.571   12.194  -3.477  1.00 15.66 ? 243  LYS A NZ  1 
ATOM   501  N N   . PHE A 1 71  ? 5.031   5.719   -8.398  1.00 14.71 ? 244  PHE A N   1 
ATOM   502  C CA  . PHE A 1 71  ? 5.813   4.978   -9.370  1.00 16.40 ? 244  PHE A CA  1 
ATOM   503  C C   . PHE A 1 71  ? 4.912   4.430   -10.474 1.00 14.16 ? 244  PHE A C   1 
ATOM   504  O O   . PHE A 1 71  ? 5.283   4.458   -11.636 1.00 13.09 ? 244  PHE A O   1 
ATOM   505  C CB  . PHE A 1 71  ? 6.643   3.850   -8.752  1.00 16.70 ? 244  PHE A CB  1 
ATOM   506  C CG  . PHE A 1 71  ? 7.460   3.119   -9.780  1.00 17.29 ? 244  PHE A CG  1 
ATOM   507  C CD1 . PHE A 1 71  ? 8.633   3.685   -10.269 1.00 19.02 ? 244  PHE A CD1 1 
ATOM   508  C CD2 . PHE A 1 71  ? 7.004   1.926   -10.324 1.00 19.92 ? 244  PHE A CD2 1 
ATOM   509  C CE1 . PHE A 1 71  ? 9.374   3.058   -11.272 1.00 20.39 ? 244  PHE A CE1 1 
ATOM   510  C CE2 . PHE A 1 71  ? 7.735   1.282   -11.312 1.00 18.07 ? 244  PHE A CE2 1 
ATOM   511  C CZ  . PHE A 1 71  ? 8.928   1.860   -11.796 1.00 16.13 ? 244  PHE A CZ  1 
ATOM   512  N N   . ASP A 1 72  ? 3.712   3.995   -10.118 1.00 12.01 ? 245  ASP A N   1 
ATOM   513  C CA  . ASP A 1 72  ? 2.740   3.548   -11.129 1.00 15.38 ? 245  ASP A CA  1 
ATOM   514  C C   . ASP A 1 72  ? 2.451   4.602   -12.206 1.00 14.02 ? 245  ASP A C   1 
ATOM   515  O O   . ASP A 1 72  ? 2.350   4.276   -13.409 1.00 14.53 ? 245  ASP A O   1 
ATOM   516  C CB  . ASP A 1 72  ? 1.449   3.071   -10.459 1.00 12.53 ? 245  ASP A CB  1 
ATOM   517  C CG  . ASP A 1 72  ? 1.644   1.781   -9.683  1.00 13.77 ? 245  ASP A CG  1 
ATOM   518  O OD1 . ASP A 1 72  ? 2.376   0.877   -10.166 1.00 16.85 ? 245  ASP A OD1 1 
ATOM   519  O OD2 . ASP A 1 72  ? 1.044   1.662   -8.611  1.00 15.72 ? 245  ASP A OD2 1 
ATOM   520  N N   . VAL A 1 73  ? 2.370   5.869   -11.795 1.00 15.08 ? 246  VAL A N   1 
ATOM   521  C CA  . VAL A 1 73  ? 2.130   6.952   -12.728 1.00 14.05 ? 246  VAL A CA  1 
ATOM   522  C C   . VAL A 1 73  ? 3.354   7.130   -13.649 1.00 15.17 ? 246  VAL A C   1 
ATOM   523  O O   . VAL A 1 73  ? 3.225   7.300   -14.874 1.00 15.25 ? 246  VAL A O   1 
ATOM   524  C CB  . VAL A 1 73  ? 1.797   8.274   -11.996 1.00 16.15 ? 246  VAL A CB  1 
ATOM   525  C CG1 . VAL A 1 73  ? 1.815   9.469   -12.966 1.00 14.74 ? 246  VAL A CG1 1 
ATOM   526  C CG2 . VAL A 1 73  ? 0.427   8.179   -11.355 1.00 15.38 ? 246  VAL A CG2 1 
ATOM   527  N N   . ILE A 1 74  ? 4.548   7.076   -13.063 1.00 17.47 ? 247  ILE A N   1 
ATOM   528  C CA  . ILE A 1 74  ? 5.784   7.184   -13.855 1.00 16.14 ? 247  ILE A CA  1 
ATOM   529  C C   . ILE A 1 74  ? 5.931   6.018   -14.860 1.00 18.24 ? 247  ILE A C   1 
ATOM   530  O O   . ILE A 1 74  ? 6.341   6.207   -16.018 1.00 18.00 ? 247  ILE A O   1 
ATOM   531  C CB  . ILE A 1 74  ? 7.028   7.304   -12.924 1.00 20.33 ? 247  ILE A CB  1 
ATOM   532  C CG1 . ILE A 1 74  ? 6.882   8.520   -12.014 1.00 23.03 ? 247  ILE A CG1 1 
ATOM   533  C CG2 . ILE A 1 74  ? 8.295   7.507   -13.725 1.00 21.98 ? 247  ILE A CG2 1 
ATOM   534  C CD1 . ILE A 1 74  ? 6.617   9.753   -12.754 1.00 21.15 ? 247  ILE A CD1 1 
ATOM   535  N N   . ASN A 1 75  ? 5.611   4.815   -14.411 1.00 16.94 ? 248  ASN A N   1 
ATOM   536  C CA  . ASN A 1 75  ? 5.542   3.646   -15.300 1.00 17.55 ? 248  ASN A CA  1 
ATOM   537  C C   . ASN A 1 75  ? 4.581   3.875   -16.484 1.00 15.66 ? 248  ASN A C   1 
ATOM   538  O O   . ASN A 1 75  ? 4.924   3.622   -17.653 1.00 16.43 ? 248  ASN A O   1 
ATOM   539  C CB  . ASN A 1 75  ? 5.097   2.427   -14.488 1.00 19.19 ? 248  ASN A CB  1 
ATOM   540  C CG  . ASN A 1 75  ? 5.763   1.141   -14.928 1.00 25.58 ? 248  ASN A CG  1 
ATOM   541  O OD1 . ASN A 1 75  ? 6.583   1.099   -15.873 1.00 24.45 ? 248  ASN A OD1 1 
ATOM   542  N ND2 . ASN A 1 75  ? 5.433   0.075   -14.222 1.00 25.97 ? 248  ASN A ND2 1 
ATOM   543  N N   . LEU A 1 76  ? 3.392   4.377   -16.185 1.00 12.92 ? 249  LEU A N   1 
ATOM   544  C CA  . LEU A 1 76  ? 2.440   4.768   -17.222 1.00 14.81 ? 249  LEU A CA  1 
ATOM   545  C C   . LEU A 1 76  ? 3.082   5.777   -18.164 1.00 15.02 ? 249  LEU A C   1 
ATOM   546  O O   . LEU A 1 76  ? 3.026   5.608   -19.394 1.00 12.97 ? 249  LEU A O   1 
ATOM   547  C CB  . LEU A 1 76  ? 1.179   5.387   -16.623 1.00 15.78 ? 249  LEU A CB  1 
ATOM   548  C CG  . LEU A 1 76  ? 0.108   5.823   -17.617 1.00 16.73 ? 249  LEU A CG  1 
ATOM   549  C CD1 . LEU A 1 76  ? -0.460  4.568   -18.354 1.00 16.97 ? 249  LEU A CD1 1 
ATOM   550  C CD2 . LEU A 1 76  ? -0.994  6.649   -16.905 1.00 13.30 ? 249  LEU A CD2 1 
ATOM   551  N N   . ALA A 1 77  ? 3.698   6.814   -17.586 1.00 12.96 ? 250  ALA A N   1 
ATOM   552  C CA  . ALA A 1 77  ? 4.382   7.842   -18.393 1.00 16.24 ? 250  ALA A CA  1 
ATOM   553  C C   . ALA A 1 77  ? 5.437   7.272   -19.365 1.00 13.96 ? 250  ALA A C   1 
ATOM   554  O O   . ALA A 1 77  ? 5.605   7.789   -20.487 1.00 15.00 ? 250  ALA A O   1 
ATOM   555  C CB  . ALA A 1 77  ? 5.015   8.911   -17.484 1.00 13.81 ? 250  ALA A CB  1 
ATOM   556  N N   . ALA A 1 78  ? 6.143   6.207   -18.965 1.00 11.85 ? 251  ALA A N   1 
ATOM   557  C CA  . ALA A 1 78  ? 7.212   5.609   -19.792 1.00 14.39 ? 251  ALA A CA  1 
ATOM   558  C C   . ALA A 1 78  ? 6.713   4.637   -20.873 1.00 16.83 ? 251  ALA A C   1 
ATOM   559  O O   . ALA A 1 78  ? 7.497   4.214   -21.713 1.00 17.65 ? 251  ALA A O   1 
ATOM   560  C CB  . ALA A 1 78  ? 8.241   4.900   -18.905 1.00 12.68 ? 251  ALA A CB  1 
ATOM   561  N N   . GLU A 1 79  ? 5.436   4.260   -20.849 1.00 13.32 ? 252  GLU A N   1 
ATOM   562  C CA  . GLU A 1 79  ? 4.894   3.313   -21.853 1.00 15.92 ? 252  GLU A CA  1 
ATOM   563  C C   . GLU A 1 79  ? 5.022   3.915   -23.241 1.00 19.24 ? 252  GLU A C   1 
ATOM   564  O O   . GLU A 1 79  ? 4.684   5.075   -23.446 1.00 19.59 ? 252  GLU A O   1 
ATOM   565  C CB  . GLU A 1 79  ? 3.427   2.962   -21.557 1.00 19.74 ? 252  GLU A CB  1 
ATOM   566  C CG  . GLU A 1 79  ? 3.240   2.108   -20.327 1.00 18.64 ? 252  GLU A CG  1 
ATOM   567  C CD  . GLU A 1 79  ? 1.774   1.807   -19.978 1.00 21.17 ? 252  GLU A CD  1 
ATOM   568  O OE1 . GLU A 1 79  ? 0.887   1.905   -20.850 1.00 17.97 ? 252  GLU A OE1 1 
ATOM   569  O OE2 . GLU A 1 79  ? 1.492   1.469   -18.806 1.00 17.29 ? 252  GLU A OE2 1 
ATOM   570  N N   . LYS A 1 80  ? 5.540   3.130   -24.180 1.00 20.73 ? 253  LYS A N   1 
ATOM   571  C CA  . LYS A 1 80  ? 5.797   3.629   -25.539 1.00 23.27 ? 253  LYS A CA  1 
ATOM   572  C C   . LYS A 1 80  ? 4.522   3.787   -26.347 1.00 23.73 ? 253  LYS A C   1 
ATOM   573  O O   . LYS A 1 80  ? 4.479   4.563   -27.323 1.00 22.08 ? 253  LYS A O   1 
ATOM   574  C CB  . LYS A 1 80  ? 6.814   2.720   -26.228 1.00 28.86 ? 253  LYS A CB  1 
ATOM   575  C CG  . LYS A 1 80  ? 8.191   2.856   -25.572 1.00 32.50 ? 253  LYS A CG  1 
ATOM   576  C CD  . LYS A 1 80  ? 9.166   1.750   -25.946 1.00 40.92 ? 253  LYS A CD  1 
ATOM   577  C CE  . LYS A 1 80  ? 10.486  1.910   -25.174 1.00 43.29 ? 253  LYS A CE  1 
ATOM   578  N NZ  . LYS A 1 80  ? 10.995  3.329   -25.135 1.00 42.80 ? 253  LYS A NZ  1 
ATOM   579  N N   . THR A 1 81  ? 3.481   3.065   -25.941 1.00 20.49 ? 254  THR A N   1 
ATOM   580  C CA  . THR A 1 81  ? 2.172   3.165   -26.583 1.00 19.94 ? 254  THR A CA  1 
ATOM   581  C C   . THR A 1 81  ? 1.480   4.470   -26.181 1.00 18.22 ? 254  THR A C   1 
ATOM   582  O O   . THR A 1 81  ? 1.854   5.087   -25.183 1.00 16.58 ? 254  THR A O   1 
ATOM   583  C CB  . THR A 1 81  ? 1.282   1.958   -26.224 1.00 23.28 ? 254  THR A CB  1 
ATOM   584  O OG1 . THR A 1 81  ? 1.366   1.702   -24.813 1.00 24.15 ? 254  THR A OG1 1 
ATOM   585  C CG2 . THR A 1 81  ? 1.735   0.717   -27.004 1.00 27.08 ? 254  THR A CG2 1 
ATOM   586  N N   . TYR A 1 82  ? 0.476   4.878   -26.959 1.00 17.71 ? 255  TYR A N   1 
ATOM   587  C CA  . TYR A 1 82  ? -0.256  6.124   -26.704 1.00 18.55 ? 255  TYR A CA  1 
ATOM   588  C C   . TYR A 1 82  ? -1.253  5.950   -25.533 1.00 16.06 ? 255  TYR A C   1 
ATOM   589  O O   . TYR A 1 82  ? -2.147  5.078   -25.553 1.00 14.75 ? 255  TYR A O   1 
ATOM   590  C CB  . TYR A 1 82  ? -0.984  6.603   -27.960 1.00 16.62 ? 255  TYR A CB  1 
ATOM   591  C CG  . TYR A 1 82  ? -1.648  7.949   -27.823 1.00 17.06 ? 255  TYR A CG  1 
ATOM   592  C CD1 . TYR A 1 82  ? -1.042  9.108   -28.311 1.00 22.68 ? 255  TYR A CD1 1 
ATOM   593  C CD2 . TYR A 1 82  ? -2.883  8.072   -27.192 1.00 22.47 ? 255  TYR A CD2 1 
ATOM   594  C CE1 . TYR A 1 82  ? -1.668  10.361  -28.185 1.00 19.81 ? 255  TYR A CE1 1 
ATOM   595  C CE2 . TYR A 1 82  ? -3.515  9.303   -27.066 1.00 22.87 ? 255  TYR A CE2 1 
ATOM   596  C CZ  . TYR A 1 82  ? -2.911  10.439  -27.556 1.00 21.96 ? 255  TYR A CZ  1 
ATOM   597  O OH  . TYR A 1 82  ? -3.575  11.640  -27.407 1.00 23.96 ? 255  TYR A OH  1 
ATOM   598  N N   . ASN A 1 83  ? -1.074  6.785   -24.519 1.00 12.82 ? 256  ASN A N   1 
ATOM   599  C CA  . ASN A 1 83  ? -2.023  6.907   -23.415 1.00 14.89 ? 256  ASN A CA  1 
ATOM   600  C C   . ASN A 1 83  ? -2.428  8.350   -23.197 1.00 16.83 ? 256  ASN A C   1 
ATOM   601  O O   . ASN A 1 83  ? -1.735  9.275   -23.628 1.00 17.36 ? 256  ASN A O   1 
ATOM   602  C CB  . ASN A 1 83  ? -1.398  6.402   -22.107 1.00 16.78 ? 256  ASN A CB  1 
ATOM   603  C CG  . ASN A 1 83  ? -1.016  4.940   -22.170 1.00 17.89 ? 256  ASN A CG  1 
ATOM   604  O OD1 . ASN A 1 83  ? -1.871  4.072   -22.354 1.00 19.49 ? 256  ASN A OD1 1 
ATOM   605  N ND2 . ASN A 1 83  ? 0.281   4.660   -22.044 1.00 11.79 ? 256  ASN A ND2 1 
ATOM   606  N N   . ASN A 1 84  ? -3.572  8.517   -22.543 1.00 16.37 ? 257  ASN A N   1 
ATOM   607  C CA  . ASN A 1 84  ? -3.965  9.792   -21.912 1.00 15.56 ? 257  ASN A CA  1 
ATOM   608  C C   . ASN A 1 84  ? -4.317  9.536   -20.447 1.00 15.23 ? 257  ASN A C   1 
ATOM   609  O O   . ASN A 1 84  ? -4.221  8.412   -19.970 1.00 17.39 ? 257  ASN A O   1 
ATOM   610  C CB  . ASN A 1 84  ? -5.117  10.478  -22.653 1.00 15.26 ? 257  ASN A CB  1 
ATOM   611  C CG  . ASN A 1 84  ? -6.338  9.586   -22.812 1.00 18.69 ? 257  ASN A CG  1 
ATOM   612  O OD1 . ASN A 1 84  ? -6.771  8.947   -21.873 1.00 18.30 ? 257  ASN A OD1 1 
ATOM   613  N ND2 . ASN A 1 84  ? -6.906  9.560   -24.008 1.00 15.96 ? 257  ASN A ND2 1 
ATOM   614  N N   . LEU A 1 85  ? -4.732  10.561  -19.732 1.00 18.99 ? 258  LEU A N   1 
ATOM   615  C CA  . LEU A 1 85  ? -4.962  10.389  -18.302 1.00 18.16 ? 258  LEU A CA  1 
ATOM   616  C C   . LEU A 1 85  ? -6.341  9.841   -17.972 1.00 20.90 ? 258  LEU A C   1 
ATOM   617  O O   . LEU A 1 85  ? -6.654  9.590   -16.802 1.00 16.92 ? 258  LEU A O   1 
ATOM   618  C CB  . LEU A 1 85  ? -4.743  11.704  -17.572 1.00 18.82 ? 258  LEU A CB  1 
ATOM   619  C CG  . LEU A 1 85  ? -3.303  12.105  -17.315 1.00 23.04 ? 258  LEU A CG  1 
ATOM   620  C CD1 . LEU A 1 85  ? -3.293  13.523  -16.773 1.00 22.04 ? 258  LEU A CD1 1 
ATOM   621  C CD2 . LEU A 1 85  ? -2.643  11.146  -16.338 1.00 19.42 ? 258  LEU A CD2 1 
ATOM   622  N N   . ASP A 1 86  ? -7.173  9.671   -19.002 1.00 17.40 ? 259  ASP A N   1 
ATOM   623  C CA  . ASP A 1 86  ? -8.510  9.139   -18.835 1.00 21.78 ? 259  ASP A CA  1 
ATOM   624  C C   . ASP A 1 86  ? -8.516  7.623   -19.023 1.00 23.38 ? 259  ASP A C   1 
ATOM   625  O O   . ASP A 1 86  ? -9.284  7.073   -19.824 1.00 27.07 ? 259  ASP A O   1 
ATOM   626  C CB  . ASP A 1 86  ? -9.445  9.820   -19.839 1.00 23.63 ? 259  ASP A CB  1 
ATOM   627  C CG  . ASP A 1 86  ? -10.899 9.574   -19.548 1.00 26.16 ? 259  ASP A CG  1 
ATOM   628  O OD1 . ASP A 1 86  ? -11.258 9.266   -18.386 1.00 23.45 ? 259  ASP A OD1 1 
ATOM   629  O OD2 . ASP A 1 86  ? -11.692 9.665   -20.509 1.00 37.67 ? 259  ASP A OD2 1 
ATOM   630  N N   . VAL A 1 87  ? -7.612  6.954   -18.323 1.00 24.38 ? 260  VAL A N   1 
ATOM   631  C CA  . VAL A 1 87  ? -7.592  5.492   -18.231 1.00 23.94 ? 260  VAL A CA  1 
ATOM   632  C C   . VAL A 1 87  ? -7.701  5.178   -16.734 1.00 25.17 ? 260  VAL A C   1 
ATOM   633  O O   . VAL A 1 87  ? -7.222  5.975   -15.922 1.00 20.82 ? 260  VAL A O   1 
ATOM   634  C CB  . VAL A 1 87  ? -6.297  4.922   -18.867 1.00 23.12 ? 260  VAL A CB  1 
ATOM   635  C CG1 . VAL A 1 87  ? -5.063  5.390   -18.121 1.00 17.81 ? 260  VAL A CG1 1 
ATOM   636  C CG2 . VAL A 1 87  ? -6.355  3.408   -18.956 1.00 23.20 ? 260  VAL A CG2 1 
ATOM   637  N N   . SER A 1 88  ? -8.378  4.079   -16.370 1.00 22.74 ? 261  SER A N   1 
ATOM   638  C CA  . SER A 1 88  ? -8.527  3.724   -14.963 1.00 22.72 ? 261  SER A CA  1 
ATOM   639  C C   . SER A 1 88  ? -7.167  3.384   -14.361 1.00 16.81 ? 261  SER A C   1 
ATOM   640  O O   . SER A 1 88  ? -6.227  2.969   -15.038 1.00 19.38 ? 261  SER A O   1 
ATOM   641  C CB  . SER A 1 88  ? -9.539  2.585   -14.733 1.00 19.41 ? 261  SER A CB  1 
ATOM   642  O OG  . SER A 1 88  ? -10.896 3.015   -14.974 1.00 27.04 ? 261  SER A OG  1 
ATOM   643  N N   . VAL A 1 89  ? -7.083  3.566   -13.060 1.00 14.36 ? 262  VAL A N   1 
ATOM   644  C CA  . VAL A 1 89  ? -5.880  3.223   -12.317 1.00 12.08 ? 262  VAL A CA  1 
ATOM   645  C C   . VAL A 1 89  ? -5.588  1.704   -12.398 1.00 13.17 ? 262  VAL A C   1 
ATOM   646  O O   . VAL A 1 89  ? -4.452  1.273   -12.198 1.00 13.95 ? 262  VAL A O   1 
ATOM   647  C CB  . VAL A 1 89  ? -6.026  3.645   -10.849 1.00 14.01 ? 262  VAL A CB  1 
ATOM   648  C CG1 . VAL A 1 89  ? -6.046  5.213   -10.743 1.00 12.59 ? 262  VAL A CG1 1 
ATOM   649  C CG2 . VAL A 1 89  ? -7.299  3.004   -10.223 1.00 15.40 ? 262  VAL A CG2 1 
ATOM   650  N N   . THR A 1 90  ? -6.619  0.906   -12.700 1.00 16.32 ? 263  THR A N   1 
ATOM   651  C CA  . THR A 1 90  ? -6.451  -0.551  -12.915 1.00 14.33 ? 263  THR A CA  1 
ATOM   652  C C   . THR A 1 90  ? -5.542  -0.946  -14.092 1.00 14.85 ? 263  THR A C   1 
ATOM   653  O O   . THR A 1 90  ? -5.081  -2.108  -14.198 1.00 15.39 ? 263  THR A O   1 
ATOM   654  C CB  . THR A 1 90  ? -7.835  -1.252  -13.071 1.00 10.18 ? 263  THR A CB  1 
ATOM   655  O OG1 . THR A 1 90  ? -8.631  -0.537  -14.034 1.00 17.82 ? 263  THR A OG1 1 
ATOM   656  C CG2 . THR A 1 90  ? -8.569  -1.302  -11.722 1.00 15.06 ? 263  THR A CG2 1 
ATOM   657  N N   . LYS A 1 91  ? -5.230  -0.009  -14.986 1.00 13.43 ? 264  LYS A N   1 
ATOM   658  C CA  . LYS A 1 91  ? -4.278  -0.352  -16.026 1.00 14.12 ? 264  LYS A CA  1 
ATOM   659  C C   . LYS A 1 91  ? -2.888  -0.671  -15.461 1.00 14.53 ? 264  LYS A C   1 
ATOM   660  O O   . LYS A 1 91  ? -2.119  -1.417  -16.073 1.00 16.43 ? 264  LYS A O   1 
ATOM   661  C CB  . LYS A 1 91  ? -4.217  0.691   -17.142 1.00 17.63 ? 264  LYS A CB  1 
ATOM   662  C CG  . LYS A 1 91  ? -3.755  0.025   -18.457 1.00 20.63 ? 264  LYS A CG  1 
ATOM   663  C CD  . LYS A 1 91  ? -3.903  0.895   -19.715 1.00 21.88 ? 264  LYS A CD  1 
ATOM   664  C CE  . LYS A 1 91  ? -2.612  1.536   -20.128 1.00 15.80 ? 264  LYS A CE  1 
ATOM   665  N NZ  . LYS A 1 91  ? -1.560  0.610   -20.582 1.00 21.52 ? 264  LYS A NZ  1 
ATOM   666  N N   . ALA A 1 92  ? -2.573  -0.125  -14.292 1.00 16.12 ? 265  ALA A N   1 
ATOM   667  C CA  . ALA A 1 92  ? -1.314  -0.464  -13.599 1.00 15.30 ? 265  ALA A CA  1 
ATOM   668  C C   . ALA A 1 92  ? -1.205  -1.973  -13.353 1.00 15.22 ? 265  ALA A C   1 
ATOM   669  O O   . ALA A 1 92  ? -0.114  -2.524  -13.253 1.00 17.48 ? 265  ALA A O   1 
ATOM   670  C CB  . ALA A 1 92  ? -1.226  0.282   -12.263 1.00 16.52 ? 265  ALA A CB  1 
ATOM   671  N N   . LEU A 1 93  ? -2.347  -2.644  -13.254 1.00 14.79 ? 266  LEU A N   1 
ATOM   672  C CA  . LEU A 1 93  ? -2.350  -4.107  -13.064 1.00 16.99 ? 266  LEU A CA  1 
ATOM   673  C C   . LEU A 1 93  ? -1.681  -4.887  -14.197 1.00 16.87 ? 266  LEU A C   1 
ATOM   674  O O   . LEU A 1 93  ? -1.445  -6.081  -14.046 1.00 15.61 ? 266  LEU A O   1 
ATOM   675  C CB  . LEU A 1 93  ? -3.771  -4.664  -12.843 1.00 16.54 ? 266  LEU A CB  1 
ATOM   676  C CG  . LEU A 1 93  ? -4.511  -4.174  -11.592 1.00 17.25 ? 266  LEU A CG  1 
ATOM   677  C CD1 . LEU A 1 93  ? -5.994  -4.666  -11.588 1.00 14.67 ? 266  LEU A CD1 1 
ATOM   678  C CD2 . LEU A 1 93  ? -3.766  -4.584  -10.326 1.00 17.64 ? 266  LEU A CD2 1 
ATOM   679  N N   . GLN A 1 94  ? -1.360  -4.237  -15.315 1.00 14.77 ? 267  GLN A N   1 
ATOM   680  C CA  . GLN A 1 94  ? -0.711  -4.958  -16.424 1.00 13.45 ? 267  GLN A CA  1 
ATOM   681  C C   . GLN A 1 94  ? 0.750   -5.201  -16.113 1.00 15.71 ? 267  GLN A C   1 
ATOM   682  O O   . GLN A 1 94  ? 1.352   -6.137  -16.637 1.00 19.65 ? 267  GLN A O   1 
ATOM   683  C CB  . GLN A 1 94  ? -0.861  -4.204  -17.745 1.00 18.48 ? 267  GLN A CB  1 
ATOM   684  C CG  . GLN A 1 94  ? 0.092   -3.008  -17.948 1.00 17.02 ? 267  GLN A CG  1 
ATOM   685  C CD  . GLN A 1 94  ? -0.120  -2.348  -19.306 1.00 20.14 ? 267  GLN A CD  1 
ATOM   686  O OE1 . GLN A 1 94  ? -1.256  -2.230  -19.780 1.00 16.11 ? 267  GLN A OE1 1 
ATOM   687  N NE2 . GLN A 1 94  ? 0.970   -1.962  -19.956 1.00 18.56 ? 267  GLN A NE2 1 
ATOM   688  N N   . HIS A 1 95  ? 1.302   -4.338  -15.265 1.00 15.24 ? 268  HIS A N   1 
ATOM   689  C CA  . HIS A 1 95  ? 2.693   -4.380  -14.864 1.00 13.81 ? 268  HIS A CA  1 
ATOM   690  C C   . HIS A 1 95  ? 3.013   -5.284  -13.658 1.00 15.93 ? 268  HIS A C   1 
ATOM   691  O O   . HIS A 1 95  ? 4.118   -5.796  -13.562 1.00 16.78 ? 268  HIS A O   1 
ATOM   692  C CB  . HIS A 1 95  ? 3.192   -2.967  -14.568 1.00 14.27 ? 268  HIS A CB  1 
ATOM   693  C CG  . HIS A 1 95  ? 3.191   -2.047  -15.752 1.00 20.56 ? 268  HIS A CG  1 
ATOM   694  N ND1 . HIS A 1 95  ? 4.042   -2.214  -16.823 1.00 19.95 ? 268  HIS A ND1 1 
ATOM   695  C CD2 . HIS A 1 95  ? 2.450   -0.946  -16.028 1.00 16.86 ? 268  HIS A CD2 1 
ATOM   696  C CE1 . HIS A 1 95  ? 3.809   -1.269  -17.718 1.00 20.04 ? 268  HIS A CE1 1 
ATOM   697  N NE2 . HIS A 1 95  ? 2.848   -0.488  -17.263 1.00 17.83 ? 268  HIS A NE2 1 
ATOM   698  N N   . ARG A 1 96  ? 2.060   -5.457  -12.738 1.00 15.96 ? 269  ARG A N   1 
ATOM   699  C CA  . ARG A 1 96  ? 2.292   -6.168  -11.486 1.00 14.96 ? 269  ARG A CA  1 
ATOM   700  C C   . ARG A 1 96  ? 0.967   -6.447  -10.782 1.00 16.63 ? 269  ARG A C   1 
ATOM   701  O O   . ARG A 1 96  ? -0.020  -5.713  -10.980 1.00 14.42 ? 269  ARG A O   1 
ATOM   702  C CB  . ARG A 1 96  ? 3.218   -5.334  -10.581 1.00 14.48 ? 269  ARG A CB  1 
ATOM   703  C CG  . ARG A 1 96  ? 2.559   -4.167  -9.790  1.00 15.70 ? 269  ARG A CG  1 
ATOM   704  C CD  . ARG A 1 96  ? 2.122   -3.024  -10.686 1.00 15.13 ? 269  ARG A CD  1 
ATOM   705  N NE  . ARG A 1 96  ? 1.451   -1.962  -9.935  1.00 14.80 ? 269  ARG A NE  1 
ATOM   706  C CZ  . ARG A 1 96  ? 0.206   -2.025  -9.468  1.00 15.69 ? 269  ARG A CZ  1 
ATOM   707  N NH1 . ARG A 1 96  ? -0.554  -3.106  -9.657  1.00 17.42 ? 269  ARG A NH1 1 
ATOM   708  N NH2 . ARG A 1 96  ? -0.290  -0.994  -8.806  1.00 15.58 ? 269  ARG A NH2 1 
ATOM   709  N N   . SER A 1 97  ? 0.941   -7.506  -9.969  1.00 15.87 ? 270  SER A N   1 
ATOM   710  C CA  . SER A 1 97  ? -0.202  -7.799  -9.108  1.00 16.80 ? 270  SER A CA  1 
ATOM   711  C C   . SER A 1 97  ? 0.273   -7.986  -7.665  1.00 16.87 ? 270  SER A C   1 
ATOM   712  O O   . SER A 1 97  ? 0.701   -9.079  -7.281  1.00 18.17 ? 270  SER A O   1 
ATOM   713  C CB  . SER A 1 97  ? -0.947  -9.047  -9.584  1.00 20.29 ? 270  SER A CB  1 
ATOM   714  O OG  . SER A 1 97  ? -1.924  -9.464  -8.630  1.00 18.10 ? 270  SER A OG  1 
ATOM   715  N N   . HIS A 1 98  ? 0.151   -6.940  -6.857  1.00 17.05 ? 271  HIS A N   1 
ATOM   716  C CA  . HIS A 1 98  ? 0.473   -7.043  -5.436  1.00 17.82 ? 271  HIS A CA  1 
ATOM   717  C C   . HIS A 1 98  ? -0.490  -8.027  -4.769  1.00 17.00 ? 271  HIS A C   1 
ATOM   718  O O   . HIS A 1 98  ? -0.102  -8.840  -3.927  1.00 15.24 ? 271  HIS A O   1 
ATOM   719  C CB  . HIS A 1 98  ? 0.386   -5.666  -4.776  1.00 16.65 ? 271  HIS A CB  1 
ATOM   720  C CG  . HIS A 1 98  ? 1.236   -4.624  -5.426  1.00 20.19 ? 271  HIS A CG  1 
ATOM   721  N ND1 . HIS A 1 98  ? 2.605   -4.756  -5.572  1.00 18.03 ? 271  HIS A ND1 1 
ATOM   722  C CD2 . HIS A 1 98  ? 0.912   -3.420  -5.952  1.00 18.16 ? 271  HIS A CD2 1 
ATOM   723  C CE1 . HIS A 1 98  ? 3.085   -3.669  -6.152  1.00 18.49 ? 271  HIS A CE1 1 
ATOM   724  N NE2 . HIS A 1 98  ? 2.079   -2.842  -6.391  1.00 19.72 ? 271  HIS A NE2 1 
ATOM   725  N N   . TYR A 1 99  ? -1.736  -8.010  -5.235  1.00 18.50 ? 272  TYR A N   1 
ATOM   726  C CA  . TYR A 1 99  ? -2.782  -8.935  -4.764  1.00 16.34 ? 272  TYR A CA  1 
ATOM   727  C C   . TYR A 1 99  ? -2.415  -10.415 -4.862  1.00 15.64 ? 272  TYR A C   1 
ATOM   728  O O   . TYR A 1 99  ? -2.428  -11.154 -3.865  1.00 15.30 ? 272  TYR A O   1 
ATOM   729  C CB  . TYR A 1 99  ? -4.072  -8.673  -5.536  1.00 18.23 ? 272  TYR A CB  1 
ATOM   730  C CG  . TYR A 1 99  ? -5.232  -9.523  -5.109  1.00 24.89 ? 272  TYR A CG  1 
ATOM   731  C CD1 . TYR A 1 99  ? -6.105  -9.096  -4.113  1.00 26.52 ? 272  TYR A CD1 1 
ATOM   732  C CD2 . TYR A 1 99  ? -5.484  -10.753 -5.735  1.00 24.22 ? 272  TYR A CD2 1 
ATOM   733  C CE1 . TYR A 1 99  ? -7.187  -9.890  -3.728  1.00 30.76 ? 272  TYR A CE1 1 
ATOM   734  C CE2 . TYR A 1 99  ? -6.547  -11.547 -5.370  1.00 27.05 ? 272  TYR A CE2 1 
ATOM   735  C CZ  . TYR A 1 99  ? -7.402  -11.117 -4.360  1.00 33.18 ? 272  TYR A CZ  1 
ATOM   736  O OH  . TYR A 1 99  ? -8.475  -11.913 -4.005  1.00 41.73 ? 272  TYR A OH  1 
ATOM   737  N N   . PHE A 1 100 ? -2.106  -10.870 -6.066  1.00 17.82 ? 273  PHE A N   1 
ATOM   738  C CA  . PHE A 1 100 ? -1.850  -12.302 -6.273  1.00 18.55 ? 273  PHE A CA  1 
ATOM   739  C C   . PHE A 1 100 ? -0.485  -12.737 -5.723  1.00 18.72 ? 273  PHE A C   1 
ATOM   740  O O   . PHE A 1 100 ? -0.299  -13.902 -5.394  1.00 25.75 ? 273  PHE A O   1 
ATOM   741  C CB  . PHE A 1 100 ? -1.991  -12.662 -7.750  1.00 19.34 ? 273  PHE A CB  1 
ATOM   742  C CG  . PHE A 1 100 ? -3.421  -12.899 -8.177  1.00 18.80 ? 273  PHE A CG  1 
ATOM   743  C CD1 . PHE A 1 100 ? -4.155  -13.942 -7.614  1.00 20.04 ? 273  PHE A CD1 1 
ATOM   744  C CD2 . PHE A 1 100 ? -4.027  -12.100 -9.144  1.00 21.39 ? 273  PHE A CD2 1 
ATOM   745  C CE1 . PHE A 1 100 ? -5.464  -14.188 -8.002  1.00 21.72 ? 273  PHE A CE1 1 
ATOM   746  C CE2 . PHE A 1 100 ? -5.334  -12.348 -9.559  1.00 21.64 ? 273  PHE A CE2 1 
ATOM   747  C CZ  . PHE A 1 100 ? -6.061  -13.395 -8.972  1.00 22.78 ? 273  PHE A CZ  1 
ATOM   748  N N   . GLU A 1 101 ? 0.442   -11.804 -5.584  1.00 18.02 ? 274  GLU A N   1 
ATOM   749  C CA  . GLU A 1 101 ? 1.715   -12.101 -4.922  1.00 21.39 ? 274  GLU A CA  1 
ATOM   750  C C   . GLU A 1 101 ? 1.622   -12.078 -3.390  1.00 21.29 ? 274  GLU A C   1 
ATOM   751  O O   . GLU A 1 101 ? 2.614   -12.368 -2.703  1.00 22.80 ? 274  GLU A O   1 
ATOM   752  C CB  . GLU A 1 101 ? 2.796   -11.146 -5.402  1.00 22.88 ? 274  GLU A CB  1 
ATOM   753  C CG  . GLU A 1 101 ? 3.143   -11.428 -6.824  1.00 22.82 ? 274  GLU A CG  1 
ATOM   754  C CD  . GLU A 1 101 ? 4.264   -10.602 -7.329  1.00 22.64 ? 274  GLU A CD  1 
ATOM   755  O OE1 . GLU A 1 101 ? 4.785   -9.764  -6.579  1.00 26.24 ? 274  GLU A OE1 1 
ATOM   756  O OE2 . GLU A 1 101 ? 4.599   -10.765 -8.507  1.00 23.35 ? 274  GLU A OE2 1 
ATOM   757  N N   . GLY A 1 102 ? 0.461   -11.732 -2.839  1.00 18.94 ? 275  GLY A N   1 
ATOM   758  C CA  . GLY A 1 102 ? 0.318   -11.697 -1.380  1.00 19.06 ? 275  GLY A CA  1 
ATOM   759  C C   . GLY A 1 102 ? 1.140   -10.603 -0.717  1.00 18.84 ? 275  GLY A C   1 
ATOM   760  O O   . GLY A 1 102 ? 1.602   -10.746 0.439   1.00 18.70 ? 275  GLY A O   1 
ATOM   761  N N   . VAL A 1 103 ? 1.339   -9.493  -1.435  1.00 18.18 ? 276  VAL A N   1 
ATOM   762  C CA  . VAL A 1 103 ? 2.126   -8.370  -0.911  1.00 16.71 ? 276  VAL A CA  1 
ATOM   763  C C   . VAL A 1 103 ? 1.361   -7.041  -0.962  1.00 15.31 ? 276  VAL A C   1 
ATOM   764  O O   . VAL A 1 103 ? 1.917   -5.976  -1.249  1.00 20.57 ? 276  VAL A O   1 
ATOM   765  C CB  . VAL A 1 103 ? 3.467   -8.267  -1.635  1.00 17.72 ? 276  VAL A CB  1 
ATOM   766  C CG1 . VAL A 1 103 ? 4.258   -9.565  -1.402  1.00 18.88 ? 276  VAL A CG1 1 
ATOM   767  C CG2 . VAL A 1 103 ? 3.274   -7.995  -3.147  1.00 17.51 ? 276  VAL A CG2 1 
ATOM   768  N N   . LEU A 1 104 ? 0.074   -7.129  -0.684  1.00 17.69 ? 277  LEU A N   1 
ATOM   769  C CA  . LEU A 1 104 ? -0.828  -5.986  -0.719  1.00 16.16 ? 277  LEU A CA  1 
ATOM   770  C C   . LEU A 1 104 ? -1.336  -5.647  0.680   1.00 18.22 ? 277  LEU A C   1 
ATOM   771  O O   . LEU A 1 104 ? -1.366  -4.482  1.065   1.00 18.32 ? 277  LEU A O   1 
ATOM   772  C CB  . LEU A 1 104 ? -2.005  -6.313  -1.624  1.00 16.39 ? 277  LEU A CB  1 
ATOM   773  C CG  . LEU A 1 104 ? -3.195  -5.368  -1.717  1.00 12.26 ? 277  LEU A CG  1 
ATOM   774  C CD1 . LEU A 1 104 ? -2.730  -3.956  -2.181  1.00 15.68 ? 277  LEU A CD1 1 
ATOM   775  C CD2 . LEU A 1 104 ? -4.247  -6.015  -2.620  1.00 13.48 ? 277  LEU A CD2 1 
ATOM   776  N N   . LYS A 1 105 ? -1.744  -6.684  1.413   1.00 14.76 ? 278  LYS A N   1 
ATOM   777  C CA  . LYS A 1 105 ? -2.516  -6.544  2.638   1.00 13.99 ? 278  LYS A CA  1 
ATOM   778  C C   . LYS A 1 105 ? -1.754  -7.093  3.835   1.00 17.54 ? 278  LYS A C   1 
ATOM   779  O O   . LYS A 1 105 ? -0.806  -7.887  3.681   1.00 14.55 ? 278  LYS A O   1 
ATOM   780  C CB  . LYS A 1 105 ? -3.848  -7.314  2.533   1.00 16.56 ? 278  LYS A CB  1 
ATOM   781  C CG  . LYS A 1 105 ? -4.632  -7.013  1.261   1.00 24.85 ? 278  LYS A CG  1 
ATOM   782  C CD  . LYS A 1 105 ? -5.965  -7.762  1.210   1.00 27.74 ? 278  LYS A CD  1 
ATOM   783  C CE  . LYS A 1 105 ? -5.833  -9.161  0.668   1.00 29.88 ? 278  LYS A CE  1 
ATOM   784  N NZ  . LYS A 1 105 ? -7.188  -9.740  0.470   1.00 29.93 ? 278  LYS A NZ  1 
ATOM   785  N N   . CYS A 1 106 ? -2.187  -6.662  5.023   1.00 14.92 ? 279  CYS A N   1 
ATOM   786  C CA  . CYS A 1 106 ? -1.760  -7.279  6.284   1.00 13.83 ? 279  CYS A CA  1 
ATOM   787  C C   . CYS A 1 106 ? -2.850  -7.114  7.350   1.00 13.99 ? 279  CYS A C   1 
ATOM   788  O O   . CYS A 1 106 ? -3.828  -6.410  7.132   1.00 11.11 ? 279  CYS A O   1 
ATOM   789  C CB  . CYS A 1 106 ? -0.442  -6.661  6.751   1.00 17.56 ? 279  CYS A CB  1 
ATOM   790  S SG  . CYS A 1 106 ? -0.575  -4.937  7.278   1.00 15.77 ? 279  CYS A SG  1 
ATOM   791  N N   . TYR A 1 107 ? -2.669  -7.763  8.494   1.00 14.53 ? 280  TYR A N   1 
ATOM   792  C CA  . TYR A 1 107 ? -3.581  -7.638  9.641   1.00 11.26 ? 280  TYR A CA  1 
ATOM   793  C C   . TYR A 1 107 ? -2.834  -7.112  10.868  1.00 12.41 ? 280  TYR A C   1 
ATOM   794  O O   . TYR A 1 107 ? -1.638  -7.381  11.045  1.00 11.91 ? 280  TYR A O   1 
ATOM   795  C CB  . TYR A 1 107 ? -4.169  -8.993  10.023  1.00 14.68 ? 280  TYR A CB  1 
ATOM   796  C CG  . TYR A 1 107 ? -4.913  -9.727  8.960   1.00 15.64 ? 280  TYR A CG  1 
ATOM   797  C CD1 . TYR A 1 107 ? -6.083  -9.189  8.402   1.00 15.44 ? 280  TYR A CD1 1 
ATOM   798  C CD2 . TYR A 1 107 ? -4.527  -10.998 8.586   1.00 20.89 ? 280  TYR A CD2 1 
ATOM   799  C CE1 . TYR A 1 107 ? -6.801  -9.875  7.446   1.00 18.55 ? 280  TYR A CE1 1 
ATOM   800  C CE2 . TYR A 1 107 ? -5.239  -11.705 7.618   1.00 22.82 ? 280  TYR A CE2 1 
ATOM   801  C CZ  . TYR A 1 107 ? -6.385  -11.141 7.059   1.00 25.78 ? 280  TYR A CZ  1 
ATOM   802  O OH  . TYR A 1 107 ? -7.106  -11.827 6.105   1.00 23.37 ? 280  TYR A OH  1 
ATOM   803  N N   . LEU A 1 108 ? -3.549  -6.378  11.716  1.00 11.97 ? 281  LEU A N   1 
ATOM   804  C CA  . LEU A 1 108 ? -3.027  -5.891  12.988  1.00 14.29 ? 281  LEU A CA  1 
ATOM   805  C C   . LEU A 1 108 ? -2.339  -6.965  13.850  1.00 14.96 ? 281  LEU A C   1 
ATOM   806  O O   . LEU A 1 108 ? -1.387  -6.655  14.547  1.00 17.79 ? 281  LEU A O   1 
ATOM   807  C CB  . LEU A 1 108 ? -4.117  -5.200  13.807  1.00 15.61 ? 281  LEU A CB  1 
ATOM   808  C CG  . LEU A 1 108 ? -4.613  -3.830  13.331  1.00 13.42 ? 281  LEU A CG  1 
ATOM   809  C CD1 . LEU A 1 108 ? -5.833  -3.396  14.186  1.00 20.42 ? 281  LEU A CD1 1 
ATOM   810  C CD2 . LEU A 1 108 ? -3.530  -2.799  13.359  1.00 18.63 ? 281  LEU A CD2 1 
ATOM   811  N N   . HIS A 1 109 ? -2.820  -8.209  13.821  1.00 13.41 ? 282  HIS A N   1 
ATOM   812  C CA  . HIS A 1 109 ? -2.259  -9.264  14.697  1.00 16.36 ? 282  HIS A CA  1 
ATOM   813  C C   . HIS A 1 109 ? -0.956  -9.860  14.154  1.00 16.54 ? 282  HIS A C   1 
ATOM   814  O O   . HIS A 1 109 ? -0.306  -10.664 14.849  1.00 15.90 ? 282  HIS A O   1 
ATOM   815  C CB  . HIS A 1 109 ? -3.271  -10.392 14.949  1.00 18.18 ? 282  HIS A CB  1 
ATOM   816  C CG  . HIS A 1 109 ? -3.693  -11.123 13.713  1.00 15.25 ? 282  HIS A CG  1 
ATOM   817  N ND1 . HIS A 1 109 ? -4.788  -10.748 12.961  1.00 18.85 ? 282  HIS A ND1 1 
ATOM   818  C CD2 . HIS A 1 109 ? -3.138  -12.178 13.074  1.00 17.02 ? 282  HIS A CD2 1 
ATOM   819  C CE1 . HIS A 1 109 ? -4.898  -11.556 11.920  1.00 17.95 ? 282  HIS A CE1 1 
ATOM   820  N NE2 . HIS A 1 109 ? -3.919  -12.445 11.973  1.00 17.69 ? 282  HIS A NE2 1 
ATOM   821  N N   . GLU A 1 110 ? -0.549  -9.470  12.931  1.00 11.98 ? 283  GLU A N   1 
ATOM   822  C CA  . GLU A 1 110 ? 0.661   -10.011 12.341  1.00 13.64 ? 283  GLU A CA  1 
ATOM   823  C C   . GLU A 1 110 ? 1.907   -9.388  12.973  1.00 13.00 ? 283  GLU A C   1 
ATOM   824  O O   . GLU A 1 110 ? 1.901   -8.227  13.385  1.00 12.51 ? 283  GLU A O   1 
ATOM   825  C CB  . GLU A 1 110 ? 0.644   -9.826  10.824  1.00 13.47 ? 283  GLU A CB  1 
ATOM   826  C CG  . GLU A 1 110 ? -0.433  -10.677 10.174  1.00 17.83 ? 283  GLU A CG  1 
ATOM   827  C CD  . GLU A 1 110 ? -0.347  -10.703 8.672   1.00 17.98 ? 283  GLU A CD  1 
ATOM   828  O OE1 . GLU A 1 110 ? -0.556  -9.645  8.053   1.00 17.81 ? 283  GLU A OE1 1 
ATOM   829  O OE2 . GLU A 1 110 ? -0.092  -11.794 8.127   1.00 17.00 ? 283  GLU A OE2 1 
ATOM   830  N N   . THR A 1 111 ? 2.954   -10.189 13.097  1.00 14.63 ? 284  THR A N   1 
ATOM   831  C CA  . THR A 1 111 ? 4.183   -9.746  13.744  1.00 14.93 ? 284  THR A CA  1 
ATOM   832  C C   . THR A 1 111 ? 4.992   -8.832  12.821  1.00 17.82 ? 284  THR A C   1 
ATOM   833  O O   . THR A 1 111 ? 4.865   -8.871  11.585  1.00 15.18 ? 284  THR A O   1 
ATOM   834  C CB  . THR A 1 111 ? 5.070   -10.932 14.177  1.00 14.51 ? 284  THR A CB  1 
ATOM   835  O OG1 . THR A 1 111 ? 5.513   -11.663 13.022  1.00 14.54 ? 284  THR A OG1 1 
ATOM   836  C CG2 . THR A 1 111 ? 4.307   -11.851 15.165  1.00 14.20 ? 284  THR A CG2 1 
ATOM   837  N N   . LEU A 1 112 ? 5.848   -8.028  13.430  1.00 13.68 ? 285  LEU A N   1 
ATOM   838  C CA  . LEU A 1 112 ? 6.710   -7.180  12.652  1.00 18.29 ? 285  LEU A CA  1 
ATOM   839  C C   . LEU A 1 112 ? 7.630   -8.012  11.761  1.00 20.32 ? 285  LEU A C   1 
ATOM   840  O O   . LEU A 1 112 ? 7.915   -7.605  10.653  1.00 17.92 ? 285  LEU A O   1 
ATOM   841  C CB  . LEU A 1 112 ? 7.516   -6.233  13.545  1.00 20.26 ? 285  LEU A CB  1 
ATOM   842  C CG  . LEU A 1 112 ? 7.049   -4.783  13.494  1.00 27.40 ? 285  LEU A CG  1 
ATOM   843  C CD1 . LEU A 1 112 ? 7.397   -4.105  12.138  1.00 20.52 ? 285  LEU A CD1 1 
ATOM   844  C CD2 . LEU A 1 112 ? 5.570   -4.714  13.806  1.00 27.41 ? 285  LEU A CD2 1 
ATOM   845  N N   . GLU A 1 113 ? 8.100   -9.158  12.249  1.00 18.22 ? 286  GLU A N   1 
ATOM   846  C CA  . GLU A 1 113 ? 8.920   -10.046 11.422  1.00 18.53 ? 286  GLU A CA  1 
ATOM   847  C C   . GLU A 1 113 ? 8.163   -10.485 10.170  1.00 16.71 ? 286  GLU A C   1 
ATOM   848  O O   . GLU A 1 113 ? 8.708   -10.483 9.078   1.00 14.79 ? 286  GLU A O   1 
ATOM   849  C CB  . GLU A 1 113 ? 9.346   -11.278 12.235  1.00 20.51 ? 286  GLU A CB  1 
ATOM   850  C CG  . GLU A 1 113 ? 10.235  -12.229 11.473  1.00 24.17 ? 286  GLU A CG  1 
ATOM   851  C CD  . GLU A 1 113 ? 10.405  -13.517 12.219  1.00 34.39 ? 286  GLU A CD  1 
ATOM   852  O OE1 . GLU A 1 113 ? 11.160  -13.533 13.212  1.00 37.21 ? 286  GLU A OE1 1 
ATOM   853  O OE2 . GLU A 1 113 ? 9.749   -14.506 11.828  1.00 40.91 ? 286  GLU A OE2 1 
ATOM   854  N N   . THR A 1 114 ? 6.895   -10.857 10.320  1.00 12.03 ? 287  THR A N   1 
ATOM   855  C CA  . THR A 1 114 ? 6.090   -11.205 9.145   1.00 14.47 ? 287  THR A CA  1 
ATOM   856  C C   . THR A 1 114 ? 5.965   -10.023 8.171   1.00 14.96 ? 287  THR A C   1 
ATOM   857  O O   . THR A 1 114 ? 6.061   -10.196 6.950   1.00 13.62 ? 287  THR A O   1 
ATOM   858  C CB  . THR A 1 114 ? 4.663   -11.627 9.579   1.00 14.44 ? 287  THR A CB  1 
ATOM   859  O OG1 . THR A 1 114 ? 4.761   -12.836 10.343  1.00 18.86 ? 287  THR A OG1 1 
ATOM   860  C CG2 . THR A 1 114 ? 3.730   -11.881 8.366   1.00 12.90 ? 287  THR A CG2 1 
ATOM   861  N N   . ILE A 1 115 ? 5.719   -8.849  8.730   1.00 16.01 ? 288  ILE A N   1 
ATOM   862  C CA  . ILE A 1 115 ? 5.451   -7.653  7.921   1.00 16.04 ? 288  ILE A CA  1 
ATOM   863  C C   . ILE A 1 115 ? 6.719   -7.301  7.166   1.00 14.54 ? 288  ILE A C   1 
ATOM   864  O O   . ILE A 1 115 ? 6.701   -7.129  5.943   1.00 15.89 ? 288  ILE A O   1 
ATOM   865  C CB  . ILE A 1 115 ? 4.923   -6.474  8.797   1.00 14.83 ? 288  ILE A CB  1 
ATOM   866  C CG1 . ILE A 1 115 ? 3.548   -6.827  9.390   1.00 13.71 ? 288  ILE A CG1 1 
ATOM   867  C CG2 . ILE A 1 115 ? 4.800   -5.150  8.006   1.00 12.14 ? 288  ILE A CG2 1 
ATOM   868  C CD1 . ILE A 1 115 ? 2.521   -7.187  8.347   1.00 13.58 ? 288  ILE A CD1 1 
ATOM   869  N N   . ILE A 1 116 ? 7.830   -7.240  7.889   1.00 14.84 ? 289  ILE A N   1 
ATOM   870  C CA  . ILE A 1 116 ? 9.107   -6.908  7.251   1.00 13.64 ? 289  ILE A CA  1 
ATOM   871  C C   . ILE A 1 116 ? 9.441   -7.865  6.118   1.00 16.70 ? 289  ILE A C   1 
ATOM   872  O O   . ILE A 1 116 ? 9.818   -7.442  5.020   1.00 13.97 ? 289  ILE A O   1 
ATOM   873  C CB  . ILE A 1 116 ? 10.245  -6.820  8.289   1.00 16.42 ? 289  ILE A CB  1 
ATOM   874  C CG1 . ILE A 1 116 ? 10.045  -5.545  9.122   1.00 13.97 ? 289  ILE A CG1 1 
ATOM   875  C CG2 . ILE A 1 116 ? 11.615  -6.833  7.590   1.00 15.85 ? 289  ILE A CG2 1 
ATOM   876  C CD1 . ILE A 1 116 ? 11.088  -5.304  10.249  1.00 16.87 ? 289  ILE A CD1 1 
ATOM   877  N N   . ASN A 1 117 ? 9.276   -9.163  6.362   1.00 13.85 ? 290  ASN A N   1 
ATOM   878  C CA  . ASN A 1 117 ? 9.588   -10.166 5.342   1.00 18.69 ? 290  ASN A CA  1 
ATOM   879  C C   . ASN A 1 117 ? 8.710   -9.994  4.100   1.00 16.17 ? 290  ASN A C   1 
ATOM   880  O O   . ASN A 1 117 ? 9.172   -10.174 2.982   1.00 17.00 ? 290  ASN A O   1 
ATOM   881  C CB  . ASN A 1 117 ? 9.437   -11.583 5.904   1.00 19.88 ? 290  ASN A CB  1 
ATOM   882  C CG  . ASN A 1 117 ? 10.615  -12.011 6.769   1.00 25.06 ? 290  ASN A CG  1 
ATOM   883  O OD1 . ASN A 1 117 ? 11.726  -11.487 6.657   1.00 23.58 ? 290  ASN A OD1 1 
ATOM   884  N ND2 . ASN A 1 117 ? 10.368  -12.994 7.636   1.00 23.18 ? 290  ASN A ND2 1 
ATOM   885  N N   . ARG A 1 118 ? 7.444   -9.652  4.312   1.00 17.53 ? 291  ARG A N   1 
ATOM   886  C CA  . ARG A 1 118 ? 6.483   -9.450  3.213   1.00 15.85 ? 291  ARG A CA  1 
ATOM   887  C C   . ARG A 1 118 ? 6.839   -8.230  2.356   1.00 18.20 ? 291  ARG A C   1 
ATOM   888  O O   . ARG A 1 118 ? 6.791   -8.301  1.128   1.00 18.20 ? 291  ARG A O   1 
ATOM   889  C CB  . ARG A 1 118 ? 5.057   -9.328  3.771   1.00 15.03 ? 291  ARG A CB  1 
ATOM   890  C CG  . ARG A 1 118 ? 3.942   -9.167  2.670   1.00 15.75 ? 291  ARG A CG  1 
ATOM   891  C CD  . ARG A 1 118 ? 2.537   -9.185  3.262   1.00 13.90 ? 291  ARG A CD  1 
ATOM   892  N NE  . ARG A 1 118 ? 2.362   -10.414 4.027   1.00 13.26 ? 291  ARG A NE  1 
ATOM   893  C CZ  . ARG A 1 118 ? 1.588   -10.551 5.092   1.00 16.01 ? 291  ARG A CZ  1 
ATOM   894  N NH1 . ARG A 1 118 ? 0.803   -9.570  5.493   1.00 18.37 ? 291  ARG A NH1 1 
ATOM   895  N NH2 . ARG A 1 118 ? 1.601   -11.692 5.752   1.00 15.27 ? 291  ARG A NH2 1 
ATOM   896  N N   . LEU A 1 119 ? 7.214   -7.129  3.006   1.00 14.96 ? 292  LEU A N   1 
ATOM   897  C CA  . LEU A 1 119 ? 7.737   -5.944  2.312   1.00 14.92 ? 292  LEU A CA  1 
ATOM   898  C C   . LEU A 1 119 ? 8.963   -6.275  1.484   1.00 17.63 ? 292  LEU A C   1 
ATOM   899  O O   . LEU A 1 119 ? 9.065   -5.892  0.310   1.00 14.24 ? 292  LEU A O   1 
ATOM   900  C CB  . LEU A 1 119 ? 8.059   -4.820  3.325   1.00 17.33 ? 292  LEU A CB  1 
ATOM   901  C CG  . LEU A 1 119 ? 6.888   -4.185  4.076   1.00 14.20 ? 292  LEU A CG  1 
ATOM   902  C CD1 . LEU A 1 119 ? 7.410   -3.331  5.256   1.00 13.70 ? 292  LEU A CD1 1 
ATOM   903  C CD2 . LEU A 1 119 ? 6.057   -3.337  3.124   1.00 15.72 ? 292  LEU A CD2 1 
ATOM   904  N N   . VAL A 1 120 ? 9.891   -7.007  2.072   1.00 17.31 ? 293  VAL A N   1 
ATOM   905  C CA  . VAL A 1 120 ? 11.174  -7.272  1.429   1.00 18.64 ? 293  VAL A CA  1 
ATOM   906  C C   . VAL A 1 120 ? 11.017  -8.288  0.273   1.00 22.51 ? 293  VAL A C   1 
ATOM   907  O O   . VAL A 1 120 ? 11.656  -8.136  -0.753  1.00 25.41 ? 293  VAL A O   1 
ATOM   908  C CB  . VAL A 1 120 ? 12.245  -7.694  2.481   1.00 21.45 ? 293  VAL A CB  1 
ATOM   909  C CG1 . VAL A 1 120 ? 13.465  -8.321  1.817   1.00 22.54 ? 293  VAL A CG1 1 
ATOM   910  C CG2 . VAL A 1 120 ? 12.651  -6.481  3.333   1.00 20.06 ? 293  VAL A CG2 1 
ATOM   911  N N   . GLU A 1 121 ? 10.143  -9.285  0.453   1.00 22.40 ? 294  GLU A N   1 
ATOM   912  C CA  . GLU A 1 121 ? 9.759   -10.262 -0.571  1.00 25.30 ? 294  GLU A CA  1 
ATOM   913  C C   . GLU A 1 121 ? 9.609   -9.639  -1.951  1.00 24.25 ? 294  GLU A C   1 
ATOM   914  O O   . GLU A 1 121 ? 10.253  -10.083 -2.891  1.00 23.03 ? 294  GLU A O   1 
ATOM   915  C CB  . GLU A 1 121 ? 8.427   -10.922 -0.190  1.00 30.33 ? 294  GLU A CB  1 
ATOM   916  C CG  . GLU A 1 121 ? 8.096   -12.234 -0.896  1.00 34.90 ? 294  GLU A CG  1 
ATOM   917  C CD  . GLU A 1 121 ? 6.879   -12.966 -0.270  1.00 43.22 ? 294  GLU A CD  1 
ATOM   918  O OE1 . GLU A 1 121 ? 6.568   -12.759 0.933   1.00 45.70 ? 294  GLU A OE1 1 
ATOM   919  O OE2 . GLU A 1 121 ? 6.237   -13.773 -0.987  1.00 45.39 ? 294  GLU A OE2 1 
ATOM   920  N N   . ALA A 1 122 ? 8.770   -8.606  -2.054  1.00 21.17 ? 295  ALA A N   1 
ATOM   921  C CA  . ALA A 1 122 ? 8.428   -7.993  -3.348  1.00 23.57 ? 295  ALA A CA  1 
ATOM   922  C C   . ALA A 1 122 ? 9.017   -6.598  -3.528  1.00 24.16 ? 295  ALA A C   1 
ATOM   923  O O   . ALA A 1 122 ? 8.688   -5.914  -4.482  1.00 21.02 ? 295  ALA A O   1 
ATOM   924  C CB  . ALA A 1 122 ? 6.913   -7.939  -3.508  1.00 24.39 ? 295  ALA A CB  1 
ATOM   925  N N   . GLU A 1 123 ? 9.871   -6.160  -2.605  1.00 18.61 ? 296  GLU A N   1 
ATOM   926  C CA  . GLU A 1 123 ? 10.367  -4.807  -2.638  1.00 20.65 ? 296  GLU A CA  1 
ATOM   927  C C   . GLU A 1 123 ? 9.194   -3.820  -2.800  1.00 22.18 ? 296  GLU A C   1 
ATOM   928  O O   . GLU A 1 123 ? 9.151   -3.030  -3.742  1.00 22.17 ? 296  GLU A O   1 
ATOM   929  C CB  . GLU A 1 123 ? 11.430  -4.635  -3.746  1.00 25.64 ? 296  GLU A CB  1 
ATOM   930  C CG  . GLU A 1 123 ? 12.626  -3.817  -3.256  1.00 34.21 ? 296  GLU A CG  1 
ATOM   931  C CD  . GLU A 1 123 ? 13.623  -3.425  -4.337  1.00 34.85 ? 296  GLU A CD  1 
ATOM   932  O OE1 . GLU A 1 123 ? 14.145  -2.282  -4.262  1.00 28.38 ? 296  GLU A OE1 1 
ATOM   933  O OE2 . GLU A 1 123 ? 13.881  -4.263  -5.240  1.00 37.91 ? 296  GLU A OE2 1 
ATOM   934  N N   . VAL A 1 124 ? 8.233   -3.912  -1.881  1.00 18.76 ? 297  VAL A N   1 
ATOM   935  C CA  . VAL A 1 124 ? 7.142   -2.941  -1.777  1.00 16.98 ? 297  VAL A CA  1 
ATOM   936  C C   . VAL A 1 124 ? 7.333   -2.085  -0.526  1.00 16.15 ? 297  VAL A C   1 
ATOM   937  O O   . VAL A 1 124 ? 7.987   -2.495  0.428   1.00 14.14 ? 297  VAL A O   1 
ATOM   938  C CB  . VAL A 1 124 ? 5.733   -3.615  -1.798  1.00 17.81 ? 297  VAL A CB  1 
ATOM   939  C CG1 . VAL A 1 124 ? 5.528   -4.323  -3.117  1.00 20.66 ? 297  VAL A CG1 1 
ATOM   940  C CG2 . VAL A 1 124 ? 5.553   -4.570  -0.641  1.00 16.82 ? 297  VAL A CG2 1 
ATOM   941  N N   . HIS A 1 125 ? 6.782   -0.878  -0.550  1.00 13.51 ? 298  HIS A N   1 
ATOM   942  C CA  . HIS A 1 125 ? 7.098   0.125   0.467   1.00 15.47 ? 298  HIS A CA  1 
ATOM   943  C C   . HIS A 1 125 ? 5.962   0.376   1.464   1.00 13.01 ? 298  HIS A C   1 
ATOM   944  O O   . HIS A 1 125 ? 6.081   1.218   2.353   1.00 12.97 ? 298  HIS A O   1 
ATOM   945  C CB  . HIS A 1 125 ? 7.454   1.434   -0.238  1.00 15.34 ? 298  HIS A CB  1 
ATOM   946  C CG  . HIS A 1 125 ? 8.745   1.367   -0.994  1.00 22.55 ? 298  HIS A CG  1 
ATOM   947  N ND1 . HIS A 1 125 ? 9.327   2.477   -1.563  1.00 25.97 ? 298  HIS A ND1 1 
ATOM   948  C CD2 . HIS A 1 125 ? 9.574   0.327   -1.258  1.00 22.33 ? 298  HIS A CD2 1 
ATOM   949  C CE1 . HIS A 1 125 ? 10.453  2.118   -2.163  1.00 29.89 ? 298  HIS A CE1 1 
ATOM   950  N NE2 . HIS A 1 125 ? 10.625  0.820   -1.993  1.00 22.15 ? 298  HIS A NE2 1 
ATOM   951  N N   . ARG A 1 126 ? 4.850   -0.331  1.274   1.00 12.21 ? 299  ARG A N   1 
ATOM   952  C CA  . ARG A 1 126 ? 3.735   -0.266  2.210   1.00 9.39  ? 299  ARG A CA  1 
ATOM   953  C C   . ARG A 1 126 ? 2.754   -1.415  2.017   1.00 12.34 ? 299  ARG A C   1 
ATOM   954  O O   . ARG A 1 126 ? 2.722   -2.075  0.967   1.00 13.83 ? 299  ARG A O   1 
ATOM   955  C CB  . ARG A 1 126 ? 2.959   1.054   2.096   1.00 13.98 ? 299  ARG A CB  1 
ATOM   956  C CG  . ARG A 1 126 ? 2.050   1.175   0.883   1.00 15.04 ? 299  ARG A CG  1 
ATOM   957  C CD  . ARG A 1 126 ? 2.773   1.448   -0.416  1.00 16.82 ? 299  ARG A CD  1 
ATOM   958  N NE  . ARG A 1 126 ? 3.545   2.680   -0.396  1.00 14.65 ? 299  ARG A NE  1 
ATOM   959  C CZ  . ARG A 1 126 ? 4.264   3.135   -1.420  1.00 21.00 ? 299  ARG A CZ  1 
ATOM   960  N NH1 . ARG A 1 126 ? 4.293   2.473   -2.570  1.00 20.33 ? 299  ARG A NH1 1 
ATOM   961  N NH2 . ARG A 1 126 ? 4.943   4.265   -1.285  1.00 21.07 ? 299  ARG A NH2 1 
ATOM   962  N N   . LEU A 1 127 ? 1.959   -1.636  3.056   1.00 13.11 ? 300  LEU A N   1 
ATOM   963  C CA  . LEU A 1 127 ? 0.854   -2.589  3.020   1.00 11.94 ? 300  LEU A CA  1 
ATOM   964  C C   . LEU A 1 127 ? -0.424  -1.961  3.576   1.00 9.93  ? 300  LEU A C   1 
ATOM   965  O O   . LEU A 1 127 ? -0.384  -1.103  4.452   1.00 13.20 ? 300  LEU A O   1 
ATOM   966  C CB  . LEU A 1 127 ? 1.196   -3.839  3.838   1.00 11.64 ? 300  LEU A CB  1 
ATOM   967  C CG  . LEU A 1 127 ? 2.402   -4.676  3.331   1.00 13.14 ? 300  LEU A CG  1 
ATOM   968  C CD1 . LEU A 1 127 ? 2.928   -5.560  4.488   1.00 11.63 ? 300  LEU A CD1 1 
ATOM   969  C CD2 . LEU A 1 127 ? 2.070   -5.537  2.125   1.00 14.14 ? 300  LEU A CD2 1 
ATOM   970  N N   . VAL A 1 128 ? -1.555  -2.442  3.084   1.00 12.88 ? 301  VAL A N   1 
ATOM   971  C CA  . VAL A 1 128 ? -2.847  -1.980  3.559   1.00 13.69 ? 301  VAL A CA  1 
ATOM   972  C C   . VAL A 1 128 ? -3.334  -2.906  4.670   1.00 14.57 ? 301  VAL A C   1 
ATOM   973  O O   . VAL A 1 128 ? -3.467  -4.138  4.484   1.00 15.71 ? 301  VAL A O   1 
ATOM   974  C CB  . VAL A 1 128 ? -3.879  -1.930  2.434   1.00 14.22 ? 301  VAL A CB  1 
ATOM   975  C CG1 . VAL A 1 128 ? -5.141  -1.186  2.919   1.00 13.25 ? 301  VAL A CG1 1 
ATOM   976  C CG2 . VAL A 1 128 ? -3.264  -1.240  1.163   1.00 15.59 ? 301  VAL A CG2 1 
ATOM   977  N N   . VAL A 1 129 ? -3.575  -2.315  5.824   1.00 13.60 ? 302  VAL A N   1 
ATOM   978  C CA  . VAL A 1 129 ? -4.136  -3.059  6.943   1.00 12.02 ? 302  VAL A CA  1 
ATOM   979  C C   . VAL A 1 129 ? -5.631  -3.223  6.699   1.00 14.80 ? 302  VAL A C   1 
ATOM   980  O O   . VAL A 1 129 ? -6.358  -2.231  6.514   1.00 12.25 ? 302  VAL A O   1 
ATOM   981  C CB  . VAL A 1 129 ? -3.865  -2.379  8.277   1.00 14.44 ? 302  VAL A CB  1 
ATOM   982  C CG1 . VAL A 1 129 ? -4.345  -3.263  9.399   1.00 12.79 ? 302  VAL A CG1 1 
ATOM   983  C CG2 . VAL A 1 129 ? -2.366  -2.067  8.419   1.00 15.35 ? 302  VAL A CG2 1 
ATOM   984  N N   . VAL A 1 130 ? -6.089  -4.475  6.662   1.00 13.11 ? 303  VAL A N   1 
ATOM   985  C CA  . VAL A 1 130 ? -7.480  -4.765  6.356   1.00 12.31 ? 303  VAL A CA  1 
ATOM   986  C C   . VAL A 1 130 ? -8.134  -5.578  7.452   1.00 13.51 ? 303  VAL A C   1 
ATOM   987  O O   . VAL A 1 130 ? -7.455  -6.193  8.283   1.00 13.65 ? 303  VAL A O   1 
ATOM   988  C CB  . VAL A 1 130 ? -7.618  -5.506  5.027   1.00 16.02 ? 303  VAL A CB  1 
ATOM   989  C CG1 . VAL A 1 130 ? -7.024  -4.649  3.918   1.00 11.79 ? 303  VAL A CG1 1 
ATOM   990  C CG2 . VAL A 1 130 ? -6.973  -6.921  5.132   1.00 10.66 ? 303  VAL A CG2 1 
ATOM   991  N N   . ASP A 1 131 ? -9.462  -5.583  7.430   1.00 13.44 ? 304  ASP A N   1 
ATOM   992  C CA  . ASP A 1 131 ? -10.253 -6.399  8.358   1.00 14.52 ? 304  ASP A CA  1 
ATOM   993  C C   . ASP A 1 131 ? -10.595 -7.774  7.744   1.00 12.34 ? 304  ASP A C   1 
ATOM   994  O O   . ASP A 1 131 ? -10.077 -8.155  6.697   1.00 10.48 ? 304  ASP A O   1 
ATOM   995  C CB  . ASP A 1 131 ? -11.517 -5.619  8.803   1.00 13.70 ? 304  ASP A CB  1 
ATOM   996  C CG  . ASP A 1 131 ? -12.552 -5.460  7.701   1.00 14.66 ? 304  ASP A CG  1 
ATOM   997  O OD1 . ASP A 1 131 ? -12.375 -5.992  6.581   1.00 13.14 ? 304  ASP A OD1 1 
ATOM   998  O OD2 . ASP A 1 131 ? -13.544 -4.747  7.960   1.00 18.76 ? 304  ASP A OD2 1 
ATOM   999  N N   . GLU A 1 132 ? -11.508 -8.508  8.381   1.00 13.27 ? 305  GLU A N   1 
ATOM   1000 C CA  . GLU A 1 132 ? -11.891 -9.828  7.929   1.00 15.33 ? 305  GLU A CA  1 
ATOM   1001 C C   . GLU A 1 132 ? -12.611 -9.835  6.546   1.00 14.93 ? 305  GLU A C   1 
ATOM   1002 O O   . GLU A 1 132 ? -12.733 -10.881 5.919   1.00 18.23 ? 305  GLU A O   1 
ATOM   1003 C CB  . GLU A 1 132 ? -12.744 -10.536 9.019   1.00 11.83 ? 305  GLU A CB  1 
ATOM   1004 C CG  . GLU A 1 132 ? -14.164 -9.932  9.245   1.00 14.68 ? 305  GLU A CG  1 
ATOM   1005 C CD  . GLU A 1 132 ? -14.219 -8.668  10.085  1.00 15.05 ? 305  GLU A CD  1 
ATOM   1006 O OE1 . GLU A 1 132 ? -13.156 -8.182  10.539  1.00 16.91 ? 305  GLU A OE1 1 
ATOM   1007 O OE2 . GLU A 1 132 ? -15.355 -8.149  10.292  1.00 16.64 ? 305  GLU A OE2 1 
ATOM   1008 N N   . ASN A 1 133 ? -13.075 -8.666  6.100   1.00 16.70 ? 306  ASN A N   1 
ATOM   1009 C CA  . ASN A 1 133 ? -13.728 -8.508  4.805   1.00 17.77 ? 306  ASN A CA  1 
ATOM   1010 C C   . ASN A 1 133 ? -12.800 -7.853  3.745   1.00 19.33 ? 306  ASN A C   1 
ATOM   1011 O O   . ASN A 1 133 ? -13.250 -7.462  2.680   1.00 19.63 ? 306  ASN A O   1 
ATOM   1012 C CB  . ASN A 1 133 ? -14.996 -7.673  5.017   1.00 17.30 ? 306  ASN A CB  1 
ATOM   1013 C CG  . ASN A 1 133 ? -15.976 -7.765  3.849   1.00 24.31 ? 306  ASN A CG  1 
ATOM   1014 O OD1 . ASN A 1 133 ? -16.023 -8.774  3.142   1.00 19.45 ? 306  ASN A OD1 1 
ATOM   1015 N ND2 . ASN A 1 133 ? -16.747 -6.694  3.637   1.00 20.75 ? 306  ASN A ND2 1 
ATOM   1016 N N   . ASP A 1 134 ? -11.507 -7.753  4.052   1.00 18.49 ? 307  ASP A N   1 
ATOM   1017 C CA  . ASP A 1 134 ? -10.534 -7.050  3.215   1.00 16.90 ? 307  ASP A CA  1 
ATOM   1018 C C   . ASP A 1 134 ? -10.858 -5.554  2.961   1.00 16.81 ? 307  ASP A C   1 
ATOM   1019 O O   . ASP A 1 134 ? -10.442 -4.992  1.964   1.00 19.58 ? 307  ASP A O   1 
ATOM   1020 C CB  . ASP A 1 134 ? -10.331 -7.786  1.874   1.00 19.88 ? 307  ASP A CB  1 
ATOM   1021 C CG  . ASP A 1 134 ? -9.758  -9.187  2.068   1.00 26.50 ? 307  ASP A CG  1 
ATOM   1022 O OD1 . ASP A 1 134 ? -8.751  -9.325  2.802   1.00 23.50 ? 307  ASP A OD1 1 
ATOM   1023 O OD2 . ASP A 1 134 ? -10.348 -10.151 1.523   1.00 33.36 ? 307  ASP A OD2 1 
ATOM   1024 N N   . VAL A 1 135 ? -11.591 -4.937  3.875   1.00 15.98 ? 308  VAL A N   1 
ATOM   1025 C CA  . VAL A 1 135 ? -11.859 -3.512  3.847   1.00 16.89 ? 308  VAL A CA  1 
ATOM   1026 C C   . VAL A 1 135 ? -10.724 -2.773  4.580   1.00 14.84 ? 308  VAL A C   1 
ATOM   1027 O O   . VAL A 1 135 ? -10.163 -3.273  5.564   1.00 14.46 ? 308  VAL A O   1 
ATOM   1028 C CB  . VAL A 1 135 ? -13.230 -3.219  4.500   1.00 16.28 ? 308  VAL A CB  1 
ATOM   1029 C CG1 . VAL A 1 135 ? -13.457 -1.731  4.696   1.00 21.06 ? 308  VAL A CG1 1 
ATOM   1030 C CG2 . VAL A 1 135 ? -14.370 -3.873  3.659   1.00 21.97 ? 308  VAL A CG2 1 
ATOM   1031 N N   . VAL A 1 136 ? -10.378 -1.577  4.093   1.00 15.78 ? 309  VAL A N   1 
ATOM   1032 C CA  . VAL A 1 136 ? -9.264  -0.808  4.639   1.00 15.52 ? 309  VAL A CA  1 
ATOM   1033 C C   . VAL A 1 136 ? -9.502  -0.380  6.069   1.00 17.93 ? 309  VAL A C   1 
ATOM   1034 O O   . VAL A 1 136 ? -10.564 0.158   6.402   1.00 17.47 ? 309  VAL A O   1 
ATOM   1035 C CB  . VAL A 1 136 ? -9.035  0.502   3.819   1.00 19.45 ? 309  VAL A CB  1 
ATOM   1036 C CG1 . VAL A 1 136 ? -8.028  1.432   4.527   1.00 19.38 ? 309  VAL A CG1 1 
ATOM   1037 C CG2 . VAL A 1 136 ? -8.606  0.178   2.424   1.00 17.96 ? 309  VAL A CG2 1 
ATOM   1038 N N   . LYS A 1 137 ? -8.519  -0.659  6.907   1.00 13.29 ? 310  LYS A N   1 
ATOM   1039 C CA  . LYS A 1 137 ? -8.435  -0.142  8.281   1.00 16.23 ? 310  LYS A CA  1 
ATOM   1040 C C   . LYS A 1 137 ? -7.306  0.882   8.408   1.00 14.52 ? 310  LYS A C   1 
ATOM   1041 O O   . LYS A 1 137 ? -7.359  1.767   9.245   1.00 16.69 ? 310  LYS A O   1 
ATOM   1042 C CB  . LYS A 1 137 ? -8.157  -1.271  9.264   1.00 16.02 ? 310  LYS A CB  1 
ATOM   1043 C CG  . LYS A 1 137 ? -9.285  -2.281  9.486   1.00 19.22 ? 310  LYS A CG  1 
ATOM   1044 C CD  . LYS A 1 137 ? -8.808  -3.469  10.359  1.00 23.07 ? 310  LYS A CD  1 
ATOM   1045 C CE  . LYS A 1 137 ? -8.539  -3.061  11.797  1.00 24.10 ? 310  LYS A CE  1 
ATOM   1046 N NZ  . LYS A 1 137 ? -9.824  -2.827  12.497  1.00 24.39 ? 310  LYS A NZ  1 
ATOM   1047 N N   . GLY A 1 138 ? -6.265  0.742   7.595   1.00 15.71 ? 311  GLY A N   1 
ATOM   1048 C CA  . GLY A 1 138 ? -5.134  1.629   7.705   1.00 10.02 ? 311  GLY A CA  1 
ATOM   1049 C C   . GLY A 1 138 ? -4.019  1.256   6.758   1.00 13.25 ? 311  GLY A C   1 
ATOM   1050 O O   . GLY A 1 138 ? -4.194  0.432   5.857   1.00 12.40 ? 311  GLY A O   1 
ATOM   1051 N N   . ILE A 1 139 ? -2.886  1.920   6.966   1.00 13.35 ? 312  ILE A N   1 
ATOM   1052 C CA  . ILE A 1 139 ? -1.702  1.736   6.165   1.00 12.25 ? 312  ILE A CA  1 
ATOM   1053 C C   . ILE A 1 139 ? -0.474  1.636   7.057   1.00 11.32 ? 312  ILE A C   1 
ATOM   1054 O O   . ILE A 1 139 ? -0.316  2.406   8.039   1.00 13.72 ? 312  ILE A O   1 
ATOM   1055 C CB  . ILE A 1 139 ? -1.439  2.927   5.203   1.00 18.45 ? 312  ILE A CB  1 
ATOM   1056 C CG1 . ILE A 1 139 ? -2.619  3.179   4.271   1.00 23.18 ? 312  ILE A CG1 1 
ATOM   1057 C CG2 . ILE A 1 139 ? -0.198  2.649   4.357   1.00 23.48 ? 312  ILE A CG2 1 
ATOM   1058 C CD1 . ILE A 1 139 ? -2.629  2.322   3.019   1.00 23.56 ? 312  ILE A CD1 1 
ATOM   1059 N N   . VAL A 1 140 ? 0.430   0.740   6.657   1.00 11.06 ? 313  VAL A N   1 
ATOM   1060 C CA  . VAL A 1 140 ? 1.768   0.643   7.269   1.00 9.00  ? 313  VAL A CA  1 
ATOM   1061 C C   . VAL A 1 140 ? 2.816   0.788   6.177   1.00 12.01 ? 313  VAL A C   1 
ATOM   1062 O O   . VAL A 1 140 ? 2.861   -0.019  5.239   1.00 14.67 ? 313  VAL A O   1 
ATOM   1063 C CB  . VAL A 1 140 ? 1.998   -0.709  7.952   1.00 10.94 ? 313  VAL A CB  1 
ATOM   1064 C CG1 . VAL A 1 140 ? 3.466   -0.795  8.490   1.00 12.19 ? 313  VAL A CG1 1 
ATOM   1065 C CG2 . VAL A 1 140 ? 0.980   -0.949  9.079   1.00 18.34 ? 313  VAL A CG2 1 
ATOM   1066 N N   . SER A 1 141 ? 3.630   1.824   6.277   1.00 12.38 ? 314  SER A N   1 
ATOM   1067 C CA  . SER A 1 141 ? 4.684   2.076   5.302   1.00 11.99 ? 314  SER A CA  1 
ATOM   1068 C C   . SER A 1 141 ? 6.053   1.936   5.965   1.00 12.43 ? 314  SER A C   1 
ATOM   1069 O O   . SER A 1 141 ? 6.177   1.764   7.202   1.00 13.46 ? 314  SER A O   1 
ATOM   1070 C CB  . SER A 1 141 ? 4.544   3.493   4.736   1.00 13.78 ? 314  SER A CB  1 
ATOM   1071 O OG  . SER A 1 141 ? 4.814   4.407   5.769   1.00 14.43 ? 314  SER A OG  1 
ATOM   1072 N N   . LEU A 1 142 ? 7.098   2.054   5.158   1.00 10.98 ? 315  LEU A N   1 
ATOM   1073 C CA  . LEU A 1 142 ? 8.455   1.922   5.699   1.00 12.99 ? 315  LEU A CA  1 
ATOM   1074 C C   . LEU A 1 142 ? 8.660   2.937   6.829   1.00 12.17 ? 315  LEU A C   1 
ATOM   1075 O O   . LEU A 1 142 ? 9.249   2.621   7.883   1.00 12.62 ? 315  LEU A O   1 
ATOM   1076 C CB  . LEU A 1 142 ? 9.496   2.158   4.601   1.00 13.48 ? 315  LEU A CB  1 
ATOM   1077 C CG  . LEU A 1 142 ? 9.420   1.324   3.305   1.00 17.20 ? 315  LEU A CG  1 
ATOM   1078 C CD1 . LEU A 1 142 ? 10.586  1.667   2.341   1.00 16.47 ? 315  LEU A CD1 1 
ATOM   1079 C CD2 . LEU A 1 142 ? 9.390   -0.167  3.625   1.00 17.54 ? 315  LEU A CD2 1 
ATOM   1080 N N   . SER A 1 143 ? 8.164   4.162   6.627   1.00 13.12 ? 316  SER A N   1 
ATOM   1081 C CA  . SER A 1 143 ? 8.316   5.208   7.644   1.00 15.14 ? 316  SER A CA  1 
ATOM   1082 C C   . SER A 1 143 ? 7.799   4.780   9.029   1.00 15.81 ? 316  SER A C   1 
ATOM   1083 O O   . SER A 1 143 ? 8.454   4.989   10.064  1.00 14.38 ? 316  SER A O   1 
ATOM   1084 C CB  . SER A 1 143 ? 7.649   6.484   7.167   1.00 15.10 ? 316  SER A CB  1 
ATOM   1085 O OG  . SER A 1 143 ? 8.296   6.907   5.974   1.00 17.27 ? 316  SER A OG  1 
ATOM   1086 N N   . ASP A 1 144 ? 6.635   4.148   9.039   1.00 17.20 ? 317  ASP A N   1 
ATOM   1087 C CA  . ASP A 1 144 ? 6.011   3.685   10.266  1.00 15.16 ? 317  ASP A CA  1 
ATOM   1088 C C   . ASP A 1 144 ? 6.846   2.601   10.946  1.00 14.57 ? 317  ASP A C   1 
ATOM   1089 O O   . ASP A 1 144 ? 6.951   2.573   12.180  1.00 19.85 ? 317  ASP A O   1 
ATOM   1090 C CB  . ASP A 1 144 ? 4.640   3.095   9.965   1.00 14.91 ? 317  ASP A CB  1 
ATOM   1091 C CG  . ASP A 1 144 ? 3.673   4.113   9.359   1.00 13.51 ? 317  ASP A CG  1 
ATOM   1092 O OD1 . ASP A 1 144 ? 3.620   5.227   9.890   1.00 14.08 ? 317  ASP A OD1 1 
ATOM   1093 O OD2 . ASP A 1 144 ? 2.983   3.801   8.355   1.00 14.56 ? 317  ASP A OD2 1 
ATOM   1094 N N   . ILE A 1 145 ? 7.423   1.712   10.146  1.00 15.57 ? 318  ILE A N   1 
ATOM   1095 C CA  . ILE A 1 145 ? 8.253   0.630   10.716  1.00 17.44 ? 318  ILE A CA  1 
ATOM   1096 C C   . ILE A 1 145 ? 9.545   1.210   11.292  1.00 19.05 ? 318  ILE A C   1 
ATOM   1097 O O   . ILE A 1 145 ? 9.948   0.863   12.396  1.00 22.76 ? 318  ILE A O   1 
ATOM   1098 C CB  . ILE A 1 145 ? 8.530   -0.449  9.681   1.00 20.71 ? 318  ILE A CB  1 
ATOM   1099 C CG1 . ILE A 1 145 ? 7.218   -1.185  9.361   1.00 22.51 ? 318  ILE A CG1 1 
ATOM   1100 C CG2 . ILE A 1 145 ? 9.630   -1.442  10.171  1.00 15.00 ? 318  ILE A CG2 1 
ATOM   1101 C CD1 . ILE A 1 145 ? 7.194   -1.741  7.989   1.00 23.92 ? 318  ILE A CD1 1 
ATOM   1102 N N   . LEU A 1 146 ? 10.183  2.113   10.568  1.00 18.56 ? 319  LEU A N   1 
ATOM   1103 C CA  . LEU A 1 146 ? 11.365  2.783   11.106  1.00 19.77 ? 319  LEU A CA  1 
ATOM   1104 C C   . LEU A 1 146 ? 11.100  3.509   12.422  1.00 21.30 ? 319  LEU A C   1 
ATOM   1105 O O   . LEU A 1 146 ? 11.875  3.362   13.352  1.00 25.04 ? 319  LEU A O   1 
ATOM   1106 C CB  . LEU A 1 146 ? 11.944  3.756   10.075  1.00 20.52 ? 319  LEU A CB  1 
ATOM   1107 C CG  . LEU A 1 146 ? 12.551  3.142   8.800   1.00 21.51 ? 319  LEU A CG  1 
ATOM   1108 C CD1 . LEU A 1 146 ? 13.418  4.151   8.070   1.00 26.94 ? 319  LEU A CD1 1 
ATOM   1109 C CD2 . LEU A 1 146 ? 13.363  1.927   9.109   1.00 21.87 ? 319  LEU A CD2 1 
ATOM   1110 N N   . GLN A 1 147 ? 10.014  4.278   12.494  1.00 22.83 ? 320  GLN A N   1 
ATOM   1111 C CA  . GLN A 1 147 ? 9.638   5.041   13.705  1.00 30.01 ? 320  GLN A CA  1 
ATOM   1112 C C   . GLN A 1 147 ? 9.623   4.166   14.938  1.00 30.81 ? 320  GLN A C   1 
ATOM   1113 O O   . GLN A 1 147 ? 10.062  4.580   16.014  1.00 34.13 ? 320  GLN A O   1 
ATOM   1114 C CB  . GLN A 1 147 ? 8.237   5.661   13.567  1.00 32.30 ? 320  GLN A CB  1 
ATOM   1115 C CG  . GLN A 1 147 ? 8.183   6.967   12.821  1.00 38.89 ? 320  GLN A CG  1 
ATOM   1116 C CD  . GLN A 1 147 ? 6.754   7.330   12.403  1.00 44.79 ? 320  GLN A CD  1 
ATOM   1117 O OE1 . GLN A 1 147 ? 5.785   6.991   13.097  1.00 50.11 ? 320  GLN A OE1 1 
ATOM   1118 N NE2 . GLN A 1 147 ? 6.620   8.010   11.260  1.00 48.97 ? 320  GLN A NE2 1 
ATOM   1119 N N   . ALA A 1 148 ? 9.085   2.966   14.772  1.00 29.21 ? 321  ALA A N   1 
ATOM   1120 C CA  . ALA A 1 148 ? 9.091   1.964   15.807  1.00 33.36 ? 321  ALA A CA  1 
ATOM   1121 C C   . ALA A 1 148 ? 10.511  1.503   16.137  1.00 35.99 ? 321  ALA A C   1 
ATOM   1122 O O   . ALA A 1 148 ? 10.936  1.548   17.304  1.00 34.30 ? 321  ALA A O   1 
ATOM   1123 C CB  . ALA A 1 148 ? 8.263   0.765   15.371  1.00 28.20 ? 321  ALA A CB  1 
ATOM   1124 N N   . LEU A 1 149 ? 11.213  1.024   15.104  1.00 35.91 ? 322  LEU A N   1 
ATOM   1125 C CA  . LEU A 1 149 ? 12.547  0.412   15.242  1.00 37.28 ? 322  LEU A CA  1 
ATOM   1126 C C   . LEU A 1 149 ? 13.532  1.220   16.076  1.00 39.74 ? 322  LEU A C   1 
ATOM   1127 O O   . LEU A 1 149 ? 14.542  0.671   16.516  1.00 42.19 ? 322  LEU A O   1 
ATOM   1128 C CB  . LEU A 1 149 ? 13.155  0.117   13.862  1.00 34.22 ? 322  LEU A CB  1 
ATOM   1129 C CG  . LEU A 1 149 ? 12.673  -1.151  13.158  1.00 32.94 ? 322  LEU A CG  1 
ATOM   1130 C CD1 . LEU A 1 149 ? 13.175  -1.216  11.705  1.00 30.55 ? 322  LEU A CD1 1 
ATOM   1131 C CD2 . LEU A 1 149 ? 13.095  -2.403  13.937  1.00 32.67 ? 322  LEU A CD2 1 
ATOM   1132 N N   . VAL A 1 150 ? 13.253  2.508   16.272  1.00 41.35 ? 323  VAL A N   1 
ATOM   1133 C CA  . VAL A 1 150 ? 14.132  3.388   17.032  1.00 44.31 ? 323  VAL A CA  1 
ATOM   1134 C C   . VAL A 1 150 ? 13.732  3.450   18.509  1.00 48.39 ? 323  VAL A C   1 
ATOM   1135 O O   . VAL A 1 150 ? 14.033  4.428   19.206  1.00 50.15 ? 323  VAL A O   1 
ATOM   1136 C CB  . VAL A 1 150 ? 14.164  4.808   16.427  1.00 44.44 ? 323  VAL A CB  1 
ATOM   1137 C CG1 . VAL A 1 150 ? 14.642  4.753   14.985  1.00 43.18 ? 323  VAL A CG1 1 
ATOM   1138 C CG2 . VAL A 1 150 ? 12.803  5.466   16.514  1.00 40.85 ? 323  VAL A CG2 1 
ATOM   1139 N N   . LEU A 1 151 ? 13.121  2.517   19.045  1.00 50.01 ? 324  LEU A N   1 
HETATM 1140 O O5  . AMZ B 2 .   ? -3.560  8.092   3.219   1.00 13.16 ? 1324 AMZ A O5  1 
HETATM 1141 C C6  . AMZ B 2 .   ? -2.746  7.343   2.756   1.00 15.47 ? 1324 AMZ A C6  1 
HETATM 1142 N N2  . AMZ B 2 .   ? -2.925  6.653   1.632   1.00 13.28 ? 1324 AMZ A N2  1 
HETATM 1143 C C3A . AMZ B 2 .   ? -1.496  7.170   3.429   1.00 17.94 ? 1324 AMZ A C3A 1 
HETATM 1144 C C7A . AMZ B 2 .   ? -1.149  7.691   4.670   1.00 16.74 ? 1324 AMZ A C7A 1 
HETATM 1145 N N3  . AMZ B 2 .   ? -1.865  8.445   5.536   1.00 15.68 ? 1324 AMZ A N3  1 
HETATM 1146 N N1  . AMZ B 2 .   ? -0.455  6.456   2.882   1.00 19.56 ? 1324 AMZ A N1  1 
HETATM 1147 C C5  . AMZ B 2 .   ? 0.509   6.539   3.798   1.00 20.30 ? 1324 AMZ A C5  1 
HETATM 1148 N N   . AMZ B 2 .   ? 0.131   7.253   4.902   1.00 15.38 ? 1324 AMZ A N   1 
HETATM 1149 C C1  . AMZ B 2 .   ? 0.963   7.546   6.050   1.00 16.90 ? 1324 AMZ A C1  1 
HETATM 1150 C C2  . AMZ B 2 .   ? 1.915   6.395   6.428   1.00 16.36 ? 1324 AMZ A C2  1 
HETATM 1151 C C3  . AMZ B 2 .   ? 3.024   7.190   7.160   1.00 16.45 ? 1324 AMZ A C3  1 
HETATM 1152 O O2  . AMZ B 2 .   ? 2.751   7.364   8.545   1.00 16.40 ? 1324 AMZ A O2  1 
HETATM 1153 O O1  . AMZ B 2 .   ? 1.269   5.441   7.266   1.00 12.93 ? 1324 AMZ A O1  1 
HETATM 1154 O O   . AMZ B 2 .   ? 1.834   8.629   5.665   1.00 19.19 ? 1324 AMZ A O   1 
HETATM 1155 C C   . AMZ B 2 .   ? 3.048   8.552   6.430   1.00 20.38 ? 1324 AMZ A C   1 
HETATM 1156 C C4  . AMZ B 2 .   ? 4.204   8.745   5.484   1.00 18.41 ? 1324 AMZ A C4  1 
HETATM 1157 O O3  . AMZ B 2 .   ? 4.258   7.562   4.663   1.00 19.68 ? 1324 AMZ A O3  1 
HETATM 1158 P P   . AMZ B 2 .   ? 5.342   7.435   3.527   1.00 23.10 ? 1324 AMZ A P   1 
HETATM 1159 O OP1 . AMZ B 2 .   ? 5.020   8.466   2.500   1.00 27.71 ? 1324 AMZ A OP1 1 
HETATM 1160 O O4  . AMZ B 2 .   ? 6.735   7.735   4.146   1.00 27.02 ? 1324 AMZ A O4  1 
HETATM 1161 O OP2 . AMZ B 2 .   ? 5.318   6.036   2.882   1.00 27.94 ? 1324 AMZ A OP2 1 
HETATM 1162 O O   . HOH C 3 .   ? 29.101  -1.652  18.410  1.00 54.95 ? 2001 HOH A O   1 
HETATM 1163 O O   . HOH C 3 .   ? 22.015  -2.001  17.120  1.00 23.48 ? 2002 HOH A O   1 
HETATM 1164 O O   . HOH C 3 .   ? 22.696  0.386   19.696  1.00 53.70 ? 2003 HOH A O   1 
HETATM 1165 O O   . HOH C 3 .   ? 9.805   5.577   2.035   1.00 28.67 ? 2004 HOH A O   1 
HETATM 1166 O O   . HOH C 3 .   ? 3.052   12.364  5.122   1.00 37.77 ? 2005 HOH A O   1 
HETATM 1167 O O   . HOH C 3 .   ? 22.762  1.526   21.946  1.00 43.11 ? 2006 HOH A O   1 
HETATM 1168 O O   . HOH C 3 .   ? 24.540  -0.743  22.431  1.00 38.51 ? 2007 HOH A O   1 
HETATM 1169 O O   . HOH C 3 .   ? 32.392  0.324   20.226  1.00 60.77 ? 2008 HOH A O   1 
HETATM 1170 O O   . HOH C 3 .   ? 18.937  -2.301  17.278  1.00 29.93 ? 2009 HOH A O   1 
HETATM 1171 O O   . HOH C 3 .   ? 19.735  -10.235 20.289  1.00 32.90 ? 2010 HOH A O   1 
HETATM 1172 O O   . HOH C 3 .   ? 20.212  -7.730  21.420  1.00 33.11 ? 2011 HOH A O   1 
HETATM 1173 O O   . HOH C 3 .   ? 19.661  -12.984 14.760  1.00 41.62 ? 2012 HOH A O   1 
HETATM 1174 O O   . HOH C 3 .   ? 19.130  -13.164 18.272  1.00 37.83 ? 2013 HOH A O   1 
HETATM 1175 O O   . HOH C 3 .   ? 20.154  -9.336  13.292  1.00 13.98 ? 2014 HOH A O   1 
HETATM 1176 O O   . HOH C 3 .   ? 19.374  -7.876  10.658  1.00 13.02 ? 2015 HOH A O   1 
HETATM 1177 O O   . HOH C 3 .   ? 16.932  -9.739  15.013  1.00 23.06 ? 2016 HOH A O   1 
HETATM 1178 O O   . HOH C 3 .   ? 15.338  -2.823  16.750  1.00 42.19 ? 2017 HOH A O   1 
HETATM 1179 O O   . HOH C 3 .   ? 11.943  -12.413 17.510  1.00 32.20 ? 2018 HOH A O   1 
HETATM 1180 O O   . HOH C 3 .   ? 11.720  -12.884 20.776  1.00 46.84 ? 2019 HOH A O   1 
HETATM 1181 O O   . HOH C 3 .   ? 10.988  -6.344  25.193  1.00 46.52 ? 2020 HOH A O   1 
HETATM 1182 O O   . HOH C 3 .   ? 10.767  -3.974  16.197  1.00 40.49 ? 2021 HOH A O   1 
HETATM 1183 O O   . HOH C 3 .   ? 5.349   -13.612 18.170  1.00 32.39 ? 2022 HOH A O   1 
HETATM 1184 O O   . HOH C 3 .   ? 9.830   -12.375 22.432  1.00 44.36 ? 2023 HOH A O   1 
HETATM 1185 O O   . HOH C 3 .   ? 6.240   -10.692 21.895  1.00 36.97 ? 2024 HOH A O   1 
HETATM 1186 O O   . HOH C 3 .   ? 4.152   -4.787  23.756  1.00 45.53 ? 2025 HOH A O   1 
HETATM 1187 O O   . HOH C 3 .   ? 4.881   -8.841  24.373  1.00 38.30 ? 2026 HOH A O   1 
HETATM 1188 O O   . HOH C 3 .   ? -1.798  -8.400  18.645  1.00 32.23 ? 2027 HOH A O   1 
HETATM 1189 O O   . HOH C 3 .   ? -2.287  -0.355  18.879  1.00 38.96 ? 2028 HOH A O   1 
HETATM 1190 O O   . HOH C 3 .   ? -8.406  -4.462  16.372  1.00 46.59 ? 2029 HOH A O   1 
HETATM 1191 O O   . HOH C 3 .   ? -5.984  -7.607  16.264  1.00 28.54 ? 2030 HOH A O   1 
HETATM 1192 O O   . HOH C 3 .   ? -3.934  -8.007  17.745  1.00 38.90 ? 2031 HOH A O   1 
HETATM 1193 O O   . HOH C 3 .   ? 3.256   -10.910 19.933  1.00 38.84 ? 2032 HOH A O   1 
HETATM 1194 O O   . HOH C 3 .   ? 4.990   -0.016  21.729  1.00 49.30 ? 2033 HOH A O   1 
HETATM 1195 O O   . HOH C 3 .   ? 0.340   -2.358  23.273  1.00 52.93 ? 2034 HOH A O   1 
HETATM 1196 O O   . HOH C 3 .   ? 6.145   1.716   18.455  1.00 33.85 ? 2035 HOH A O   1 
HETATM 1197 O O   . HOH C 3 .   ? 3.131   4.384   17.634  1.00 41.50 ? 2036 HOH A O   1 
HETATM 1198 O O   . HOH C 3 .   ? 3.513   3.943   20.795  1.00 50.53 ? 2037 HOH A O   1 
HETATM 1199 O O   . HOH C 3 .   ? 1.353   3.264   25.232  1.00 38.32 ? 2038 HOH A O   1 
HETATM 1200 O O   . HOH C 3 .   ? -2.725  4.350   23.815  1.00 39.37 ? 2039 HOH A O   1 
HETATM 1201 O O   . HOH C 3 .   ? -1.052  -0.305  14.989  1.00 37.52 ? 2040 HOH A O   1 
HETATM 1202 O O   . HOH C 3 .   ? -0.413  4.125   14.945  1.00 25.72 ? 2041 HOH A O   1 
HETATM 1203 O O   . HOH C 3 .   ? 1.023   7.304   11.541  1.00 32.37 ? 2042 HOH A O   1 
HETATM 1204 O O   . HOH C 3 .   ? -3.585  6.568   13.042  1.00 20.18 ? 2043 HOH A O   1 
HETATM 1205 O O   . HOH C 3 .   ? -3.685  10.535  9.131   1.00 29.53 ? 2044 HOH A O   1 
HETATM 1206 O O   . HOH C 3 .   ? -4.422  13.050  9.062   1.00 26.18 ? 2045 HOH A O   1 
HETATM 1207 O O   . HOH C 3 .   ? -5.043  12.203  4.480   1.00 21.05 ? 2046 HOH A O   1 
HETATM 1208 O O   . HOH C 3 .   ? -12.467 6.906   -2.941  1.00 22.26 ? 2047 HOH A O   1 
HETATM 1209 O O   . HOH C 3 .   ? -14.063 -1.729  -11.845 1.00 34.85 ? 2048 HOH A O   1 
HETATM 1210 O O   . HOH C 3 .   ? -15.000 6.930   -12.563 1.00 53.26 ? 2049 HOH A O   1 
HETATM 1211 O O   . HOH C 3 .   ? -14.977 6.552   -9.739  1.00 37.65 ? 2050 HOH A O   1 
HETATM 1212 O O   . HOH C 3 .   ? -13.180 8.438   -9.558  1.00 40.15 ? 2051 HOH A O   1 
HETATM 1213 O O   . HOH C 3 .   ? -3.920  20.129  -9.860  1.00 30.68 ? 2052 HOH A O   1 
HETATM 1214 O O   . HOH C 3 .   ? 0.597   22.075  -4.826  1.00 44.49 ? 2053 HOH A O   1 
HETATM 1215 O O   . HOH C 3 .   ? -2.540  19.807  0.737   1.00 29.22 ? 2054 HOH A O   1 
HETATM 1216 O O   . HOH C 3 .   ? -2.546  16.533  3.215   1.00 33.54 ? 2055 HOH A O   1 
HETATM 1217 O O   . HOH C 3 .   ? -0.725  11.766  3.263   1.00 30.46 ? 2056 HOH A O   1 
HETATM 1218 O O   . HOH C 3 .   ? 0.623   20.236  -2.488  1.00 47.44 ? 2057 HOH A O   1 
HETATM 1219 O O   . HOH C 3 .   ? 3.509   17.251  -4.145  1.00 46.26 ? 2058 HOH A O   1 
HETATM 1220 O O   . HOH C 3 .   ? 6.709   8.597   0.121   1.00 44.32 ? 2059 HOH A O   1 
HETATM 1221 O O   . HOH C 3 .   ? 1.464   6.489   0.794   1.00 25.86 ? 2060 HOH A O   1 
HETATM 1222 O O   . HOH C 3 .   ? -16.359 0.874   -3.451  1.00 39.80 ? 2061 HOH A O   1 
HETATM 1223 O O   . HOH C 3 .   ? -13.566 -6.976  -7.269  1.00 31.26 ? 2062 HOH A O   1 
HETATM 1224 O O   . HOH C 3 .   ? -15.340 -8.000  -4.024  1.00 37.49 ? 2063 HOH A O   1 
HETATM 1225 O O   . HOH C 3 .   ? -20.048 0.880   -4.243  1.00 49.90 ? 2064 HOH A O   1 
HETATM 1226 O O   . HOH C 3 .   ? -12.019 -0.357  1.931   1.00 24.33 ? 2065 HOH A O   1 
HETATM 1227 O O   . HOH C 3 .   ? -18.775 -7.340  1.237   1.00 40.15 ? 2066 HOH A O   1 
HETATM 1228 O O   . HOH C 3 .   ? -9.975  -8.050  -1.902  1.00 36.65 ? 2067 HOH A O   1 
HETATM 1229 O O   . HOH C 3 .   ? -6.178  -7.298  -8.287  1.00 28.08 ? 2068 HOH A O   1 
HETATM 1230 O O   . HOH C 3 .   ? -2.784  -5.942  -7.167  1.00 21.75 ? 2069 HOH A O   1 
HETATM 1231 O O   . HOH C 3 .   ? -4.802  -0.283  -9.613  1.00 17.05 ? 2070 HOH A O   1 
HETATM 1232 O O   . HOH C 3 .   ? 1.709   0.321   -5.881  1.00 23.22 ? 2071 HOH A O   1 
HETATM 1233 O O   . HOH C 3 .   ? -1.703  3.668   -14.505 1.00 29.14 ? 2072 HOH A O   1 
HETATM 1234 O O   . HOH C 3 .   ? 3.242   14.050  -2.614  1.00 36.86 ? 2073 HOH A O   1 
HETATM 1235 O O   . HOH C 3 .   ? 5.702   5.323   -5.433  1.00 39.34 ? 2074 HOH A O   1 
HETATM 1236 O O   . HOH C 3 .   ? 3.478   0.432   -7.720  1.00 38.94 ? 2075 HOH A O   1 
HETATM 1237 O O   . HOH C 3 .   ? 1.306   1.909   -14.059 1.00 22.53 ? 2076 HOH A O   1 
HETATM 1238 O O   . HOH C 3 .   ? 18.437  -0.549  19.422  1.00 48.73 ? 2077 HOH A O   1 
HETATM 1239 O O   . HOH C 3 .   ? 17.978  -10.981 22.288  1.00 36.43 ? 2078 HOH A O   1 
HETATM 1240 O O   . HOH C 3 .   ? 16.858  -13.646 17.362  1.00 62.85 ? 2079 HOH A O   1 
HETATM 1241 O O   . HOH C 3 .   ? 14.563  -11.283 15.247  1.00 31.08 ? 2080 HOH A O   1 
HETATM 1242 O O   . HOH C 3 .   ? 5.327   -1.859  -11.867 1.00 36.45 ? 2081 HOH A O   1 
HETATM 1243 O O   . HOH C 3 .   ? 3.035   0.197   -12.795 1.00 29.39 ? 2082 HOH A O   1 
HETATM 1244 O O   . HOH C 3 .   ? 6.382   1.490   -18.626 1.00 21.88 ? 2083 HOH A O   1 
HETATM 1245 O O   . HOH C 3 .   ? 7.277   -1.150  -17.199 1.00 50.94 ? 2084 HOH A O   1 
HETATM 1246 O O   . HOH C 3 .   ? 12.540  -1.767  18.405  1.00 43.71 ? 2085 HOH A O   1 
HETATM 1247 O O   . HOH C 3 .   ? 9.738   -15.620 19.874  1.00 43.84 ? 2086 HOH A O   1 
HETATM 1248 O O   . HOH C 3 .   ? 9.885   -4.374  14.248  1.00 37.56 ? 2087 HOH A O   1 
HETATM 1249 O O   . HOH C 3 .   ? 9.591   -2.189  15.933  1.00 38.15 ? 2088 HOH A O   1 
HETATM 1250 O O   . HOH C 3 .   ? 2.765   -14.735 17.206  1.00 40.73 ? 2089 HOH A O   1 
HETATM 1251 O O   . HOH C 3 .   ? 3.428   -12.358 22.095  1.00 59.60 ? 2090 HOH A O   1 
HETATM 1252 O O   . HOH C 3 .   ? 6.152   -2.613  23.046  1.00 52.09 ? 2091 HOH A O   1 
HETATM 1253 O O   . HOH C 3 .   ? -2.862  -6.406  20.484  1.00 53.19 ? 2092 HOH A O   1 
HETATM 1254 O O   . HOH C 3 .   ? 9.184   6.218   -22.917 1.00 32.73 ? 2093 HOH A O   1 
HETATM 1255 O O   . HOH C 3 .   ? 9.213   1.817   -21.126 1.00 38.67 ? 2094 HOH A O   1 
HETATM 1256 O O   . HOH C 3 .   ? 9.859   3.785   -22.660 1.00 42.84 ? 2095 HOH A O   1 
HETATM 1257 O O   . HOH C 3 .   ? -3.491  0.139   16.217  1.00 40.36 ? 2096 HOH A O   1 
HETATM 1258 O O   . HOH C 3 .   ? 3.181   6.616   -23.901 1.00 10.54 ? 2097 HOH A O   1 
HETATM 1259 O O   . HOH C 3 .   ? 1.321   -0.385  -22.342 1.00 21.04 ? 2098 HOH A O   1 
HETATM 1260 O O   . HOH C 3 .   ? 4.958   8.218   -23.867 1.00 32.69 ? 2099 HOH A O   1 
HETATM 1261 O O   . HOH C 3 .   ? 2.723   -0.886  25.490  1.00 49.27 ? 2100 HOH A O   1 
HETATM 1262 O O   . HOH C 3 .   ? 5.817   3.687   17.021  1.00 43.24 ? 2101 HOH A O   1 
HETATM 1263 O O   . HOH C 3 .   ? 2.310   6.605   14.975  1.00 49.26 ? 2102 HOH A O   1 
HETATM 1264 O O   . HOH C 3 .   ? 5.488   4.095   24.146  1.00 55.47 ? 2103 HOH A O   1 
HETATM 1265 O O   . HOH C 3 .   ? 2.886   4.887   -29.741 1.00 33.49 ? 2104 HOH A O   1 
HETATM 1266 O O   . HOH C 3 .   ? 6.911   0.698   -23.254 1.00 30.85 ? 2105 HOH A O   1 
HETATM 1267 O O   . HOH C 3 .   ? 4.499   6.949   -26.664 1.00 46.53 ? 2106 HOH A O   1 
HETATM 1268 O O   . HOH C 3 .   ? 13.790  3.069   -23.620 1.00 46.37 ? 2107 HOH A O   1 
HETATM 1269 O O   . HOH C 3 .   ? 5.477   2.978   -30.265 1.00 34.19 ? 2108 HOH A O   1 
HETATM 1270 O O   . HOH C 3 .   ? -2.340  3.020   16.251  1.00 43.92 ? 2109 HOH A O   1 
HETATM 1271 O O   . HOH C 3 .   ? -0.279  9.892   11.690  1.00 48.97 ? 2110 HOH A O   1 
HETATM 1272 O O   . HOH C 3 .   ? -3.136  9.832   11.782  1.00 38.85 ? 2111 HOH A O   1 
HETATM 1273 O O   . HOH C 3 .   ? -5.859  6.960   14.850  1.00 45.15 ? 2112 HOH A O   1 
HETATM 1274 O O   . HOH C 3 .   ? 4.177   0.291   -24.734 1.00 30.15 ? 2113 HOH A O   1 
HETATM 1275 O O   . HOH C 3 .   ? -0.916  1.747   -23.727 1.00 23.16 ? 2114 HOH A O   1 
HETATM 1276 O O   . HOH C 3 .   ? -5.784  11.427  -26.309 1.00 27.16 ? 2115 HOH A O   1 
HETATM 1277 O O   . HOH C 3 .   ? -5.348  10.177  -30.193 1.00 41.10 ? 2116 HOH A O   1 
HETATM 1278 O O   . HOH C 3 .   ? -2.278  2.556   -26.458 1.00 20.79 ? 2117 HOH A O   1 
HETATM 1279 O O   . HOH C 3 .   ? -17.352 7.186   -11.387 1.00 40.93 ? 2118 HOH A O   1 
HETATM 1280 O O   . HOH C 3 .   ? -14.679 9.567   -13.375 1.00 34.52 ? 2119 HOH A O   1 
HETATM 1281 O O   . HOH C 3 .   ? -13.842 10.766  -11.292 1.00 35.16 ? 2120 HOH A O   1 
HETATM 1282 O O   . HOH C 3 .   ? -9.730  8.089   -23.997 1.00 35.95 ? 2121 HOH A O   1 
HETATM 1283 O O   . HOH C 3 .   ? -13.297 10.136  -17.155 1.00 31.14 ? 2122 HOH A O   1 
HETATM 1284 O O   . HOH C 3 .   ? -11.159 7.364   -22.068 1.00 43.57 ? 2123 HOH A O   1 
HETATM 1285 O O   . HOH C 3 .   ? -10.189 2.312   -18.214 1.00 22.80 ? 2124 HOH A O   1 
HETATM 1286 O O   . HOH C 3 .   ? -12.264 1.092   -15.064 1.00 53.25 ? 2125 HOH A O   1 
HETATM 1287 O O   . HOH C 3 .   ? -11.603 5.455   -15.137 1.00 30.47 ? 2126 HOH A O   1 
HETATM 1288 O O   . HOH C 3 .   ? -1.128  12.938  5.959   1.00 32.21 ? 2127 HOH A O   1 
HETATM 1289 O O   . HOH C 3 .   ? -0.391  2.022   -15.781 1.00 32.90 ? 2128 HOH A O   1 
HETATM 1290 O O   . HOH C 3 .   ? -2.613  -7.906  -12.398 1.00 15.20 ? 2129 HOH A O   1 
HETATM 1291 O O   . HOH C 3 .   ? 3.537   -7.535  -16.774 1.00 25.73 ? 2130 HOH A O   1 
HETATM 1292 O O   . HOH C 3 .   ? 4.091   -1.204  -21.571 1.00 28.74 ? 2131 HOH A O   1 
HETATM 1293 O O   . HOH C 3 .   ? 4.689   -4.891  -18.333 1.00 32.11 ? 2132 HOH A O   1 
HETATM 1294 O O   . HOH C 3 .   ? 6.741   -5.788  -15.122 1.00 39.91 ? 2133 HOH A O   1 
HETATM 1295 O O   . HOH C 3 .   ? 5.963   -0.224  -20.653 1.00 32.07 ? 2134 HOH A O   1 
HETATM 1296 O O   . HOH C 3 .   ? 6.711   -2.941  -19.523 1.00 45.84 ? 2135 HOH A O   1 
HETATM 1297 O O   . HOH C 3 .   ? 10.069  -0.563  -18.906 1.00 54.89 ? 2136 HOH A O   1 
HETATM 1298 O O   . HOH C 3 .   ? 11.445  -17.038 18.121  1.00 54.29 ? 2137 HOH A O   1 
HETATM 1299 O O   . HOH C 3 .   ? -5.511  -5.131  21.413  1.00 59.73 ? 2138 HOH A O   1 
HETATM 1300 O O   . HOH C 3 .   ? -3.971  -8.071  -9.771  1.00 22.71 ? 2139 HOH A O   1 
HETATM 1301 O O   . HOH C 3 .   ? 2.257   7.126   -29.872 1.00 38.72 ? 2140 HOH A O   1 
HETATM 1302 O O   . HOH C 3 .   ? 8.504   1.771   -30.443 1.00 29.26 ? 2141 HOH A O   1 
HETATM 1303 O O   . HOH C 3 .   ? 5.581   -0.294  -27.498 1.00 33.87 ? 2142 HOH A O   1 
HETATM 1304 O O   . HOH C 3 .   ? 6.533   5.973   17.455  1.00 40.87 ? 2143 HOH A O   1 
HETATM 1305 O O   . HOH C 3 .   ? 2.803   8.772   16.799  1.00 57.70 ? 2144 HOH A O   1 
HETATM 1306 O O   . HOH C 3 .   ? -5.183  4.223   16.110  1.00 50.88 ? 2145 HOH A O   1 
HETATM 1307 O O   . HOH C 3 .   ? 0.866   10.543  14.420  1.00 52.75 ? 2146 HOH A O   1 
HETATM 1308 O O   . HOH C 3 .   ? 2.851   -1.557  -3.191  1.00 26.96 ? 2147 HOH A O   1 
HETATM 1309 O O   . HOH C 3 .   ? -7.462  11.955  -29.701 1.00 52.70 ? 2148 HOH A O   1 
HETATM 1310 O O   . HOH C 3 .   ? -7.357  9.290   -28.028 1.00 43.29 ? 2149 HOH A O   1 
HETATM 1311 O O   . HOH C 3 .   ? -18.283 4.734   -12.415 1.00 54.15 ? 2150 HOH A O   1 
HETATM 1312 O O   . HOH C 3 .   ? -20.747 5.338   -12.104 1.00 59.27 ? 2151 HOH A O   1 
HETATM 1313 O O   . HOH C 3 .   ? -10.044 -11.851 -1.758  1.00 53.87 ? 2152 HOH A O   1 
HETATM 1314 O O   . HOH C 3 .   ? -3.187  -10.392 -1.382  1.00 24.41 ? 2153 HOH A O   1 
HETATM 1315 O O   . HOH C 3 .   ? -10.402 -9.729  -5.828  1.00 46.73 ? 2154 HOH A O   1 
HETATM 1316 O O   . HOH C 3 .   ? -9.712  2.285   -21.202 1.00 35.44 ? 2155 HOH A O   1 
HETATM 1317 O O   . HOH C 3 .   ? 1.960   14.415  4.741   1.00 40.37 ? 2156 HOH A O   1 
HETATM 1318 O O   . HOH C 3 .   ? -15.014 8.734   -24.361 1.00 90.57 ? 2157 HOH A O   1 
HETATM 1319 O O   . HOH C 3 .   ? 5.030   -12.984 -3.141  1.00 36.57 ? 2158 HOH A O   1 
HETATM 1320 O O   . HOH C 3 .   ? 6.556   -11.086 -4.700  1.00 34.12 ? 2159 HOH A O   1 
HETATM 1321 O O   . HOH C 3 .   ? 4.273   -7.021  -6.460  1.00 34.56 ? 2160 HOH A O   1 
HETATM 1322 O O   . HOH C 3 .   ? 7.067   -10.372 -9.334  1.00 45.33 ? 2161 HOH A O   1 
HETATM 1323 O O   . HOH C 3 .   ? 7.614   -8.407  -7.168  1.00 46.72 ? 2162 HOH A O   1 
HETATM 1324 O O   . HOH C 3 .   ? 3.325   -9.099  -10.086 1.00 22.45 ? 2163 HOH A O   1 
HETATM 1325 O O   . HOH C 3 .   ? 4.688   -3.553  -22.303 1.00 42.99 ? 2164 HOH A O   1 
HETATM 1326 O O   . HOH C 3 .   ? 3.409   -12.694 1.989   1.00 37.83 ? 2165 HOH A O   1 
HETATM 1327 O O   . HOH C 3 .   ? 1.965   -3.333  -1.420  1.00 19.72 ? 2166 HOH A O   1 
HETATM 1328 O O   . HOH C 3 .   ? 8.907   -0.011  -28.773 1.00 43.09 ? 2167 HOH A O   1 
HETATM 1329 O O   . HOH C 3 .   ? -10.685 -15.352 -0.928  1.00 41.22 ? 2168 HOH A O   1 
HETATM 1330 O O   . HOH C 3 .   ? 1.228   17.260  6.836   1.00 51.83 ? 2169 HOH A O   1 
HETATM 1331 O O   . HOH C 3 .   ? -1.538  -9.358  0.361   1.00 13.10 ? 2170 HOH A O   1 
HETATM 1332 O O   . HOH C 3 .   ? -1.113  -10.783 2.659   1.00 29.64 ? 2171 HOH A O   1 
HETATM 1333 O O   . HOH C 3 .   ? -4.224  -9.451  5.312   1.00 28.48 ? 2172 HOH A O   1 
HETATM 1334 O O   . HOH C 3 .   ? -11.580 -17.902 -1.215  1.00 44.86 ? 2173 HOH A O   1 
HETATM 1335 O O   . HOH C 3 .   ? -5.877  -10.936 3.700   1.00 40.18 ? 2174 HOH A O   1 
HETATM 1336 O O   . HOH C 3 .   ? -8.629  -14.065 4.358   1.00 40.68 ? 2175 HOH A O   1 
HETATM 1337 O O   . HOH C 3 .   ? -5.745  -14.306 5.274   1.00 40.86 ? 2176 HOH A O   1 
HETATM 1338 O O   . HOH C 3 .   ? -2.931  -17.274 10.419  1.00 40.64 ? 2177 HOH A O   1 
HETATM 1339 O O   . HOH C 3 .   ? 2.099   -15.128 7.428   1.00 40.99 ? 2178 HOH A O   1 
HETATM 1340 O O   . HOH C 3 .   ? -1.378  -14.787 11.235  1.00 46.43 ? 2179 HOH A O   1 
HETATM 1341 O O   . HOH C 3 .   ? -3.633  -14.219 9.564   1.00 36.32 ? 2180 HOH A O   1 
HETATM 1342 O O   . HOH C 3 .   ? -5.945  -8.389  13.823  1.00 14.32 ? 2181 HOH A O   1 
HETATM 1343 O O   . HOH C 3 .   ? -0.881  -11.096 17.518  1.00 32.73 ? 2182 HOH A O   1 
HETATM 1344 O O   . HOH C 3 .   ? 0.545   -13.197 14.767  1.00 31.96 ? 2183 HOH A O   1 
HETATM 1345 O O   . HOH C 3 .   ? 2.308   -19.608 -1.509  1.00 64.36 ? 2184 HOH A O   1 
HETATM 1346 O O   . HOH C 3 .   ? 7.668   -20.508 -3.089  1.00 55.59 ? 2185 HOH A O   1 
HETATM 1347 O O   . HOH C 3 .   ? 0.972   -13.770 10.145  1.00 24.19 ? 2186 HOH A O   1 
HETATM 1348 O O   . HOH C 3 .   ? 12.481  -12.429 0.127   1.00 39.77 ? 2187 HOH A O   1 
HETATM 1349 O O   . HOH C 3 .   ? 10.386  -13.813 3.172   1.00 45.63 ? 2188 HOH A O   1 
HETATM 1350 O O   . HOH C 3 .   ? 6.134   -17.271 5.876   1.00 50.40 ? 2189 HOH A O   1 
HETATM 1351 O O   . HOH C 3 .   ? 6.554   -14.125 13.509  1.00 22.63 ? 2190 HOH A O   1 
HETATM 1352 O O   . HOH C 3 .   ? 1.363   -16.163 -1.688  1.00 33.40 ? 2191 HOH A O   1 
HETATM 1353 O O   . HOH C 3 .   ? 6.768   -17.498 1.360   1.00 64.29 ? 2192 HOH A O   1 
HETATM 1354 O O   . HOH C 3 .   ? 4.348   -18.165 -2.349  1.00 39.85 ? 2193 HOH A O   1 
HETATM 1355 O O   . HOH C 3 .   ? 1.544   -16.020 1.129   1.00 57.42 ? 2194 HOH A O   1 
HETATM 1356 O O   . HOH C 3 .   ? 13.113  -11.672 13.219  1.00 30.27 ? 2195 HOH A O   1 
HETATM 1357 O O   . HOH C 3 .   ? 10.266  -13.243 15.631  1.00 40.74 ? 2196 HOH A O   1 
HETATM 1358 O O   . HOH C 3 .   ? 9.793   -16.978 13.633  1.00 46.32 ? 2197 HOH A O   1 
HETATM 1359 O O   . HOH C 3 .   ? 14.276  -15.322 12.247  1.00 53.15 ? 2198 HOH A O   1 
HETATM 1360 O O   . HOH C 3 .   ? 5.983   -12.720 5.664   1.00 18.78 ? 2199 HOH A O   1 
HETATM 1361 O O   . HOH C 3 .   ? 2.727   -13.025 11.924  1.00 17.74 ? 2200 HOH A O   1 
HETATM 1362 O O   . HOH C 3 .   ? 7.677   -14.225 7.194   1.00 26.27 ? 2201 HOH A O   1 
HETATM 1363 O O   . HOH C 3 .   ? 12.264  -14.221 9.097   1.00 38.80 ? 2202 HOH A O   1 
HETATM 1364 O O   . HOH C 3 .   ? 12.670  -11.601 4.250   1.00 61.23 ? 2203 HOH A O   1 
HETATM 1365 O O   . HOH C 3 .   ? 11.211  -11.818 2.229   1.00 26.29 ? 2204 HOH A O   1 
HETATM 1366 O O   . HOH C 3 .   ? -6.288  0.425   14.826  1.00 29.00 ? 2205 HOH A O   1 
HETATM 1367 O O   . HOH C 3 .   ? -14.948 -0.350  16.487  0.50 34.55 ? 2206 HOH A O   1 
HETATM 1368 O O   . HOH C 3 .   ? -2.302  -11.130 5.334   1.00 48.08 ? 2207 HOH A O   1 
HETATM 1369 O O   . HOH C 3 .   ? 3.499   -13.880 5.292   1.00 22.01 ? 2208 HOH A O   1 
HETATM 1370 O O   . HOH C 3 .   ? 14.348  -7.454  -2.162  1.00 57.02 ? 2209 HOH A O   1 
HETATM 1371 O O   . HOH C 3 .   ? 10.517  5.727   20.026  1.00 47.90 ? 2210 HOH A O   1 
HETATM 1372 O O   . HOH C 3 .   ? 11.461  -12.596 -3.438  1.00 39.74 ? 2211 HOH A O   1 
HETATM 1373 O O   . HOH C 3 .   ? 11.549  -9.156  -5.218  1.00 38.13 ? 2212 HOH A O   1 
HETATM 1374 O O   . HOH C 3 .   ? 3.923   -16.334 -0.306  1.00 46.48 ? 2213 HOH A O   1 
HETATM 1375 O O   . HOH C 3 .   ? 11.207  3.494   23.803  1.00 56.56 ? 2214 HOH A O   1 
HETATM 1376 O O   . HOH C 3 .   ? 7.682   -5.482  -6.844  1.00 54.66 ? 2215 HOH A O   1 
HETATM 1377 O O   . HOH C 3 .   ? 13.110  0.235   -3.328  1.00 28.08 ? 2216 HOH A O   1 
HETATM 1378 O O   . HOH C 3 .   ? 9.258   -0.305  -4.851  1.00 33.63 ? 2217 HOH A O   1 
HETATM 1379 O O   . HOH C 3 .   ? 16.949  -2.389  -3.908  1.00 31.93 ? 2218 HOH A O   1 
HETATM 1380 O O   . HOH C 3 .   ? 5.932   -0.283  -3.186  1.00 29.38 ? 2219 HOH A O   1 
HETATM 1381 O O   . HOH C 3 .   ? 6.564   4.270   -3.439  1.00 39.86 ? 2220 HOH A O   1 
HETATM 1382 O O   . HOH C 3 .   ? -13.403 -2.796  9.467   1.00 36.18 ? 2221 HOH A O   1 
HETATM 1383 O O   . HOH C 3 .   ? -16.052 -4.483  6.618   1.00 24.39 ? 2222 HOH A O   1 
HETATM 1384 O O   . HOH C 3 .   ? -15.137 -5.500  10.550  1.00 29.64 ? 2223 HOH A O   1 
HETATM 1385 O O   . HOH C 3 .   ? -11.296 -12.682 5.860   1.00 35.45 ? 2224 HOH A O   1 
HETATM 1386 O O   . HOH C 3 .   ? -13.123 -11.882 3.011   1.00 55.18 ? 2225 HOH A O   1 
HETATM 1387 O O   . HOH C 3 .   ? -17.170 -9.683  11.607  1.00 11.84 ? 2226 HOH A O   1 
HETATM 1388 O O   . HOH C 3 .   ? -12.224 -6.254  12.270  0.50 22.14 ? 2227 HOH A O   1 
HETATM 1389 O O   . HOH C 3 .   ? -15.239 -10.464 2.459   1.00 35.59 ? 2228 HOH A O   1 
HETATM 1390 O O   . HOH C 3 .   ? -9.248  -10.415 5.143   1.00 20.96 ? 2229 HOH A O   1 
HETATM 1391 O O   . HOH C 3 .   ? -13.080 -10.640 0.817   1.00 54.43 ? 2230 HOH A O   1 
HETATM 1392 O O   . HOH C 3 .   ? -12.216 0.004   8.504   1.00 32.96 ? 2231 HOH A O   1 
HETATM 1393 O O   . HOH C 3 .   ? -13.509 1.181   5.901   1.00 40.35 ? 2232 HOH A O   1 
HETATM 1394 O O   . HOH C 3 .   ? -12.131 -2.176  15.231  1.00 42.23 ? 2233 HOH A O   1 
HETATM 1395 O O   . HOH C 3 .   ? -8.038  0.047   13.207  1.00 38.59 ? 2234 HOH A O   1 
HETATM 1396 O O   . HOH C 3 .   ? -11.193 -0.012  11.377  1.00 38.37 ? 2235 HOH A O   1 
HETATM 1397 O O   . HOH C 3 .   ? -12.159 -3.432  11.854  1.00 42.03 ? 2236 HOH A O   1 
HETATM 1398 O O   . HOH C 3 .   ? -9.123  2.406   11.132  1.00 36.51 ? 2237 HOH A O   1 
HETATM 1399 O O   . HOH C 3 .   ? -9.368  -2.595  15.202  1.00 45.23 ? 2238 HOH A O   1 
HETATM 1400 O O   . HOH C 3 .   ? 10.319  7.054   9.681   1.00 27.46 ? 2239 HOH A O   1 
HETATM 1401 O O   . HOH C 3 .   ? 5.325   3.627   14.302  1.00 41.69 ? 2240 HOH A O   1 
HETATM 1402 O O   . HOH C 3 .   ? 3.118   4.676   12.730  1.00 21.46 ? 2241 HOH A O   1 
HETATM 1403 O O   . HOH C 3 .   ? 5.496   9.331   8.837   1.00 45.88 ? 2242 HOH A O   1 
HETATM 1404 O O   . HOH C 3 .   ? 10.536  6.905   16.946  1.00 45.06 ? 2243 HOH A O   1 
HETATM 1405 O O   . HOH C 3 .   ? 8.479   0.346   18.997  1.00 34.87 ? 2244 HOH A O   1 
HETATM 1406 O O   . HOH C 3 .   ? 10.721  -0.951  16.911  1.00 32.74 ? 2245 HOH A O   1 
HETATM 1407 O O   . HOH C 3 .   ? 11.127  3.483   20.727  1.00 40.51 ? 2246 HOH A O   1 
HETATM 1408 O O   . HOH C 3 .   ? 13.448  0.050   20.434  1.00 43.04 ? 2247 HOH A O   1 
HETATM 1409 O O   . HOH C 3 .   ? 11.248  0.974   19.981  1.00 56.54 ? 2248 HOH A O   1 
HETATM 1410 O O   . HOH C 3 .   ? 1.431   10.550  3.748   1.00 24.01 ? 2249 HOH A O   1 
HETATM 1411 O O   . HOH C 3 .   ? 3.180   4.881   1.691   1.00 22.34 ? 2250 HOH A O   1 
HETATM 1412 O O   . HOH C 3 .   ? 7.521   4.543   3.453   1.00 26.07 ? 2251 HOH A O   1 
HETATM 1413 O O   . HOH C 3 .   ? 2.379   9.000   2.020   1.00 28.24 ? 2252 HOH A O   1 
HETATM 1414 O O   . HOH C 3 .   ? -0.894  10.365  7.479   1.00 23.56 ? 2253 HOH A O   1 
HETATM 1415 O O   . HOH C 3 .   ? 7.292   10.246  5.437   1.00 39.92 ? 2254 HOH A O   1 
HETATM 1416 O O   . HOH C 3 .   ? 0.894   9.762   9.273   1.00 29.39 ? 2255 HOH A O   1 
HETATM 1417 O O   . HOH C 3 .   ? 9.167   7.827   2.748   1.00 43.36 ? 2256 HOH A O   1 
HETATM 1418 O O   . HOH C 3 .   ? -3.148  10.859  3.020   1.00 19.93 ? 2257 HOH A O   1 
HETATM 1419 O O   . HOH C 3 .   ? 6.620   6.143   0.587   1.00 39.32 ? 2258 HOH A O   1 
# 
